data_3JCI
# 
_entry.id   3JCI 
# 
_audit_conform.dict_name       mmcif_pdbx.dic 
_audit_conform.dict_version    5.404 
_audit_conform.dict_location   http://mmcif.pdb.org/dictionaries/ascii/mmcif_pdbx.dic 
# 
loop_
_database_2.database_id 
_database_2.database_code 
_database_2.pdbx_database_accession 
_database_2.pdbx_DOI 
RCSB  RCSB160528   ?            ?                   
PDB   3JCI         pdb_00003jci 10.2210/pdb3jci/pdb 
WWPDB D_1000160528 ?            ?                   
# 
loop_
_pdbx_audit_revision_history.ordinal 
_pdbx_audit_revision_history.data_content_type 
_pdbx_audit_revision_history.major_revision 
_pdbx_audit_revision_history.minor_revision 
_pdbx_audit_revision_history.revision_date 
_pdbx_audit_revision_history.part_number 
1 'Structure model' 1 0 2016-02-03 ? 
2 'Structure model' 1 1 2016-02-17 ? 
3 'Structure model' 1 2 2018-07-18 ? 
4 'Structure model' 1 3 2019-12-18 ? 
5 'Structure model' 1 4 2024-02-21 ? 
6 'Structure model' 1 5 2025-06-11 ? 
# 
_pdbx_audit_revision_details.ordinal             1 
_pdbx_audit_revision_details.revision_ordinal    1 
_pdbx_audit_revision_details.data_content_type   'Structure model' 
_pdbx_audit_revision_details.provider            repository 
_pdbx_audit_revision_details.type                'Initial release' 
_pdbx_audit_revision_details.description         ? 
_pdbx_audit_revision_details.details             ? 
# 
loop_
_pdbx_audit_revision_group.ordinal 
_pdbx_audit_revision_group.revision_ordinal 
_pdbx_audit_revision_group.data_content_type 
_pdbx_audit_revision_group.group 
1 2 'Structure model' 'Database references'  
2 3 'Structure model' 'Data collection'      
3 4 'Structure model' Other                  
4 5 'Structure model' 'Data collection'      
5 5 'Structure model' 'Database references'  
6 5 'Structure model' 'Derived calculations' 
7 6 'Structure model' 'Data collection'      
8 6 'Structure model' 'Structure summary'    
# 
loop_
_pdbx_audit_revision_category.ordinal 
_pdbx_audit_revision_category.revision_ordinal 
_pdbx_audit_revision_category.data_content_type 
_pdbx_audit_revision_category.category 
1 3 'Structure model' em_software           
2 4 'Structure model' atom_sites            
3 5 'Structure model' chem_comp_atom        
4 5 'Structure model' chem_comp_bond        
5 5 'Structure model' database_2            
6 5 'Structure model' pdbx_struct_oper_list 
7 6 'Structure model' em_software           
8 6 'Structure model' pdbx_entry_details    
# 
loop_
_pdbx_audit_revision_item.ordinal 
_pdbx_audit_revision_item.revision_ordinal 
_pdbx_audit_revision_item.data_content_type 
_pdbx_audit_revision_item.item 
1  3 'Structure model' '_em_software.image_processing_id'          
2  3 'Structure model' '_em_software.name'                         
3  4 'Structure model' '_atom_sites.fract_transf_matrix[1][1]'     
4  4 'Structure model' '_atom_sites.fract_transf_matrix[2][2]'     
5  4 'Structure model' '_atom_sites.fract_transf_matrix[3][3]'     
6  5 'Structure model' '_database_2.pdbx_DOI'                      
7  5 'Structure model' '_database_2.pdbx_database_accession'       
8  5 'Structure model' '_pdbx_struct_oper_list.name'               
9  5 'Structure model' '_pdbx_struct_oper_list.symmetry_operation' 
10 5 'Structure model' '_pdbx_struct_oper_list.type'               
# 
_pdbx_database_status.status_code                     REL 
_pdbx_database_status.entry_id                        3JCI 
_pdbx_database_status.recvd_initial_deposition_date   2015-12-13 
_pdbx_database_status.deposit_site                    RCSB 
_pdbx_database_status.process_site                    RCSB 
_pdbx_database_status.status_code_sf                  ? 
_pdbx_database_status.status_code_mr                  ? 
_pdbx_database_status.SG_entry                        ? 
_pdbx_database_status.status_code_cs                  ? 
_pdbx_database_status.methods_development_category    ? 
_pdbx_database_status.pdb_format_compatible           Y 
_pdbx_database_status.status_code_nmr_data            ? 
# 
_pdbx_database_related.db_name        EMDB 
_pdbx_database_related.db_id          EMD-6555 
_pdbx_database_related.content_type   'associated EM volume' 
_pdbx_database_related.details        . 
# 
loop_
_audit_author.name 
_audit_author.pdbx_ordinal 
'Liu, Z.'   1 
'Guo, F.'   2 
'Wang, F.'  3 
'Li, T.C.'  4 
'Jiang, W.' 5 
# 
_citation.id                        primary 
_citation.title                     '2.9 angstrom Resolution Cryo-EM 3D Reconstruction of Close-Packed Virus Particles.' 
_citation.journal_abbrev            Structure 
_citation.journal_volume            24 
_citation.page_first                319 
_citation.page_last                 328 
_citation.year                      2016 
_citation.journal_id_ASTM           STRUE6 
_citation.country                   UK 
_citation.journal_id_ISSN           0969-2126 
_citation.journal_id_CSD            2005 
_citation.book_publisher            ? 
_citation.pdbx_database_id_PubMed   26777413 
_citation.pdbx_database_id_DOI      10.1016/j.str.2015.12.006 
# 
loop_
_citation_author.citation_id 
_citation_author.name 
_citation_author.ordinal 
_citation_author.identifier_ORCID 
primary 'Liu, Z.'   1 ? 
primary 'Guo, F.'   2 ? 
primary 'Wang, F.'  3 ? 
primary 'Li, T.C.'  4 ? 
primary 'Jiang, W.' 5 ? 
# 
_entity.id                         1 
_entity.type                       polymer 
_entity.src_method                 nat 
_entity.pdbx_description           'Capsid protein' 
_entity.formula_weight             21999.758 
_entity.pdbx_number_of_molecules   1 
_entity.pdbx_ec                    ? 
_entity.pdbx_mutation              ? 
_entity.pdbx_fragment              'UNP residues 42-231' 
_entity.details                    ? 
# 
_entity_poly.entity_id                      1 
_entity_poly.type                           'polypeptide(L)' 
_entity_poly.nstd_linkage                   no 
_entity_poly.nstd_monomer                   no 
_entity_poly.pdbx_seq_one_letter_code       
;NGIFNTRLSRTFGYTVKATTVRTPSWAVDMMRFNINDFVPPGGGTNKISIPFEYYRIRKVKVEFWPCSPITQGDRGVGST
AVILDDNFVTKATALTYDPYVNYSSRHTIPQPFSYHSRYFTPKPVLDSTIDYFQPNNKRNQLWLRLQTSANVDHVGLGTA
FENSKYDQDYNIRVTMYVQFREFNLKDPPL
;
_entity_poly.pdbx_seq_one_letter_code_can   
;NGIFNTRLSRTFGYTVKATTVRTPSWAVDMMRFNINDFVPPGGGTNKISIPFEYYRIRKVKVEFWPCSPITQGDRGVGST
AVILDDNFVTKATALTYDPYVNYSSRHTIPQPFSYHSRYFTPKPVLDSTIDYFQPNNKRNQLWLRLQTSANVDHVGLGTA
FENSKYDQDYNIRVTMYVQFREFNLKDPPL
;
_entity_poly.pdbx_strand_id                 A 
_entity_poly.pdbx_target_identifier         ? 
# 
loop_
_entity_poly_seq.entity_id 
_entity_poly_seq.num 
_entity_poly_seq.mon_id 
_entity_poly_seq.hetero 
1 1   ASN n 
1 2   GLY n 
1 3   ILE n 
1 4   PHE n 
1 5   ASN n 
1 6   THR n 
1 7   ARG n 
1 8   LEU n 
1 9   SER n 
1 10  ARG n 
1 11  THR n 
1 12  PHE n 
1 13  GLY n 
1 14  TYR n 
1 15  THR n 
1 16  VAL n 
1 17  LYS n 
1 18  ALA n 
1 19  THR n 
1 20  THR n 
1 21  VAL n 
1 22  ARG n 
1 23  THR n 
1 24  PRO n 
1 25  SER n 
1 26  TRP n 
1 27  ALA n 
1 28  VAL n 
1 29  ASP n 
1 30  MET n 
1 31  MET n 
1 32  ARG n 
1 33  PHE n 
1 34  ASN n 
1 35  ILE n 
1 36  ASN n 
1 37  ASP n 
1 38  PHE n 
1 39  VAL n 
1 40  PRO n 
1 41  PRO n 
1 42  GLY n 
1 43  GLY n 
1 44  GLY n 
1 45  THR n 
1 46  ASN n 
1 47  LYS n 
1 48  ILE n 
1 49  SER n 
1 50  ILE n 
1 51  PRO n 
1 52  PHE n 
1 53  GLU n 
1 54  TYR n 
1 55  TYR n 
1 56  ARG n 
1 57  ILE n 
1 58  ARG n 
1 59  LYS n 
1 60  VAL n 
1 61  LYS n 
1 62  VAL n 
1 63  GLU n 
1 64  PHE n 
1 65  TRP n 
1 66  PRO n 
1 67  CYS n 
1 68  SER n 
1 69  PRO n 
1 70  ILE n 
1 71  THR n 
1 72  GLN n 
1 73  GLY n 
1 74  ASP n 
1 75  ARG n 
1 76  GLY n 
1 77  VAL n 
1 78  GLY n 
1 79  SER n 
1 80  THR n 
1 81  ALA n 
1 82  VAL n 
1 83  ILE n 
1 84  LEU n 
1 85  ASP n 
1 86  ASP n 
1 87  ASN n 
1 88  PHE n 
1 89  VAL n 
1 90  THR n 
1 91  LYS n 
1 92  ALA n 
1 93  THR n 
1 94  ALA n 
1 95  LEU n 
1 96  THR n 
1 97  TYR n 
1 98  ASP n 
1 99  PRO n 
1 100 TYR n 
1 101 VAL n 
1 102 ASN n 
1 103 TYR n 
1 104 SER n 
1 105 SER n 
1 106 ARG n 
1 107 HIS n 
1 108 THR n 
1 109 ILE n 
1 110 PRO n 
1 111 GLN n 
1 112 PRO n 
1 113 PHE n 
1 114 SER n 
1 115 TYR n 
1 116 HIS n 
1 117 SER n 
1 118 ARG n 
1 119 TYR n 
1 120 PHE n 
1 121 THR n 
1 122 PRO n 
1 123 LYS n 
1 124 PRO n 
1 125 VAL n 
1 126 LEU n 
1 127 ASP n 
1 128 SER n 
1 129 THR n 
1 130 ILE n 
1 131 ASP n 
1 132 TYR n 
1 133 PHE n 
1 134 GLN n 
1 135 PRO n 
1 136 ASN n 
1 137 ASN n 
1 138 LYS n 
1 139 ARG n 
1 140 ASN n 
1 141 GLN n 
1 142 LEU n 
1 143 TRP n 
1 144 LEU n 
1 145 ARG n 
1 146 LEU n 
1 147 GLN n 
1 148 THR n 
1 149 SER n 
1 150 ALA n 
1 151 ASN n 
1 152 VAL n 
1 153 ASP n 
1 154 HIS n 
1 155 VAL n 
1 156 GLY n 
1 157 LEU n 
1 158 GLY n 
1 159 THR n 
1 160 ALA n 
1 161 PHE n 
1 162 GLU n 
1 163 ASN n 
1 164 SER n 
1 165 LYS n 
1 166 TYR n 
1 167 ASP n 
1 168 GLN n 
1 169 ASP n 
1 170 TYR n 
1 171 ASN n 
1 172 ILE n 
1 173 ARG n 
1 174 VAL n 
1 175 THR n 
1 176 MET n 
1 177 TYR n 
1 178 VAL n 
1 179 GLN n 
1 180 PHE n 
1 181 ARG n 
1 182 GLU n 
1 183 PHE n 
1 184 ASN n 
1 185 LEU n 
1 186 LYS n 
1 187 ASP n 
1 188 PRO n 
1 189 PRO n 
1 190 LEU n 
# 
_entity_src_nat.entity_id                  1 
_entity_src_nat.pdbx_src_id                1 
_entity_src_nat.pdbx_alt_source_flag       sample 
_entity_src_nat.pdbx_beg_seq_num           ? 
_entity_src_nat.pdbx_end_seq_num           ? 
_entity_src_nat.common_name                PCV2 
_entity_src_nat.pdbx_organism_scientific   'Porcine circovirus-2' 
_entity_src_nat.pdbx_ncbi_taxonomy_id      85708 
_entity_src_nat.genus                      ? 
_entity_src_nat.species                    ? 
_entity_src_nat.strain                     ? 
_entity_src_nat.tissue                     ? 
_entity_src_nat.tissue_fraction            ? 
_entity_src_nat.pdbx_secretion             ? 
_entity_src_nat.pdbx_fragment              ? 
_entity_src_nat.pdbx_variant               ? 
_entity_src_nat.pdbx_cell_line             ? 
_entity_src_nat.pdbx_atcc                  ? 
_entity_src_nat.pdbx_cellular_location     ? 
_entity_src_nat.pdbx_organ                 ? 
_entity_src_nat.pdbx_organelle             ? 
_entity_src_nat.pdbx_cell                  ? 
_entity_src_nat.pdbx_plasmid_name          ? 
_entity_src_nat.pdbx_plasmid_details       ? 
_entity_src_nat.details                    ? 
# 
loop_
_chem_comp.id 
_chem_comp.type 
_chem_comp.mon_nstd_flag 
_chem_comp.name 
_chem_comp.pdbx_synonyms 
_chem_comp.formula 
_chem_comp.formula_weight 
ALA 'L-peptide linking' y ALANINE         ? 'C3 H7 N O2'     89.093  
ARG 'L-peptide linking' y ARGININE        ? 'C6 H15 N4 O2 1' 175.209 
ASN 'L-peptide linking' y ASPARAGINE      ? 'C4 H8 N2 O3'    132.118 
ASP 'L-peptide linking' y 'ASPARTIC ACID' ? 'C4 H7 N O4'     133.103 
CYS 'L-peptide linking' y CYSTEINE        ? 'C3 H7 N O2 S'   121.158 
GLN 'L-peptide linking' y GLUTAMINE       ? 'C5 H10 N2 O3'   146.144 
GLU 'L-peptide linking' y 'GLUTAMIC ACID' ? 'C5 H9 N O4'     147.129 
GLY 'peptide linking'   y GLYCINE         ? 'C2 H5 N O2'     75.067  
HIS 'L-peptide linking' y HISTIDINE       ? 'C6 H10 N3 O2 1' 156.162 
ILE 'L-peptide linking' y ISOLEUCINE      ? 'C6 H13 N O2'    131.173 
LEU 'L-peptide linking' y LEUCINE         ? 'C6 H13 N O2'    131.173 
LYS 'L-peptide linking' y LYSINE          ? 'C6 H15 N2 O2 1' 147.195 
MET 'L-peptide linking' y METHIONINE      ? 'C5 H11 N O2 S'  149.211 
PHE 'L-peptide linking' y PHENYLALANINE   ? 'C9 H11 N O2'    165.189 
PRO 'L-peptide linking' y PROLINE         ? 'C5 H9 N O2'     115.130 
SER 'L-peptide linking' y SERINE          ? 'C3 H7 N O3'     105.093 
THR 'L-peptide linking' y THREONINE       ? 'C4 H9 N O3'     119.119 
TRP 'L-peptide linking' y TRYPTOPHAN      ? 'C11 H12 N2 O2'  204.225 
TYR 'L-peptide linking' y TYROSINE        ? 'C9 H11 N O3'    181.189 
VAL 'L-peptide linking' y VALINE          ? 'C5 H11 N O2'    117.146 
# 
loop_
_pdbx_poly_seq_scheme.asym_id 
_pdbx_poly_seq_scheme.entity_id 
_pdbx_poly_seq_scheme.seq_id 
_pdbx_poly_seq_scheme.mon_id 
_pdbx_poly_seq_scheme.ndb_seq_num 
_pdbx_poly_seq_scheme.pdb_seq_num 
_pdbx_poly_seq_scheme.auth_seq_num 
_pdbx_poly_seq_scheme.pdb_mon_id 
_pdbx_poly_seq_scheme.auth_mon_id 
_pdbx_poly_seq_scheme.pdb_strand_id 
_pdbx_poly_seq_scheme.pdb_ins_code 
_pdbx_poly_seq_scheme.hetero 
A 1 1   ASN 1   42  42  ASN ASN A . n 
A 1 2   GLY 2   43  43  GLY GLY A . n 
A 1 3   ILE 3   44  44  ILE ILE A . n 
A 1 4   PHE 4   45  45  PHE PHE A . n 
A 1 5   ASN 5   46  46  ASN ASN A . n 
A 1 6   THR 6   47  47  THR THR A . n 
A 1 7   ARG 7   48  48  ARG ARG A . n 
A 1 8   LEU 8   49  49  LEU LEU A . n 
A 1 9   SER 9   50  50  SER SER A . n 
A 1 10  ARG 10  51  51  ARG ARG A . n 
A 1 11  THR 11  52  52  THR THR A . n 
A 1 12  PHE 12  53  53  PHE PHE A . n 
A 1 13  GLY 13  54  54  GLY GLY A . n 
A 1 14  TYR 14  55  55  TYR TYR A . n 
A 1 15  THR 15  56  56  THR THR A . n 
A 1 16  VAL 16  57  57  VAL VAL A . n 
A 1 17  LYS 17  58  58  LYS LYS A . n 
A 1 18  ALA 18  59  59  ALA ALA A . n 
A 1 19  THR 19  60  60  THR THR A . n 
A 1 20  THR 20  61  61  THR THR A . n 
A 1 21  VAL 21  62  62  VAL VAL A . n 
A 1 22  ARG 22  63  63  ARG ARG A . n 
A 1 23  THR 23  64  64  THR THR A . n 
A 1 24  PRO 24  65  65  PRO PRO A . n 
A 1 25  SER 25  66  66  SER SER A . n 
A 1 26  TRP 26  67  67  TRP TRP A . n 
A 1 27  ALA 27  68  68  ALA ALA A . n 
A 1 28  VAL 28  69  69  VAL VAL A . n 
A 1 29  ASP 29  70  70  ASP ASP A . n 
A 1 30  MET 30  71  71  MET MET A . n 
A 1 31  MET 31  72  72  MET MET A . n 
A 1 32  ARG 32  73  73  ARG ARG A . n 
A 1 33  PHE 33  74  74  PHE PHE A . n 
A 1 34  ASN 34  75  75  ASN ASN A . n 
A 1 35  ILE 35  76  76  ILE ILE A . n 
A 1 36  ASN 36  77  77  ASN ASN A . n 
A 1 37  ASP 37  78  78  ASP ASP A . n 
A 1 38  PHE 38  79  79  PHE PHE A . n 
A 1 39  VAL 39  80  80  VAL VAL A . n 
A 1 40  PRO 40  81  81  PRO PRO A . n 
A 1 41  PRO 41  82  82  PRO PRO A . n 
A 1 42  GLY 42  83  83  GLY GLY A . n 
A 1 43  GLY 43  84  84  GLY GLY A . n 
A 1 44  GLY 44  85  85  GLY GLY A . n 
A 1 45  THR 45  86  86  THR THR A . n 
A 1 46  ASN 46  87  87  ASN ASN A . n 
A 1 47  LYS 47  88  88  LYS LYS A . n 
A 1 48  ILE 48  89  89  ILE ILE A . n 
A 1 49  SER 49  90  90  SER SER A . n 
A 1 50  ILE 50  91  91  ILE ILE A . n 
A 1 51  PRO 51  92  92  PRO PRO A . n 
A 1 52  PHE 52  93  93  PHE PHE A . n 
A 1 53  GLU 53  94  94  GLU GLU A . n 
A 1 54  TYR 54  95  95  TYR TYR A . n 
A 1 55  TYR 55  96  96  TYR TYR A . n 
A 1 56  ARG 56  97  97  ARG ARG A . n 
A 1 57  ILE 57  98  98  ILE ILE A . n 
A 1 58  ARG 58  99  99  ARG ARG A . n 
A 1 59  LYS 59  100 100 LYS LYS A . n 
A 1 60  VAL 60  101 101 VAL VAL A . n 
A 1 61  LYS 61  102 102 LYS LYS A . n 
A 1 62  VAL 62  103 103 VAL VAL A . n 
A 1 63  GLU 63  104 104 GLU GLU A . n 
A 1 64  PHE 64  105 105 PHE PHE A . n 
A 1 65  TRP 65  106 106 TRP TRP A . n 
A 1 66  PRO 66  107 107 PRO PRO A . n 
A 1 67  CYS 67  108 108 CYS CYS A . n 
A 1 68  SER 68  109 109 SER SER A . n 
A 1 69  PRO 69  110 110 PRO PRO A . n 
A 1 70  ILE 70  111 111 ILE ILE A . n 
A 1 71  THR 71  112 112 THR THR A . n 
A 1 72  GLN 72  113 113 GLN GLN A . n 
A 1 73  GLY 73  114 114 GLY GLY A . n 
A 1 74  ASP 74  115 115 ASP ASP A . n 
A 1 75  ARG 75  116 116 ARG ARG A . n 
A 1 76  GLY 76  117 117 GLY GLY A . n 
A 1 77  VAL 77  118 118 VAL VAL A . n 
A 1 78  GLY 78  119 119 GLY GLY A . n 
A 1 79  SER 79  120 120 SER SER A . n 
A 1 80  THR 80  121 121 THR THR A . n 
A 1 81  ALA 81  122 122 ALA ALA A . n 
A 1 82  VAL 82  123 123 VAL VAL A . n 
A 1 83  ILE 83  124 124 ILE ILE A . n 
A 1 84  LEU 84  125 125 LEU LEU A . n 
A 1 85  ASP 85  126 126 ASP ASP A . n 
A 1 86  ASP 86  127 127 ASP ASP A . n 
A 1 87  ASN 87  128 128 ASN ASN A . n 
A 1 88  PHE 88  129 129 PHE PHE A . n 
A 1 89  VAL 89  130 130 VAL VAL A . n 
A 1 90  THR 90  131 131 THR THR A . n 
A 1 91  LYS 91  132 132 LYS LYS A . n 
A 1 92  ALA 92  133 133 ALA ALA A . n 
A 1 93  THR 93  134 134 THR THR A . n 
A 1 94  ALA 94  135 135 ALA ALA A . n 
A 1 95  LEU 95  136 136 LEU LEU A . n 
A 1 96  THR 96  137 137 THR THR A . n 
A 1 97  TYR 97  138 138 TYR TYR A . n 
A 1 98  ASP 98  139 139 ASP ASP A . n 
A 1 99  PRO 99  140 140 PRO PRO A . n 
A 1 100 TYR 100 141 141 TYR TYR A . n 
A 1 101 VAL 101 142 142 VAL VAL A . n 
A 1 102 ASN 102 143 143 ASN ASN A . n 
A 1 103 TYR 103 144 144 TYR TYR A . n 
A 1 104 SER 104 145 145 SER SER A . n 
A 1 105 SER 105 146 146 SER SER A . n 
A 1 106 ARG 106 147 147 ARG ARG A . n 
A 1 107 HIS 107 148 148 HIS HIS A . n 
A 1 108 THR 108 149 149 THR THR A . n 
A 1 109 ILE 109 150 150 ILE ILE A . n 
A 1 110 PRO 110 151 151 PRO PRO A . n 
A 1 111 GLN 111 152 152 GLN GLN A . n 
A 1 112 PRO 112 153 153 PRO PRO A . n 
A 1 113 PHE 113 154 154 PHE PHE A . n 
A 1 114 SER 114 155 155 SER SER A . n 
A 1 115 TYR 115 156 156 TYR TYR A . n 
A 1 116 HIS 116 157 157 HIS HIS A . n 
A 1 117 SER 117 158 158 SER SER A . n 
A 1 118 ARG 118 159 159 ARG ARG A . n 
A 1 119 TYR 119 160 160 TYR TYR A . n 
A 1 120 PHE 120 161 161 PHE PHE A . n 
A 1 121 THR 121 162 162 THR THR A . n 
A 1 122 PRO 122 163 163 PRO PRO A . n 
A 1 123 LYS 123 164 164 LYS LYS A . n 
A 1 124 PRO 124 165 165 PRO PRO A . n 
A 1 125 VAL 125 166 166 VAL VAL A . n 
A 1 126 LEU 126 167 167 LEU LEU A . n 
A 1 127 ASP 127 168 168 ASP ASP A . n 
A 1 128 SER 128 169 169 SER SER A . n 
A 1 129 THR 129 170 170 THR THR A . n 
A 1 130 ILE 130 171 171 ILE ILE A . n 
A 1 131 ASP 131 172 172 ASP ASP A . n 
A 1 132 TYR 132 173 173 TYR TYR A . n 
A 1 133 PHE 133 174 174 PHE PHE A . n 
A 1 134 GLN 134 175 175 GLN GLN A . n 
A 1 135 PRO 135 176 176 PRO PRO A . n 
A 1 136 ASN 136 177 177 ASN ASN A . n 
A 1 137 ASN 137 178 178 ASN ASN A . n 
A 1 138 LYS 138 179 179 LYS LYS A . n 
A 1 139 ARG 139 180 180 ARG ARG A . n 
A 1 140 ASN 140 181 181 ASN ASN A . n 
A 1 141 GLN 141 182 182 GLN GLN A . n 
A 1 142 LEU 142 183 183 LEU LEU A . n 
A 1 143 TRP 143 184 184 TRP TRP A . n 
A 1 144 LEU 144 185 185 LEU LEU A . n 
A 1 145 ARG 145 186 186 ARG ARG A . n 
A 1 146 LEU 146 187 187 LEU LEU A . n 
A 1 147 GLN 147 188 188 GLN GLN A . n 
A 1 148 THR 148 189 189 THR THR A . n 
A 1 149 SER 149 190 190 SER SER A . n 
A 1 150 ALA 150 191 191 ALA ALA A . n 
A 1 151 ASN 151 192 192 ASN ASN A . n 
A 1 152 VAL 152 193 193 VAL VAL A . n 
A 1 153 ASP 153 194 194 ASP ASP A . n 
A 1 154 HIS 154 195 195 HIS HIS A . n 
A 1 155 VAL 155 196 196 VAL VAL A . n 
A 1 156 GLY 156 197 197 GLY GLY A . n 
A 1 157 LEU 157 198 198 LEU LEU A . n 
A 1 158 GLY 158 199 199 GLY GLY A . n 
A 1 159 THR 159 200 200 THR THR A . n 
A 1 160 ALA 160 201 201 ALA ALA A . n 
A 1 161 PHE 161 202 202 PHE PHE A . n 
A 1 162 GLU 162 203 203 GLU GLU A . n 
A 1 163 ASN 163 204 204 ASN ASN A . n 
A 1 164 SER 164 205 205 SER SER A . n 
A 1 165 LYS 165 206 206 LYS LYS A . n 
A 1 166 TYR 166 207 207 TYR TYR A . n 
A 1 167 ASP 167 208 208 ASP ASP A . n 
A 1 168 GLN 168 209 209 GLN GLN A . n 
A 1 169 ASP 169 210 210 ASP ASP A . n 
A 1 170 TYR 170 211 211 TYR TYR A . n 
A 1 171 ASN 171 212 212 ASN ASN A . n 
A 1 172 ILE 172 213 213 ILE ILE A . n 
A 1 173 ARG 173 214 214 ARG ARG A . n 
A 1 174 VAL 174 215 215 VAL VAL A . n 
A 1 175 THR 175 216 216 THR THR A . n 
A 1 176 MET 176 217 217 MET MET A . n 
A 1 177 TYR 177 218 218 TYR TYR A . n 
A 1 178 VAL 178 219 219 VAL VAL A . n 
A 1 179 GLN 179 220 220 GLN GLN A . n 
A 1 180 PHE 180 221 221 PHE PHE A . n 
A 1 181 ARG 181 222 222 ARG ARG A . n 
A 1 182 GLU 182 223 223 GLU GLU A . n 
A 1 183 PHE 183 224 224 PHE PHE A . n 
A 1 184 ASN 184 225 225 ASN ASN A . n 
A 1 185 LEU 185 226 226 LEU LEU A . n 
A 1 186 LYS 186 227 227 LYS LYS A . n 
A 1 187 ASP 187 228 228 ASP ASP A . n 
A 1 188 PRO 188 229 229 PRO PRO A . n 
A 1 189 PRO 189 230 230 PRO PRO A . n 
A 1 190 LEU 190 231 231 LEU LEU A . n 
# 
_cell.entry_id           3JCI 
_cell.length_a           1 
_cell.length_b           1 
_cell.length_c           1 
_cell.angle_alpha        90 
_cell.angle_beta         90 
_cell.angle_gamma        90 
_cell.Z_PDB              1 
_cell.pdbx_unique_axis   ? 
_cell.length_a_esd       ? 
_cell.length_b_esd       ? 
_cell.length_c_esd       ? 
_cell.angle_alpha_esd    ? 
_cell.angle_beta_esd     ? 
_cell.angle_gamma_esd    ? 
# 
_symmetry.entry_id                         3JCI 
_symmetry.space_group_name_H-M             'P 1' 
_symmetry.pdbx_full_space_group_name_H-M   ? 
_symmetry.cell_setting                     ? 
_symmetry.Int_Tables_number                1 
_symmetry.space_group_name_Hall            ? 
# 
_exptl.entry_id          3JCI 
_exptl.method            'ELECTRON MICROSCOPY' 
_exptl.crystals_number   ? 
# 
_refine.entry_id                                 3JCI 
_refine.pdbx_refine_id                           'ELECTRON MICROSCOPY' 
_refine.ls_number_reflns_obs                     ? 
_refine.ls_number_reflns_all                     ? 
_refine.pdbx_ls_sigma_I                          ? 
_refine.pdbx_ls_sigma_F                          ? 
_refine.pdbx_data_cutoff_high_absF               ? 
_refine.pdbx_data_cutoff_low_absF                ? 
_refine.pdbx_data_cutoff_high_rms_absF           ? 
_refine.ls_d_res_low                             ? 
_refine.ls_d_res_high                            . 
_refine.ls_percent_reflns_obs                    ? 
_refine.ls_R_factor_obs                          ? 
_refine.ls_R_factor_all                          ? 
_refine.ls_R_factor_R_work                       ? 
_refine.ls_R_factor_R_free                       ? 
_refine.ls_R_factor_R_free_error                 ? 
_refine.ls_R_factor_R_free_error_details         ? 
_refine.ls_percent_reflns_R_free                 ? 
_refine.ls_number_reflns_R_free                  ? 
_refine.ls_number_parameters                     ? 
_refine.ls_number_restraints                     ? 
_refine.occupancy_min                            ? 
_refine.occupancy_max                            ? 
_refine.correlation_coeff_Fo_to_Fc               ? 
_refine.correlation_coeff_Fo_to_Fc_free          ? 
_refine.B_iso_mean                               23.6720 
_refine.aniso_B[1][1]                            ? 
_refine.aniso_B[2][2]                            ? 
_refine.aniso_B[3][3]                            ? 
_refine.aniso_B[1][2]                            ? 
_refine.aniso_B[1][3]                            ? 
_refine.aniso_B[2][3]                            ? 
_refine.solvent_model_details                    ? 
_refine.solvent_model_param_ksol                 ? 
_refine.solvent_model_param_bsol                 ? 
_refine.pdbx_solvent_vdw_probe_radii             ? 
_refine.pdbx_solvent_ion_probe_radii             ? 
_refine.pdbx_solvent_shrinkage_radii             ? 
_refine.pdbx_ls_cross_valid_method               ? 
_refine.details                                  ? 
_refine.pdbx_starting_model                      ? 
_refine.pdbx_method_to_determine_struct          ? 
_refine.pdbx_isotropic_thermal_model             ? 
_refine.pdbx_stereochemistry_target_values       ? 
_refine.pdbx_stereochem_target_val_spec_case     ? 
_refine.pdbx_R_Free_selection_details            ? 
_refine.pdbx_overall_ESU_R_Free                  ? 
_refine.overall_SU_ML                            ? 
_refine.pdbx_overall_phase_error                 ? 
_refine.overall_SU_B                             ? 
_refine.ls_redundancy_reflns_obs                 ? 
_refine.pdbx_overall_ESU_R                       ? 
_refine.B_iso_max                                77.940 
_refine.B_iso_min                                10.280 
_refine.overall_SU_R_Cruickshank_DPI             ? 
_refine.overall_SU_R_free                        ? 
_refine.ls_wR_factor_R_free                      ? 
_refine.ls_wR_factor_R_work                      ? 
_refine.overall_FOM_free_R_set                   ? 
_refine.overall_FOM_work_R_set                   ? 
_refine.pdbx_diffrn_id                           1 
_refine.pdbx_TLS_residual_ADP_flag               ? 
_refine.pdbx_overall_SU_R_free_Cruickshank_DPI   ? 
_refine.pdbx_overall_SU_R_Blow_DPI               ? 
_refine.pdbx_overall_SU_R_free_Blow_DPI          ? 
# 
_refine_hist.pdbx_refine_id                   'ELECTRON MICROSCOPY' 
_refine_hist.cycle_id                         LAST 
_refine_hist.pdbx_number_atoms_protein        1557 
_refine_hist.pdbx_number_atoms_nucleic_acid   0 
_refine_hist.pdbx_number_atoms_ligand         0 
_refine_hist.number_atoms_solvent             0 
_refine_hist.number_atoms_total               1557 
_refine_hist.d_res_high                       . 
_refine_hist.d_res_low                        . 
# 
loop_
_refine_ls_restr.pdbx_refine_id 
_refine_ls_restr.type 
_refine_ls_restr.number 
_refine_ls_restr.dev_ideal 
_refine_ls_restr.dev_ideal_target 
_refine_ls_restr.weight 
_refine_ls_restr.pdbx_restraint_function 
'ELECTRON MICROSCOPY' f_bond_d           1604 0.010  ? ? ? 
'ELECTRON MICROSCOPY' f_angle_d          2187 0.817  ? ? ? 
'ELECTRON MICROSCOPY' f_chiral_restr     233  0.054  ? ? ? 
'ELECTRON MICROSCOPY' f_plane_restr      285  0.006  ? ? ? 
'ELECTRON MICROSCOPY' f_dihedral_angle_d 1291 17.151 ? ? ? 
# 
_struct.entry_id                  3JCI 
_struct.title                     '2.9 Angstrom Resolution Cryo-EM 3-D Reconstruction of Close-packed PCV2 Virus-like Particles' 
_struct.pdbx_model_details        ? 
_struct.pdbx_CASP_flag            ? 
_struct.pdbx_model_type_details   ? 
# 
_struct_keywords.entry_id        3JCI 
_struct_keywords.pdbx_keywords   'VIRUS LIKE PARTICLE' 
_struct_keywords.text            
'de novo initial model, consensus criterion, gold-standard FSC, true FSC, cross-validation, VIRUS LIKE PARTICLE' 
# 
_struct_asym.id                            A 
_struct_asym.pdbx_blank_PDB_chainid_flag   N 
_struct_asym.pdbx_modified                 N 
_struct_asym.entity_id                     1 
_struct_asym.details                       ? 
# 
_struct_ref.id                         1 
_struct_ref.db_name                    UNP 
_struct_ref.db_code                    B8Y5Y9_PCV2 
_struct_ref.pdbx_db_accession          B8Y5Y9 
_struct_ref.entity_id                  1 
_struct_ref.pdbx_seq_one_letter_code   
;NGIFNTRLSRTFGYTVKATTVRTPSWAVDMMRFNINDFVPPGGGTNKISIPFEYYRIRKVKVEFWPCSPITQGDRGVGST
AVILDDNFVTKATALTYDPYVNYSSRHTIPQPFSYHSRYFTPKPVLDSTIDYFQPNNKRNQLWLRLQTSANVDHVGLGTA
FENSKYDQDYNIRVTMYVQFREFNLKDPPL
;
_struct_ref.pdbx_align_begin           42 
_struct_ref.pdbx_db_isoform            ? 
# 
_struct_ref_seq.align_id                      1 
_struct_ref_seq.ref_id                        1 
_struct_ref_seq.pdbx_PDB_id_code              3JCI 
_struct_ref_seq.pdbx_strand_id                A 
_struct_ref_seq.seq_align_beg                 1 
_struct_ref_seq.pdbx_seq_align_beg_ins_code   ? 
_struct_ref_seq.seq_align_end                 190 
_struct_ref_seq.pdbx_seq_align_end_ins_code   ? 
_struct_ref_seq.pdbx_db_accession             B8Y5Y9 
_struct_ref_seq.db_align_beg                  42 
_struct_ref_seq.pdbx_db_align_beg_ins_code    ? 
_struct_ref_seq.db_align_end                  231 
_struct_ref_seq.pdbx_db_align_end_ins_code    ? 
_struct_ref_seq.pdbx_auth_seq_align_beg       42 
_struct_ref_seq.pdbx_auth_seq_align_end       231 
# 
loop_
_pdbx_struct_assembly.id 
_pdbx_struct_assembly.details 
_pdbx_struct_assembly.method_details 
_pdbx_struct_assembly.oligomeric_details 
_pdbx_struct_assembly.oligomeric_count 
1 'complete icosahedral assembly'                ? 60-MERIC   60 
2 'icosahedral asymmetric unit'                  ? monomeric  1  
3 'icosahedral pentamer'                         ? pentameric 5  
4 'icosahedral 23 hexamer'                       ? hexameric  6  
5 'icosahedral asymmetric unit, std point frame' ? monomeric  1  
# 
loop_
_pdbx_struct_assembly_gen.assembly_id 
_pdbx_struct_assembly_gen.oper_expression 
_pdbx_struct_assembly_gen.asym_id_list 
1 '(1-60)'           A 
2 1                  A 
3 '(1-5)'            A 
4 '(1,2,6,10,23,24)' A 
5 P                  A 
# 
loop_
_pdbx_struct_oper_list.id 
_pdbx_struct_oper_list.type 
_pdbx_struct_oper_list.name 
_pdbx_struct_oper_list.symmetry_operation 
_pdbx_struct_oper_list.matrix[1][1] 
_pdbx_struct_oper_list.matrix[1][2] 
_pdbx_struct_oper_list.matrix[1][3] 
_pdbx_struct_oper_list.vector[1] 
_pdbx_struct_oper_list.matrix[2][1] 
_pdbx_struct_oper_list.matrix[2][2] 
_pdbx_struct_oper_list.matrix[2][3] 
_pdbx_struct_oper_list.vector[2] 
_pdbx_struct_oper_list.matrix[3][1] 
_pdbx_struct_oper_list.matrix[3][2] 
_pdbx_struct_oper_list.matrix[3][3] 
_pdbx_struct_oper_list.vector[3] 
P  'transform to point frame' ?     ?     0.83132659  0.50668355  0.22840289  14.83525  -0.32328078 0.77511791  -0.54284598 17.74170   -0.45209030 0.37744402  0.80817718  77.27319   
1  'identity operation'       1_555 x,y,z 1.00000000  0.00000000  0.00000000  0.00000   0.00000000  1.00000000  0.00000000  0.00000    0.00000000  0.00000000  1.00000000  0.00000    
2  'point symmetry operation' ?     ?     0.52149651  -0.66157527 0.53885021  10.48045  0.10323691  0.67580733  0.72981271  21.74510   -0.84698497 -0.32496555 0.42073016  -24.94806  
3  'point symmetry operation' ?     ?     -0.25273841 -0.96721437 0.02489300  -11.88332 -0.49453444 0.15125258  0.85589622  19.31516   -0.83160025 0.20400741  -0.51654816 -51.38765  
4  'point symmetry operation' ?     ?     -0.25273841 -0.49453445 -0.83160025 -36.18534 -0.96721437 0.15125258  0.20400741  -3.93173   0.02489299  0.85589622  -0.51654816 -42.78016  
5  'point symmetry operation' ?     ?     0.52149650  0.10323691  -0.84698497 -28.84105 -0.66157527 0.67580734  -0.32496555 -15.86915  0.53885021  0.72981271  0.42073015  -11.02084  
6  'point symmetry operation' ?     ?     -0.59122872 -0.34127756 -0.73073814 -13.19477 -0.34127757 -0.71507201 0.61008332  -42.53738  -0.73073813 0.61008330  0.30630073  12.48520   
7  'point symmetry operation' ?     ?     0.27536807  0.39796914  -0.87509599 -8.58173  -0.76852828 -0.45572616 -0.44908569 -76.88383  -0.57752638 0.79619986  0.18035809  10.45145   
8  'point symmetry operation' ?     ?     0.92588174  0.37114981  0.07064581  24.79008  -0.06746375 0.34639360  -0.93566026 -83.64434  -0.37174138 0.86154471  0.34575865  17.21258   
9  'point symmetry operation' ?     ?     0.46132451  -0.38467215 0.79950424  40.80195  0.79306867  0.58278503  -0.17721089 -53.47612  -0.39777100 0.71581349  0.57392444  23.42493   
10 'point symmetry operation' ?     ?     -0.47630131 -0.82497649 0.30422173  17.32602  0.62384242  -0.07323680 0.77811118  -28.07062  -0.61964319 0.56040179  0.54953811  20.50325   
11 'point symmetry operation' ?     ?     -0.79097907 -0.50116146 0.35098335  45.20305  -0.50116145 0.20161556  -0.84153929 -73.36616  0.35098335  -0.84153928 -0.41063649 -131.67769 
12 'point symmetry operation' ?     ?     -0.76150880 0.07054611  -0.64430396 17.25907  0.47223135  0.74128057  -0.47697031 -53.23964  0.44396161  -0.66747760 -0.59780576 -136.05400 
13 'point symmetry operation' ?     ?     0.15587455  0.76084756  -0.62993183 26.88629  0.72678120  0.34354517  0.59478215  -20.27173  0.66894860  -0.55053400 -0.49941973 -131.00136 
14 'point symmetry operation' ?     ?     0.69337838  0.61576975  0.37423794  60.78021  -0.08929115 -0.44193382 0.89259263  -20.02298  0.71501994  -0.65232056 -0.25144456 -123.50234 
15 'point symmetry operation' ?     ?     0.10819066  -0.16419471 0.98047686  72.10059  -0.84820144 -0.52965115 0.00489716  -52.83714  0.51850660  -0.83217170 -0.19657350 -123.92034 
16 'point symmetry operation' ?     ?     0.38220779  0.84243902  0.37975479  81.34002  0.84243902  -0.48654355 0.23145597  -85.83643  0.37975479  0.23145597  -0.89566424 -105.63884 
17 'point symmetry operation' ?     ?     -0.03535577 0.19306002  0.98054975  94.19051  0.19306003  -0.96136174 0.19624329  -93.36161  0.98054974  0.19624328  -0.00328249 -74.28072  
18 'point symmetry operation' ?     ?     -0.82901788 -0.16478301 0.53439304  73.55526  -0.16478300 -0.84119136 -0.51501811 -117.13906 0.53439304  -0.51501812 0.67020924  -59.65490  
19 'point symmetry operation' ?     ?     -0.90196448 0.26343685  -0.34214193 47.95149  0.26343684  -0.29210379 -0.91938914 -124.30915 -0.34214193 -0.91938915 0.19406827  -81.97376  
20 'point symmetry operation' ?     ?     -0.15338585 0.88593429  -0.43771363 52.76274  0.88593428  -0.07291939 -0.45804280 -104.96306 -0.43771362 -0.45804279 -0.77369476 -110.39340 
21 'point symmetry operation' ?     ?     -0.49843449 -0.20044510 0.84343632  79.75953  0.29328900  0.87654782  0.38163528  6.91363    -0.81580918 0.43759080  -0.37811333 -32.27323  
22 'point symmetry operation' ?     ?     -0.99500306 -0.07979808 -0.06000982 49.13492  -0.07979807 0.27432636  0.95832005  19.52699   -0.06000981 0.95832005  -0.27932330 -21.87462  
23 'point symmetry operation' ?     ?     -0.47630132 0.62384242  -0.61964321 38.46875  -0.82497648 -0.07323680 0.56040179  0.74770    0.30422173  0.77811117  0.54953811  5.30379    
24 'point symmetry operation' ?     ?     0.34084257  0.93806914  -0.06206952 62.50131  -0.91243500 0.31417880  -0.26220997 -23.47190  -0.22647016 0.14600671  0.96301262  11.70237   
25 'point symmetry operation' ?     ?     0.32716351  0.42863144  0.84216336  88.02042  -0.22130891 0.90117798  -0.37269376 -19.66115  -0.91868733 -0.06444646 0.38969250  -11.52151  
26 'point symmetry operation' ?     ?     -0.25323489 0.82800360  0.50028204  105.39314 -0.75142245 -0.49405845 0.43734490  -29.47750  0.60929172  -0.26517218 0.74729333  -44.84360  
27 'point symmetry operation' ?     ?     -0.47031194 0.56453041  0.67831562  108.26308 -0.81329380 0.02111217  -0.58147010 -59.00701  -0.34257827 -0.82514223 0.44919978  -62.86766  
28 'point symmetry operation' ?     ?     -0.76150879 0.47223134  0.44396161  98.68711  0.07054611  0.74128057  -0.66747761 -52.56505  -0.64430396 -0.47697030 -0.59780577 -95.60750  
29 'point symmetry operation' ?     ?     -0.72440128 0.67866057  0.12108929  89.89890  0.67866057  0.67119851  0.29818181  -19.05420  0.12108929  0.29818182  -0.94679723 -97.81777  
30 'point symmetry operation' ?     ?     -0.41027073 0.89853992  0.15589722  94.04345  0.17065606  -0.09228299 0.98099968  -4.78531   0.89585403  0.42908026  -0.11548027 -66.44395  
31 'point symmetry operation' ?     ?     0.79073870  -0.50040149 -0.35260552 -39.12708 -0.53732982 -0.29142054 -0.79142324 -94.39062  0.29327286  0.81527444  -0.49931815 -51.46556  
32 'point symmetry operation' ?     ?     0.65935914  -0.74672352 -0.08746141 -32.92425 0.36002261  0.41572526  -0.83519832 -86.61457  0.66002216  0.51920756  0.54294959  -18.20668  
33 'point symmetry operation' ?     ?     0.34084256  -0.91243499 -0.22647016 -40.06945 0.93806914  0.31417881  0.14600672  -52.96480  -0.06206951 -0.26220997 0.96301262  -13.54467  
34 'point symmetry operation' ?     ?     0.27536806  -0.76852826 -0.57752638 -50.68827 0.39796914  -0.45572617 0.79619987  -39.94415  -0.87509599 -0.44908569 0.18035811  -43.92227  
35 'point symmetry operation' ?     ?     0.55341916  -0.51387756 -0.65548233 -50.10586 -0.51387756 -0.83000715 0.21683630  -65.54671  -0.65548233 0.21683630  -0.72341201 -67.35866  
36 'point symmetry operation' ?     ?     -0.03906933 -0.12715702 -0.99111285 -32.67728 0.99546325  -0.09106881 -0.02755694 -84.78548  -0.08675540 -0.98769305 0.13013815  -96.24895  
37 'point symmetry operation' ?     ?     0.80595587  0.26199119  -0.53084439 -11.12545 0.53306927  -0.71116379 0.45834837  -75.64539  -0.25743407 -0.65238539 -0.71282606 -121.88236 
38 'point symmetry operation' ?     ?     0.89696755  -0.18363877 0.40215175  16.26190  -0.18363877 -0.98222257 -0.03893091 -96.95782  0.40215174  -0.03893090 -0.91474497 -120.98295 
39 'point symmetry operation' ?     ?     0.10819066  -0.84820144 0.51850661  11.63637  -0.16419471 -0.52965114 -0.83217172 -119.26971 0.98047686  0.00489716  -0.19657350 -94.79366  
40 'point symmetry operation' ?     ?     -0.47031195 -0.81329379 -0.34257826 -18.60971 0.56453042  0.02111217  -0.82514222 -111.74680 0.67831563  -0.58147009 0.44919978  -79.50721  
41 'point symmetry operation' ?     ?     -0.49843450 0.29328900  -0.81580918 11.39842  -0.20044508 0.87654781  0.43759079  24.04975   0.84343632  0.38163529  -0.37811331 -82.11351  
42 'point symmetry operation' ?     ?     0.46132452  0.79306867  -0.39777101 32.90506  -0.38467215 0.58278501  0.71581349  30.09257   0.79950424  -0.17721088 0.57392445  -55.54202  
43 'point symmetry operation' ?     ?     0.65935914  0.36002261  0.66002215  64.90892  -0.74672353 0.41572524  0.51920756  20.87560   -0.08746142 -0.83519832 0.54294960  -65.33463  
44 'point symmetry operation' ?     ?     -0.17800773 -0.40739425 0.89573611  63.18175  -0.78625652 0.60623942  0.11947571  9.13637    -0.59170426 -0.68301075 -0.42823169 -97.95828  
45 'point symmetry operation' ?     ?     -0.89356355 -0.44863788 -0.01637782 30.11044  -0.44863787 0.89104343  0.06903377  11.09810   -0.01637782 0.06903379  -0.99747988 -108.32820 
46 'point symmetry operation' ?     ?     0.79073870  -0.53732981 0.29327287  -4.68614  -0.50040150 -0.29142057 0.81527444  -5.12806   -0.35260552 -0.79142323 -0.49931814 -114.19704 
47 'point symmetry operation' ?     ?     0.10849749  -0.98156818 0.15732834  -15.39972 -0.98156818 -0.13082700 -0.13931334 -37.04898  0.15732832  -0.13931333 -0.97767049 -122.64506 
48 'point symmetry operation' ?     ?     -0.17800773 -0.78625652 -0.59170426 -39.53196 -0.40739424 0.60623943  -0.68301076 -46.70550  0.89573610  0.11947573  -0.42823169 -99.63459  
49 'point symmetry operation' ?     ?     0.32716351  -0.22130890 -0.91868733 -43.73292 0.42863145  0.90117797  -0.06444646 -20.75265  0.84216335  -0.37269375 0.38969251  -76.96531  
50 'point symmetry operation' ?     ?     0.92588173  -0.06746374 -0.37174138 -22.19702 0.37114981  0.34639359  0.86154472  4.94363    0.07064580  -0.93566026 0.34575866  -85.96540  
51 'point symmetry operation' ?     ?     -0.03906933 0.99546326  -0.08675541 74.77404  -0.12715702 -0.09106881 -0.98769305 -106.94087 -0.99111285 -0.02755696 0.13013814  -22.19764  
52 'point symmetry operation' ?     ?     0.15587456  0.72678118  0.66894859  98.17540  0.76084755  0.34354519  -0.55053402 -85.61281  -0.62993183 0.59478215  -0.49941975 -36.43087  
53 'point symmetry operation' ?     ?     -0.41027073 0.17065605  0.89585403  98.92400  0.89853993  -0.09228298 0.42908026  -56.43361  0.15589724  0.98099967  -0.11548028 -17.63969  
54 'point symmetry operation' ?     ?     -0.95511164 0.09563389  0.28038529  75.98529  0.09563390  -0.79625361 0.59735614  -59.72793  0.28038529  0.59735612  0.75136526  8.20713    
55 'point symmetry operation' ?     ?     -0.72569656 0.60539277  -0.32690075 61.05979  -0.53828168 -0.79550321 -0.27825792 -90.94314  -0.42850593 -0.02596615 0.90316578  5.39016    
56 'point symmetry operation' ?     ?     -0.25323488 -0.75142245 0.60929172  31.86199  0.82800360  -0.49405844 -0.26517217 -113.72078 0.50028205  0.43734489  0.74729332  -6.32314   
57 'point symmetry operation' ?     ?     -0.72569656 -0.53828168 -0.42850592 -2.33243  0.60539277  -0.79550321 -0.02596613 -109.17075 -0.32690074 -0.27825794 0.90316579  -10.21337  
58 'point symmetry operation' ?     ?     -0.07108068 0.25557786  -0.96417192 -10.95265 0.25557785  -0.92968169 -0.26527706 -119.47646 -0.96417192 -0.26527707 0.00076237  -42.22242  
59 'point symmetry operation' ?     ?     0.80595587  0.53306927  -0.25743407 17.91418  0.26199118  -0.71116378 -0.65238539 -130.39577 -0.53084439 0.45834837  -0.71282607 -58.11487  
60 'point symmetry operation' ?     ?     0.69337838  -0.08929115 0.71501994  44.37508  0.61576975  -0.44193381 -0.65232056 -126.83856 0.37423794  0.89259263  -0.25144457 -35.92789 
# 
_struct_biol.id        1 
_struct_biol.details   ? 
# 
_struct_mon_prot_cis.pdbx_id                1 
_struct_mon_prot_cis.label_comp_id          GLN 
_struct_mon_prot_cis.label_seq_id           111 
_struct_mon_prot_cis.label_asym_id          A 
_struct_mon_prot_cis.label_alt_id           . 
_struct_mon_prot_cis.pdbx_PDB_ins_code      ? 
_struct_mon_prot_cis.auth_comp_id           GLN 
_struct_mon_prot_cis.auth_seq_id            152 
_struct_mon_prot_cis.auth_asym_id           A 
_struct_mon_prot_cis.pdbx_label_comp_id_2   PRO 
_struct_mon_prot_cis.pdbx_label_seq_id_2    112 
_struct_mon_prot_cis.pdbx_label_asym_id_2   A 
_struct_mon_prot_cis.pdbx_PDB_ins_code_2    ? 
_struct_mon_prot_cis.pdbx_auth_comp_id_2    PRO 
_struct_mon_prot_cis.pdbx_auth_seq_id_2     153 
_struct_mon_prot_cis.pdbx_auth_asym_id_2    A 
_struct_mon_prot_cis.pdbx_PDB_model_num     1 
_struct_mon_prot_cis.pdbx_omega_angle       -15.36 
# 
loop_
_struct_sheet.id 
_struct_sheet.type 
_struct_sheet.number_strands 
_struct_sheet.details 
A ? 4 ? 
B ? 4 ? 
C ? 5 ? 
D ? 4 ? 
# 
loop_
_struct_sheet_order.sheet_id 
_struct_sheet_order.range_id_1 
_struct_sheet_order.range_id_2 
_struct_sheet_order.offset 
_struct_sheet_order.sense 
A 1 2 ? anti-parallel 
A 2 3 ? anti-parallel 
A 3 4 ? anti-parallel 
B 1 2 ? anti-parallel 
B 2 3 ? anti-parallel 
B 3 4 ? anti-parallel 
C 1 2 ? anti-parallel 
C 2 3 ? anti-parallel 
C 3 4 ? anti-parallel 
C 4 5 ? anti-parallel 
D 1 2 ? anti-parallel 
D 2 3 ? anti-parallel 
D 3 4 ? anti-parallel 
# 
loop_
_struct_sheet_range.sheet_id 
_struct_sheet_range.id 
_struct_sheet_range.beg_label_comp_id 
_struct_sheet_range.beg_label_asym_id 
_struct_sheet_range.beg_label_seq_id 
_struct_sheet_range.pdbx_beg_PDB_ins_code 
_struct_sheet_range.end_label_comp_id 
_struct_sheet_range.end_label_asym_id 
_struct_sheet_range.end_label_seq_id 
_struct_sheet_range.pdbx_end_PDB_ins_code 
_struct_sheet_range.beg_auth_comp_id 
_struct_sheet_range.beg_auth_asym_id 
_struct_sheet_range.beg_auth_seq_id 
_struct_sheet_range.end_auth_comp_id 
_struct_sheet_range.end_auth_asym_id 
_struct_sheet_range.end_auth_seq_id 
A 1 PHE A 4   ? VAL A 16  ? PHE A 45  VAL A 57  
A 2 GLN A 168 ? PHE A 183 ? GLN A 209 PHE A 224 
A 3 PHE A 52  ? PRO A 66  ? PHE A 93  PRO A 107 
A 4 HIS A 116 ? PHE A 120 ? HIS A 157 PHE A 161 
B 1 PHE A 4   ? VAL A 16  ? PHE A 45  VAL A 57  
B 2 GLN A 168 ? PHE A 183 ? GLN A 209 PHE A 224 
B 3 PHE A 52  ? PRO A 66  ? PHE A 93  PRO A 107 
B 4 LEU A 144 ? ARG A 145 ? LEU A 185 ARG A 186 
C 1 ALA A 92  ? LEU A 95  ? ALA A 133 LEU A 136 
C 2 TRP A 26  ? ASN A 34  ? TRP A 67  ASN A 75  
C 3 ASP A 153 ? GLU A 162 ? ASP A 194 GLU A 203 
C 4 VAL A 77  ? VAL A 82  ? VAL A 118 VAL A 123 
C 5 HIS A 107 ? PRO A 110 ? HIS A 148 PRO A 151 
D 1 ALA A 92  ? LEU A 95  ? ALA A 133 LEU A 136 
D 2 TRP A 26  ? ASN A 34  ? TRP A 67  ASN A 75  
D 3 ASP A 153 ? GLU A 162 ? ASP A 194 GLU A 203 
D 4 LYS A 123 ? PRO A 124 ? LYS A 164 PRO A 165 
# 
loop_
_pdbx_struct_sheet_hbond.sheet_id 
_pdbx_struct_sheet_hbond.range_id_1 
_pdbx_struct_sheet_hbond.range_id_2 
_pdbx_struct_sheet_hbond.range_1_label_atom_id 
_pdbx_struct_sheet_hbond.range_1_label_comp_id 
_pdbx_struct_sheet_hbond.range_1_label_asym_id 
_pdbx_struct_sheet_hbond.range_1_label_seq_id 
_pdbx_struct_sheet_hbond.range_1_PDB_ins_code 
_pdbx_struct_sheet_hbond.range_1_auth_atom_id 
_pdbx_struct_sheet_hbond.range_1_auth_comp_id 
_pdbx_struct_sheet_hbond.range_1_auth_asym_id 
_pdbx_struct_sheet_hbond.range_1_auth_seq_id 
_pdbx_struct_sheet_hbond.range_2_label_atom_id 
_pdbx_struct_sheet_hbond.range_2_label_comp_id 
_pdbx_struct_sheet_hbond.range_2_label_asym_id 
_pdbx_struct_sheet_hbond.range_2_label_seq_id 
_pdbx_struct_sheet_hbond.range_2_PDB_ins_code 
_pdbx_struct_sheet_hbond.range_2_auth_atom_id 
_pdbx_struct_sheet_hbond.range_2_auth_comp_id 
_pdbx_struct_sheet_hbond.range_2_auth_asym_id 
_pdbx_struct_sheet_hbond.range_2_auth_seq_id 
A 1 2 N LEU A 8   ? N LEU A 49  O MET A 176 ? O MET A 217 
A 2 3 O TYR A 177 ? O TYR A 218 N LYS A 59  ? N LYS A 100 
A 3 4 N VAL A 60  ? N VAL A 101 O PHE A 120 ? O PHE A 161 
B 1 2 N LEU A 8   ? N LEU A 49  O MET A 176 ? O MET A 217 
B 2 3 O TYR A 177 ? O TYR A 218 N LYS A 59  ? N LYS A 100 
B 3 4 N TYR A 55  ? N TYR A 96  O LEU A 144 ? O LEU A 185 
C 1 2 O LEU A 95  ? O LEU A 136 N TRP A 26  ? N TRP A 67  
C 2 3 N ALA A 27  ? N ALA A 68  O PHE A 161 ? O PHE A 202 
C 3 4 O GLY A 158 ? O GLY A 199 N ALA A 81  ? N ALA A 122 
C 4 5 N THR A 80  ? N THR A 121 O HIS A 107 ? O HIS A 148 
D 1 2 O LEU A 95  ? O LEU A 136 N TRP A 26  ? N TRP A 67  
D 2 3 N ALA A 27  ? N ALA A 68  O PHE A 161 ? O PHE A 202 
D 3 4 O VAL A 155 ? O VAL A 196 N LYS A 123 ? N LYS A 164 
# 
_pdbx_entry_details.entry_id                   3JCI 
_pdbx_entry_details.compound_details           ? 
_pdbx_entry_details.source_details             ? 
_pdbx_entry_details.nonpolymer_details         ? 
_pdbx_entry_details.sequence_details           ? 
_pdbx_entry_details.has_ligand_of_interest     ? 
_pdbx_entry_details.has_protein_modification   N 
# 
loop_
_pdbx_validate_torsion.id 
_pdbx_validate_torsion.PDB_model_num 
_pdbx_validate_torsion.auth_comp_id 
_pdbx_validate_torsion.auth_asym_id 
_pdbx_validate_torsion.auth_seq_id 
_pdbx_validate_torsion.PDB_ins_code 
_pdbx_validate_torsion.label_alt_id 
_pdbx_validate_torsion.phi 
_pdbx_validate_torsion.psi 
1 1 ASP A 172 ? ? 53.69  72.79   
2 1 THR A 189 ? ? -59.10 -76.31  
3 1 GLU A 223 ? ? 64.58  79.79   
4 1 PRO A 230 ? ? -68.48 -174.49 
# 
_pdbx_validate_peptide_omega.id               1 
_pdbx_validate_peptide_omega.PDB_model_num    1 
_pdbx_validate_peptide_omega.auth_comp_id_1   GLY 
_pdbx_validate_peptide_omega.auth_asym_id_1   A 
_pdbx_validate_peptide_omega.auth_seq_id_1    197 
_pdbx_validate_peptide_omega.PDB_ins_code_1   ? 
_pdbx_validate_peptide_omega.label_alt_id_1   ? 
_pdbx_validate_peptide_omega.auth_comp_id_2   LEU 
_pdbx_validate_peptide_omega.auth_asym_id_2   A 
_pdbx_validate_peptide_omega.auth_seq_id_2    198 
_pdbx_validate_peptide_omega.PDB_ins_code_2   ? 
_pdbx_validate_peptide_omega.label_alt_id_2   ? 
_pdbx_validate_peptide_omega.omega            -143.48 
# 
_pdbx_point_symmetry.entry_id             3JCI 
_pdbx_point_symmetry.Schoenflies_symbol   I 
_pdbx_point_symmetry.circular_symmetry    ? 
_pdbx_point_symmetry.H-M_notation         ? 
# 
_em_3d_fitting.id                1 
_em_3d_fitting.entry_id          3JCI 
_em_3d_fitting.ref_protocol      ? 
_em_3d_fitting.ref_space         ? 
_em_3d_fitting.overall_b_value   ? 
_em_3d_fitting.target_criteria   ? 
_em_3d_fitting.details           ? 
_em_3d_fitting.method            ? 
# 
_em_3d_reconstruction.entry_id                    3JCI 
_em_3d_reconstruction.id                          1 
_em_3d_reconstruction.resolution_method           'FSC 0.143 CUT-OFF' 
_em_3d_reconstruction.symmetry_type               POINT 
_em_3d_reconstruction.image_processing_id         1 
_em_3d_reconstruction.method                      'Projection matching' 
_em_3d_reconstruction.nominal_pixel_size          1.1 
_em_3d_reconstruction.actual_pixel_size           1.08 
_em_3d_reconstruction.resolution                  2.9 
_em_3d_reconstruction.magnification_calibration   ? 
_em_3d_reconstruction.details                     
;For 3D reconstruction, whole datasets were divided into even and odd halves and the initial de novo models and subsequent iterative refinements were all independently performed for each half dataset. Particles were selected from scanned micrograph images using e2boxer.py in EMAN2. The TEM instrument contrast transfer function parameters were determined automatically using fitctf2.py in JSPR and were then visually validated using the EMAN ctfit program. The datasets were then divided into two subsets (even and odd) and processed completely independently, including both de novo initial models and refinements. The images were first binned 4x to obtain initial models and particle parameters assuming icosahedral symmetry. De novo initial models were built using the random model approach. Random subsets of particles were assigned random initial orientations and iteratively refined until convergence. Multi-model competitive refinements were used to choose the winning model (with most assigned particles) as corrective initial models for subsequent refinement. Particles with inconsistent/unstable view parameters in the initial refinements were excluded in further image processing. The orientation and center parameters were then transferred to the un-binned images for high-resolution refinements which included Simplex method-based orientation/center optimization and grid search-based refinement of defocus, astigmatism, beam tilt, and overall and anisotropic magnification of the images. All image refinement and reconstructions were performed with JSPR software that was built on EMAN2 and EMAN library functions and programs. (Single particle details: The particles were selected using the e2boxer.py program in EMAN2. CTF parameters were determined using fitctf2.py in JSPR.) (Single particle--Applied symmetry: I)
;
_em_3d_reconstruction.num_particles               50352 
_em_3d_reconstruction.num_class_averages          ? 
_em_3d_reconstruction.algorithm                   ? 
# 
_em_buffer.id            1 
_em_buffer.specimen_id   1 
_em_buffer.name          PBS 
_em_buffer.pH            7.4 
_em_buffer.details       PBS 
# 
loop_
_em_entity_assembly.id 
_em_entity_assembly.name 
_em_entity_assembly.type 
_em_entity_assembly.parent_id 
_em_entity_assembly.synonym 
_em_entity_assembly.details 
_em_entity_assembly.oligomeric_details 
1 'Porcine circovirus PCV2 virus-like particles' VIRUS 0 ? ? ? 
2 'Porcine circovirus 2 (PCV2)'                  VIRUS 1 ? ? ? 
# 
_em_image_scans.entry_id                3JCI 
_em_image_scans.id                      1 
_em_image_scans.image_recording_id      1 
_em_image_scans.number_digital_images   141 
_em_image_scans.citation_id             ? 
_em_image_scans.od_range                ? 
_em_image_scans.quant_bit_size          ? 
_em_image_scans.sampling_size           ? 
_em_image_scans.scanner_model           ? 
_em_image_scans.details                 ? 
# 
_em_imaging.entry_id                        3JCI 
_em_imaging.id                              1 
_em_imaging.specimen_id                     1 
_em_imaging.date                            2011-02-22 
_em_imaging.temperature                     90 
_em_imaging.microscope_model                'FEI TITAN KRIOS' 
_em_imaging.nominal_defocus_min             200 
_em_imaging.nominal_defocus_max             2500 
_em_imaging.tilt_angle_min                  ? 
_em_imaging.tilt_angle_max                  ? 
_em_imaging.nominal_cs                      2.7 
_em_imaging.mode                            'BRIGHT FIELD' 
_em_imaging.illumination_mode               'FLOOD BEAM' 
_em_imaging.nominal_magnification           59000 
_em_imaging.calibrated_magnification        587963 
_em_imaging.electron_source                 'FIELD EMISSION GUN' 
_em_imaging.accelerating_voltage            300 
_em_imaging.details                         ? 
_em_imaging.specimen_holder_type            ? 
_em_imaging.specimen_holder_model           'FEI TITAN KRIOS AUTOGRID HOLDER' 
_em_imaging.recording_temperature_minimum   80 
_em_imaging.recording_temperature_maximum   100 
_em_imaging.detector_distance               ? 
_em_imaging.electron_beam_tilt_params       ? 
_em_imaging.astigmatism                     
'Objective lens astigmatism was corrected at 250,000 magnification using quadrupole stigmator.' 
_em_imaging.citation_id                     ? 
# 
_em_sample_support.id               1 
_em_sample_support.specimen_id      1 
_em_sample_support.details          '400-mesh holey carbon grids (1.2/1.3 C-flat, Protochips)' 
_em_sample_support.film_material    ? 
_em_sample_support.grid_material    ? 
_em_sample_support.grid_mesh_size   ? 
_em_sample_support.grid_type        ? 
_em_sample_support.method           ? 
# 
_em_virus_entity.id                    1 
_em_virus_entity.virus_host_category   VERTEBRATES 
_em_virus_entity.entity_assembly_id    1 
_em_virus_entity.virus_type            'VIRUS-LIKE PARTICLE' 
_em_virus_entity.virus_isolate         STRAIN 
_em_virus_entity.empty                 YES 
_em_virus_entity.enveloped             NO 
_em_virus_entity.details               ? 
# 
_em_vitrification.entry_id              3JCI 
_em_vitrification.id                    1 
_em_vitrification.details               'Blot for 5 seconds before plunging into liquid ethane (GATAN CRYOPLUNGE 3).' 
_em_vitrification.cryogen_name          ETHANE 
_em_vitrification.humidity              90 
_em_vitrification.temp                  85 
_em_vitrification.instrument            'GATAN CRYOPLUNGE 3' 
_em_vitrification.method                'Blot for 5 seconds before plunging' 
_em_vitrification.time_resolved_state   ? 
_em_vitrification.citation_id           ? 
_em_vitrification.specimen_id           1 
# 
_em_experiment.entry_id                3JCI 
_em_experiment.id                      1 
_em_experiment.aggregation_state       PARTICLE 
_em_experiment.entity_assembly_id      1 
_em_experiment.reconstruction_method   'SINGLE PARTICLE' 
# 
_em_single_particle_entity.entry_id              3JCI 
_em_single_particle_entity.id                    1 
_em_single_particle_entity.point_symmetry        I 
_em_single_particle_entity.image_processing_id   1 
# 
loop_
_chem_comp_atom.comp_id 
_chem_comp_atom.atom_id 
_chem_comp_atom.type_symbol 
_chem_comp_atom.pdbx_aromatic_flag 
_chem_comp_atom.pdbx_stereo_config 
_chem_comp_atom.pdbx_ordinal 
ALA N    N N N 1   
ALA CA   C N S 2   
ALA C    C N N 3   
ALA O    O N N 4   
ALA CB   C N N 5   
ALA OXT  O N N 6   
ALA H    H N N 7   
ALA H2   H N N 8   
ALA HA   H N N 9   
ALA HB1  H N N 10  
ALA HB2  H N N 11  
ALA HB3  H N N 12  
ALA HXT  H N N 13  
ARG N    N N N 14  
ARG CA   C N S 15  
ARG C    C N N 16  
ARG O    O N N 17  
ARG CB   C N N 18  
ARG CG   C N N 19  
ARG CD   C N N 20  
ARG NE   N N N 21  
ARG CZ   C N N 22  
ARG NH1  N N N 23  
ARG NH2  N N N 24  
ARG OXT  O N N 25  
ARG H    H N N 26  
ARG H2   H N N 27  
ARG HA   H N N 28  
ARG HB2  H N N 29  
ARG HB3  H N N 30  
ARG HG2  H N N 31  
ARG HG3  H N N 32  
ARG HD2  H N N 33  
ARG HD3  H N N 34  
ARG HE   H N N 35  
ARG HH11 H N N 36  
ARG HH12 H N N 37  
ARG HH21 H N N 38  
ARG HH22 H N N 39  
ARG HXT  H N N 40  
ASN N    N N N 41  
ASN CA   C N S 42  
ASN C    C N N 43  
ASN O    O N N 44  
ASN CB   C N N 45  
ASN CG   C N N 46  
ASN OD1  O N N 47  
ASN ND2  N N N 48  
ASN OXT  O N N 49  
ASN H    H N N 50  
ASN H2   H N N 51  
ASN HA   H N N 52  
ASN HB2  H N N 53  
ASN HB3  H N N 54  
ASN HD21 H N N 55  
ASN HD22 H N N 56  
ASN HXT  H N N 57  
ASP N    N N N 58  
ASP CA   C N S 59  
ASP C    C N N 60  
ASP O    O N N 61  
ASP CB   C N N 62  
ASP CG   C N N 63  
ASP OD1  O N N 64  
ASP OD2  O N N 65  
ASP OXT  O N N 66  
ASP H    H N N 67  
ASP H2   H N N 68  
ASP HA   H N N 69  
ASP HB2  H N N 70  
ASP HB3  H N N 71  
ASP HD2  H N N 72  
ASP HXT  H N N 73  
CYS N    N N N 74  
CYS CA   C N R 75  
CYS C    C N N 76  
CYS O    O N N 77  
CYS CB   C N N 78  
CYS SG   S N N 79  
CYS OXT  O N N 80  
CYS H    H N N 81  
CYS H2   H N N 82  
CYS HA   H N N 83  
CYS HB2  H N N 84  
CYS HB3  H N N 85  
CYS HG   H N N 86  
CYS HXT  H N N 87  
GLN N    N N N 88  
GLN CA   C N S 89  
GLN C    C N N 90  
GLN O    O N N 91  
GLN CB   C N N 92  
GLN CG   C N N 93  
GLN CD   C N N 94  
GLN OE1  O N N 95  
GLN NE2  N N N 96  
GLN OXT  O N N 97  
GLN H    H N N 98  
GLN H2   H N N 99  
GLN HA   H N N 100 
GLN HB2  H N N 101 
GLN HB3  H N N 102 
GLN HG2  H N N 103 
GLN HG3  H N N 104 
GLN HE21 H N N 105 
GLN HE22 H N N 106 
GLN HXT  H N N 107 
GLU N    N N N 108 
GLU CA   C N S 109 
GLU C    C N N 110 
GLU O    O N N 111 
GLU CB   C N N 112 
GLU CG   C N N 113 
GLU CD   C N N 114 
GLU OE1  O N N 115 
GLU OE2  O N N 116 
GLU OXT  O N N 117 
GLU H    H N N 118 
GLU H2   H N N 119 
GLU HA   H N N 120 
GLU HB2  H N N 121 
GLU HB3  H N N 122 
GLU HG2  H N N 123 
GLU HG3  H N N 124 
GLU HE2  H N N 125 
GLU HXT  H N N 126 
GLY N    N N N 127 
GLY CA   C N N 128 
GLY C    C N N 129 
GLY O    O N N 130 
GLY OXT  O N N 131 
GLY H    H N N 132 
GLY H2   H N N 133 
GLY HA2  H N N 134 
GLY HA3  H N N 135 
GLY HXT  H N N 136 
HIS N    N N N 137 
HIS CA   C N S 138 
HIS C    C N N 139 
HIS O    O N N 140 
HIS CB   C N N 141 
HIS CG   C Y N 142 
HIS ND1  N Y N 143 
HIS CD2  C Y N 144 
HIS CE1  C Y N 145 
HIS NE2  N Y N 146 
HIS OXT  O N N 147 
HIS H    H N N 148 
HIS H2   H N N 149 
HIS HA   H N N 150 
HIS HB2  H N N 151 
HIS HB3  H N N 152 
HIS HD1  H N N 153 
HIS HD2  H N N 154 
HIS HE1  H N N 155 
HIS HE2  H N N 156 
HIS HXT  H N N 157 
ILE N    N N N 158 
ILE CA   C N S 159 
ILE C    C N N 160 
ILE O    O N N 161 
ILE CB   C N S 162 
ILE CG1  C N N 163 
ILE CG2  C N N 164 
ILE CD1  C N N 165 
ILE OXT  O N N 166 
ILE H    H N N 167 
ILE H2   H N N 168 
ILE HA   H N N 169 
ILE HB   H N N 170 
ILE HG12 H N N 171 
ILE HG13 H N N 172 
ILE HG21 H N N 173 
ILE HG22 H N N 174 
ILE HG23 H N N 175 
ILE HD11 H N N 176 
ILE HD12 H N N 177 
ILE HD13 H N N 178 
ILE HXT  H N N 179 
LEU N    N N N 180 
LEU CA   C N S 181 
LEU C    C N N 182 
LEU O    O N N 183 
LEU CB   C N N 184 
LEU CG   C N N 185 
LEU CD1  C N N 186 
LEU CD2  C N N 187 
LEU OXT  O N N 188 
LEU H    H N N 189 
LEU H2   H N N 190 
LEU HA   H N N 191 
LEU HB2  H N N 192 
LEU HB3  H N N 193 
LEU HG   H N N 194 
LEU HD11 H N N 195 
LEU HD12 H N N 196 
LEU HD13 H N N 197 
LEU HD21 H N N 198 
LEU HD22 H N N 199 
LEU HD23 H N N 200 
LEU HXT  H N N 201 
LYS N    N N N 202 
LYS CA   C N S 203 
LYS C    C N N 204 
LYS O    O N N 205 
LYS CB   C N N 206 
LYS CG   C N N 207 
LYS CD   C N N 208 
LYS CE   C N N 209 
LYS NZ   N N N 210 
LYS OXT  O N N 211 
LYS H    H N N 212 
LYS H2   H N N 213 
LYS HA   H N N 214 
LYS HB2  H N N 215 
LYS HB3  H N N 216 
LYS HG2  H N N 217 
LYS HG3  H N N 218 
LYS HD2  H N N 219 
LYS HD3  H N N 220 
LYS HE2  H N N 221 
LYS HE3  H N N 222 
LYS HZ1  H N N 223 
LYS HZ2  H N N 224 
LYS HZ3  H N N 225 
LYS HXT  H N N 226 
MET N    N N N 227 
MET CA   C N S 228 
MET C    C N N 229 
MET O    O N N 230 
MET CB   C N N 231 
MET CG   C N N 232 
MET SD   S N N 233 
MET CE   C N N 234 
MET OXT  O N N 235 
MET H    H N N 236 
MET H2   H N N 237 
MET HA   H N N 238 
MET HB2  H N N 239 
MET HB3  H N N 240 
MET HG2  H N N 241 
MET HG3  H N N 242 
MET HE1  H N N 243 
MET HE2  H N N 244 
MET HE3  H N N 245 
MET HXT  H N N 246 
PHE N    N N N 247 
PHE CA   C N S 248 
PHE C    C N N 249 
PHE O    O N N 250 
PHE CB   C N N 251 
PHE CG   C Y N 252 
PHE CD1  C Y N 253 
PHE CD2  C Y N 254 
PHE CE1  C Y N 255 
PHE CE2  C Y N 256 
PHE CZ   C Y N 257 
PHE OXT  O N N 258 
PHE H    H N N 259 
PHE H2   H N N 260 
PHE HA   H N N 261 
PHE HB2  H N N 262 
PHE HB3  H N N 263 
PHE HD1  H N N 264 
PHE HD2  H N N 265 
PHE HE1  H N N 266 
PHE HE2  H N N 267 
PHE HZ   H N N 268 
PHE HXT  H N N 269 
PRO N    N N N 270 
PRO CA   C N S 271 
PRO C    C N N 272 
PRO O    O N N 273 
PRO CB   C N N 274 
PRO CG   C N N 275 
PRO CD   C N N 276 
PRO OXT  O N N 277 
PRO H    H N N 278 
PRO HA   H N N 279 
PRO HB2  H N N 280 
PRO HB3  H N N 281 
PRO HG2  H N N 282 
PRO HG3  H N N 283 
PRO HD2  H N N 284 
PRO HD3  H N N 285 
PRO HXT  H N N 286 
SER N    N N N 287 
SER CA   C N S 288 
SER C    C N N 289 
SER O    O N N 290 
SER CB   C N N 291 
SER OG   O N N 292 
SER OXT  O N N 293 
SER H    H N N 294 
SER H2   H N N 295 
SER HA   H N N 296 
SER HB2  H N N 297 
SER HB3  H N N 298 
SER HG   H N N 299 
SER HXT  H N N 300 
THR N    N N N 301 
THR CA   C N S 302 
THR C    C N N 303 
THR O    O N N 304 
THR CB   C N R 305 
THR OG1  O N N 306 
THR CG2  C N N 307 
THR OXT  O N N 308 
THR H    H N N 309 
THR H2   H N N 310 
THR HA   H N N 311 
THR HB   H N N 312 
THR HG1  H N N 313 
THR HG21 H N N 314 
THR HG22 H N N 315 
THR HG23 H N N 316 
THR HXT  H N N 317 
TRP N    N N N 318 
TRP CA   C N S 319 
TRP C    C N N 320 
TRP O    O N N 321 
TRP CB   C N N 322 
TRP CG   C Y N 323 
TRP CD1  C Y N 324 
TRP CD2  C Y N 325 
TRP NE1  N Y N 326 
TRP CE2  C Y N 327 
TRP CE3  C Y N 328 
TRP CZ2  C Y N 329 
TRP CZ3  C Y N 330 
TRP CH2  C Y N 331 
TRP OXT  O N N 332 
TRP H    H N N 333 
TRP H2   H N N 334 
TRP HA   H N N 335 
TRP HB2  H N N 336 
TRP HB3  H N N 337 
TRP HD1  H N N 338 
TRP HE1  H N N 339 
TRP HE3  H N N 340 
TRP HZ2  H N N 341 
TRP HZ3  H N N 342 
TRP HH2  H N N 343 
TRP HXT  H N N 344 
TYR N    N N N 345 
TYR CA   C N S 346 
TYR C    C N N 347 
TYR O    O N N 348 
TYR CB   C N N 349 
TYR CG   C Y N 350 
TYR CD1  C Y N 351 
TYR CD2  C Y N 352 
TYR CE1  C Y N 353 
TYR CE2  C Y N 354 
TYR CZ   C Y N 355 
TYR OH   O N N 356 
TYR OXT  O N N 357 
TYR H    H N N 358 
TYR H2   H N N 359 
TYR HA   H N N 360 
TYR HB2  H N N 361 
TYR HB3  H N N 362 
TYR HD1  H N N 363 
TYR HD2  H N N 364 
TYR HE1  H N N 365 
TYR HE2  H N N 366 
TYR HH   H N N 367 
TYR HXT  H N N 368 
VAL N    N N N 369 
VAL CA   C N S 370 
VAL C    C N N 371 
VAL O    O N N 372 
VAL CB   C N N 373 
VAL CG1  C N N 374 
VAL CG2  C N N 375 
VAL OXT  O N N 376 
VAL H    H N N 377 
VAL H2   H N N 378 
VAL HA   H N N 379 
VAL HB   H N N 380 
VAL HG11 H N N 381 
VAL HG12 H N N 382 
VAL HG13 H N N 383 
VAL HG21 H N N 384 
VAL HG22 H N N 385 
VAL HG23 H N N 386 
VAL HXT  H N N 387 
# 
loop_
_chem_comp_bond.comp_id 
_chem_comp_bond.atom_id_1 
_chem_comp_bond.atom_id_2 
_chem_comp_bond.value_order 
_chem_comp_bond.pdbx_aromatic_flag 
_chem_comp_bond.pdbx_stereo_config 
_chem_comp_bond.pdbx_ordinal 
ALA N   CA   sing N N 1   
ALA N   H    sing N N 2   
ALA N   H2   sing N N 3   
ALA CA  C    sing N N 4   
ALA CA  CB   sing N N 5   
ALA CA  HA   sing N N 6   
ALA C   O    doub N N 7   
ALA C   OXT  sing N N 8   
ALA CB  HB1  sing N N 9   
ALA CB  HB2  sing N N 10  
ALA CB  HB3  sing N N 11  
ALA OXT HXT  sing N N 12  
ARG N   CA   sing N N 13  
ARG N   H    sing N N 14  
ARG N   H2   sing N N 15  
ARG CA  C    sing N N 16  
ARG CA  CB   sing N N 17  
ARG CA  HA   sing N N 18  
ARG C   O    doub N N 19  
ARG C   OXT  sing N N 20  
ARG CB  CG   sing N N 21  
ARG CB  HB2  sing N N 22  
ARG CB  HB3  sing N N 23  
ARG CG  CD   sing N N 24  
ARG CG  HG2  sing N N 25  
ARG CG  HG3  sing N N 26  
ARG CD  NE   sing N N 27  
ARG CD  HD2  sing N N 28  
ARG CD  HD3  sing N N 29  
ARG NE  CZ   sing N N 30  
ARG NE  HE   sing N N 31  
ARG CZ  NH1  sing N N 32  
ARG CZ  NH2  doub N N 33  
ARG NH1 HH11 sing N N 34  
ARG NH1 HH12 sing N N 35  
ARG NH2 HH21 sing N N 36  
ARG NH2 HH22 sing N N 37  
ARG OXT HXT  sing N N 38  
ASN N   CA   sing N N 39  
ASN N   H    sing N N 40  
ASN N   H2   sing N N 41  
ASN CA  C    sing N N 42  
ASN CA  CB   sing N N 43  
ASN CA  HA   sing N N 44  
ASN C   O    doub N N 45  
ASN C   OXT  sing N N 46  
ASN CB  CG   sing N N 47  
ASN CB  HB2  sing N N 48  
ASN CB  HB3  sing N N 49  
ASN CG  OD1  doub N N 50  
ASN CG  ND2  sing N N 51  
ASN ND2 HD21 sing N N 52  
ASN ND2 HD22 sing N N 53  
ASN OXT HXT  sing N N 54  
ASP N   CA   sing N N 55  
ASP N   H    sing N N 56  
ASP N   H2   sing N N 57  
ASP CA  C    sing N N 58  
ASP CA  CB   sing N N 59  
ASP CA  HA   sing N N 60  
ASP C   O    doub N N 61  
ASP C   OXT  sing N N 62  
ASP CB  CG   sing N N 63  
ASP CB  HB2  sing N N 64  
ASP CB  HB3  sing N N 65  
ASP CG  OD1  doub N N 66  
ASP CG  OD2  sing N N 67  
ASP OD2 HD2  sing N N 68  
ASP OXT HXT  sing N N 69  
CYS N   CA   sing N N 70  
CYS N   H    sing N N 71  
CYS N   H2   sing N N 72  
CYS CA  C    sing N N 73  
CYS CA  CB   sing N N 74  
CYS CA  HA   sing N N 75  
CYS C   O    doub N N 76  
CYS C   OXT  sing N N 77  
CYS CB  SG   sing N N 78  
CYS CB  HB2  sing N N 79  
CYS CB  HB3  sing N N 80  
CYS SG  HG   sing N N 81  
CYS OXT HXT  sing N N 82  
GLN N   CA   sing N N 83  
GLN N   H    sing N N 84  
GLN N   H2   sing N N 85  
GLN CA  C    sing N N 86  
GLN CA  CB   sing N N 87  
GLN CA  HA   sing N N 88  
GLN C   O    doub N N 89  
GLN C   OXT  sing N N 90  
GLN CB  CG   sing N N 91  
GLN CB  HB2  sing N N 92  
GLN CB  HB3  sing N N 93  
GLN CG  CD   sing N N 94  
GLN CG  HG2  sing N N 95  
GLN CG  HG3  sing N N 96  
GLN CD  OE1  doub N N 97  
GLN CD  NE2  sing N N 98  
GLN NE2 HE21 sing N N 99  
GLN NE2 HE22 sing N N 100 
GLN OXT HXT  sing N N 101 
GLU N   CA   sing N N 102 
GLU N   H    sing N N 103 
GLU N   H2   sing N N 104 
GLU CA  C    sing N N 105 
GLU CA  CB   sing N N 106 
GLU CA  HA   sing N N 107 
GLU C   O    doub N N 108 
GLU C   OXT  sing N N 109 
GLU CB  CG   sing N N 110 
GLU CB  HB2  sing N N 111 
GLU CB  HB3  sing N N 112 
GLU CG  CD   sing N N 113 
GLU CG  HG2  sing N N 114 
GLU CG  HG3  sing N N 115 
GLU CD  OE1  doub N N 116 
GLU CD  OE2  sing N N 117 
GLU OE2 HE2  sing N N 118 
GLU OXT HXT  sing N N 119 
GLY N   CA   sing N N 120 
GLY N   H    sing N N 121 
GLY N   H2   sing N N 122 
GLY CA  C    sing N N 123 
GLY CA  HA2  sing N N 124 
GLY CA  HA3  sing N N 125 
GLY C   O    doub N N 126 
GLY C   OXT  sing N N 127 
GLY OXT HXT  sing N N 128 
HIS N   CA   sing N N 129 
HIS N   H    sing N N 130 
HIS N   H2   sing N N 131 
HIS CA  C    sing N N 132 
HIS CA  CB   sing N N 133 
HIS CA  HA   sing N N 134 
HIS C   O    doub N N 135 
HIS C   OXT  sing N N 136 
HIS CB  CG   sing N N 137 
HIS CB  HB2  sing N N 138 
HIS CB  HB3  sing N N 139 
HIS CG  ND1  sing Y N 140 
HIS CG  CD2  doub Y N 141 
HIS ND1 CE1  doub Y N 142 
HIS ND1 HD1  sing N N 143 
HIS CD2 NE2  sing Y N 144 
HIS CD2 HD2  sing N N 145 
HIS CE1 NE2  sing Y N 146 
HIS CE1 HE1  sing N N 147 
HIS NE2 HE2  sing N N 148 
HIS OXT HXT  sing N N 149 
ILE N   CA   sing N N 150 
ILE N   H    sing N N 151 
ILE N   H2   sing N N 152 
ILE CA  C    sing N N 153 
ILE CA  CB   sing N N 154 
ILE CA  HA   sing N N 155 
ILE C   O    doub N N 156 
ILE C   OXT  sing N N 157 
ILE CB  CG1  sing N N 158 
ILE CB  CG2  sing N N 159 
ILE CB  HB   sing N N 160 
ILE CG1 CD1  sing N N 161 
ILE CG1 HG12 sing N N 162 
ILE CG1 HG13 sing N N 163 
ILE CG2 HG21 sing N N 164 
ILE CG2 HG22 sing N N 165 
ILE CG2 HG23 sing N N 166 
ILE CD1 HD11 sing N N 167 
ILE CD1 HD12 sing N N 168 
ILE CD1 HD13 sing N N 169 
ILE OXT HXT  sing N N 170 
LEU N   CA   sing N N 171 
LEU N   H    sing N N 172 
LEU N   H2   sing N N 173 
LEU CA  C    sing N N 174 
LEU CA  CB   sing N N 175 
LEU CA  HA   sing N N 176 
LEU C   O    doub N N 177 
LEU C   OXT  sing N N 178 
LEU CB  CG   sing N N 179 
LEU CB  HB2  sing N N 180 
LEU CB  HB3  sing N N 181 
LEU CG  CD1  sing N N 182 
LEU CG  CD2  sing N N 183 
LEU CG  HG   sing N N 184 
LEU CD1 HD11 sing N N 185 
LEU CD1 HD12 sing N N 186 
LEU CD1 HD13 sing N N 187 
LEU CD2 HD21 sing N N 188 
LEU CD2 HD22 sing N N 189 
LEU CD2 HD23 sing N N 190 
LEU OXT HXT  sing N N 191 
LYS N   CA   sing N N 192 
LYS N   H    sing N N 193 
LYS N   H2   sing N N 194 
LYS CA  C    sing N N 195 
LYS CA  CB   sing N N 196 
LYS CA  HA   sing N N 197 
LYS C   O    doub N N 198 
LYS C   OXT  sing N N 199 
LYS CB  CG   sing N N 200 
LYS CB  HB2  sing N N 201 
LYS CB  HB3  sing N N 202 
LYS CG  CD   sing N N 203 
LYS CG  HG2  sing N N 204 
LYS CG  HG3  sing N N 205 
LYS CD  CE   sing N N 206 
LYS CD  HD2  sing N N 207 
LYS CD  HD3  sing N N 208 
LYS CE  NZ   sing N N 209 
LYS CE  HE2  sing N N 210 
LYS CE  HE3  sing N N 211 
LYS NZ  HZ1  sing N N 212 
LYS NZ  HZ2  sing N N 213 
LYS NZ  HZ3  sing N N 214 
LYS OXT HXT  sing N N 215 
MET N   CA   sing N N 216 
MET N   H    sing N N 217 
MET N   H2   sing N N 218 
MET CA  C    sing N N 219 
MET CA  CB   sing N N 220 
MET CA  HA   sing N N 221 
MET C   O    doub N N 222 
MET C   OXT  sing N N 223 
MET CB  CG   sing N N 224 
MET CB  HB2  sing N N 225 
MET CB  HB3  sing N N 226 
MET CG  SD   sing N N 227 
MET CG  HG2  sing N N 228 
MET CG  HG3  sing N N 229 
MET SD  CE   sing N N 230 
MET CE  HE1  sing N N 231 
MET CE  HE2  sing N N 232 
MET CE  HE3  sing N N 233 
MET OXT HXT  sing N N 234 
PHE N   CA   sing N N 235 
PHE N   H    sing N N 236 
PHE N   H2   sing N N 237 
PHE CA  C    sing N N 238 
PHE CA  CB   sing N N 239 
PHE CA  HA   sing N N 240 
PHE C   O    doub N N 241 
PHE C   OXT  sing N N 242 
PHE CB  CG   sing N N 243 
PHE CB  HB2  sing N N 244 
PHE CB  HB3  sing N N 245 
PHE CG  CD1  doub Y N 246 
PHE CG  CD2  sing Y N 247 
PHE CD1 CE1  sing Y N 248 
PHE CD1 HD1  sing N N 249 
PHE CD2 CE2  doub Y N 250 
PHE CD2 HD2  sing N N 251 
PHE CE1 CZ   doub Y N 252 
PHE CE1 HE1  sing N N 253 
PHE CE2 CZ   sing Y N 254 
PHE CE2 HE2  sing N N 255 
PHE CZ  HZ   sing N N 256 
PHE OXT HXT  sing N N 257 
PRO N   CA   sing N N 258 
PRO N   CD   sing N N 259 
PRO N   H    sing N N 260 
PRO CA  C    sing N N 261 
PRO CA  CB   sing N N 262 
PRO CA  HA   sing N N 263 
PRO C   O    doub N N 264 
PRO C   OXT  sing N N 265 
PRO CB  CG   sing N N 266 
PRO CB  HB2  sing N N 267 
PRO CB  HB3  sing N N 268 
PRO CG  CD   sing N N 269 
PRO CG  HG2  sing N N 270 
PRO CG  HG3  sing N N 271 
PRO CD  HD2  sing N N 272 
PRO CD  HD3  sing N N 273 
PRO OXT HXT  sing N N 274 
SER N   CA   sing N N 275 
SER N   H    sing N N 276 
SER N   H2   sing N N 277 
SER CA  C    sing N N 278 
SER CA  CB   sing N N 279 
SER CA  HA   sing N N 280 
SER C   O    doub N N 281 
SER C   OXT  sing N N 282 
SER CB  OG   sing N N 283 
SER CB  HB2  sing N N 284 
SER CB  HB3  sing N N 285 
SER OG  HG   sing N N 286 
SER OXT HXT  sing N N 287 
THR N   CA   sing N N 288 
THR N   H    sing N N 289 
THR N   H2   sing N N 290 
THR CA  C    sing N N 291 
THR CA  CB   sing N N 292 
THR CA  HA   sing N N 293 
THR C   O    doub N N 294 
THR C   OXT  sing N N 295 
THR CB  OG1  sing N N 296 
THR CB  CG2  sing N N 297 
THR CB  HB   sing N N 298 
THR OG1 HG1  sing N N 299 
THR CG2 HG21 sing N N 300 
THR CG2 HG22 sing N N 301 
THR CG2 HG23 sing N N 302 
THR OXT HXT  sing N N 303 
TRP N   CA   sing N N 304 
TRP N   H    sing N N 305 
TRP N   H2   sing N N 306 
TRP CA  C    sing N N 307 
TRP CA  CB   sing N N 308 
TRP CA  HA   sing N N 309 
TRP C   O    doub N N 310 
TRP C   OXT  sing N N 311 
TRP CB  CG   sing N N 312 
TRP CB  HB2  sing N N 313 
TRP CB  HB3  sing N N 314 
TRP CG  CD1  doub Y N 315 
TRP CG  CD2  sing Y N 316 
TRP CD1 NE1  sing Y N 317 
TRP CD1 HD1  sing N N 318 
TRP CD2 CE2  doub Y N 319 
TRP CD2 CE3  sing Y N 320 
TRP NE1 CE2  sing Y N 321 
TRP NE1 HE1  sing N N 322 
TRP CE2 CZ2  sing Y N 323 
TRP CE3 CZ3  doub Y N 324 
TRP CE3 HE3  sing N N 325 
TRP CZ2 CH2  doub Y N 326 
TRP CZ2 HZ2  sing N N 327 
TRP CZ3 CH2  sing Y N 328 
TRP CZ3 HZ3  sing N N 329 
TRP CH2 HH2  sing N N 330 
TRP OXT HXT  sing N N 331 
TYR N   CA   sing N N 332 
TYR N   H    sing N N 333 
TYR N   H2   sing N N 334 
TYR CA  C    sing N N 335 
TYR CA  CB   sing N N 336 
TYR CA  HA   sing N N 337 
TYR C   O    doub N N 338 
TYR C   OXT  sing N N 339 
TYR CB  CG   sing N N 340 
TYR CB  HB2  sing N N 341 
TYR CB  HB3  sing N N 342 
TYR CG  CD1  doub Y N 343 
TYR CG  CD2  sing Y N 344 
TYR CD1 CE1  sing Y N 345 
TYR CD1 HD1  sing N N 346 
TYR CD2 CE2  doub Y N 347 
TYR CD2 HD2  sing N N 348 
TYR CE1 CZ   doub Y N 349 
TYR CE1 HE1  sing N N 350 
TYR CE2 CZ   sing Y N 351 
TYR CE2 HE2  sing N N 352 
TYR CZ  OH   sing N N 353 
TYR OH  HH   sing N N 354 
TYR OXT HXT  sing N N 355 
VAL N   CA   sing N N 356 
VAL N   H    sing N N 357 
VAL N   H2   sing N N 358 
VAL CA  C    sing N N 359 
VAL CA  CB   sing N N 360 
VAL CA  HA   sing N N 361 
VAL C   O    doub N N 362 
VAL C   OXT  sing N N 363 
VAL CB  CG1  sing N N 364 
VAL CB  CG2  sing N N 365 
VAL CB  HB   sing N N 366 
VAL CG1 HG11 sing N N 367 
VAL CG1 HG12 sing N N 368 
VAL CG1 HG13 sing N N 369 
VAL CG2 HG21 sing N N 370 
VAL CG2 HG22 sing N N 371 
VAL CG2 HG23 sing N N 372 
VAL OXT HXT  sing N N 373 
# 
_em_ctf_correction.id        1 
_em_ctf_correction.details   'Each particle' 
_em_ctf_correction.type      . 
# 
_em_entity_assembly_molwt.entity_assembly_id   1 
_em_entity_assembly_molwt.id                   1 
_em_entity_assembly_molwt.experimental_flag    NO 
_em_entity_assembly_molwt.value                1.67 
_em_entity_assembly_molwt.units                MEGADALTONS 
# 
_em_image_processing.id                   1 
_em_image_processing.image_recording_id   1 
_em_image_processing.details              ? 
# 
_em_image_recording.avg_electron_dose_per_image   25 
_em_image_recording.details                       ? 
_em_image_recording.id                            1 
_em_image_recording.film_or_detector_model        'KODAK SO-163 FILM' 
_em_image_recording.imaging_id                    1 
_em_image_recording.detector_mode                 ? 
_em_image_recording.average_exposure_time         ? 
_em_image_recording.num_diffraction_images        ? 
_em_image_recording.num_grids_imaged              ? 
_em_image_recording.num_real_images               ? 
# 
loop_
_em_software.id 
_em_software.name 
_em_software.version 
_em_software.category 
_em_software.details 
_em_software.image_processing_id 
1 EMAN   2 RECONSTRUCTION     ? 1 
2 jspr   ? RECONSTRUCTION     ? 1 
3 PHENIX ? 'MODEL REFINEMENT' ? ? 
# 
_em_specimen.experiment_id           1 
_em_specimen.id                      1 
_em_specimen.concentration           3 
_em_specimen.vitrification_applied   YES 
_em_specimen.staining_applied        NO 
_em_specimen.embedding_applied       NO 
_em_specimen.shadowing_applied       NO 
_em_specimen.details                 ? 
# 
_em_virus_natural_host.entity_assembly_id   1 
_em_virus_natural_host.id                   1 
_em_virus_natural_host.ncbi_tax_id          9823 
_em_virus_natural_host.organism             'Sus scrofa' 
_em_virus_natural_host.strain               ? 
# 
_atom_sites.entry_id                    3JCI 
_atom_sites.fract_transf_matrix[1][1]   1.000000 
_atom_sites.fract_transf_matrix[1][2]   0.000000 
_atom_sites.fract_transf_matrix[1][3]   0.000000 
_atom_sites.fract_transf_matrix[2][1]   0.000000 
_atom_sites.fract_transf_matrix[2][2]   1.000000 
_atom_sites.fract_transf_matrix[2][3]   0.000000 
_atom_sites.fract_transf_matrix[3][1]   0.000000 
_atom_sites.fract_transf_matrix[3][2]   0.000000 
_atom_sites.fract_transf_matrix[3][3]   1.000000 
_atom_sites.fract_transf_vector[1]      0.00000 
_atom_sites.fract_transf_vector[2]      0.00000 
_atom_sites.fract_transf_vector[3]      0.00000 
# 
loop_
_atom_type.symbol 
C 
N 
O 
S 
# 
loop_
_atom_site.group_PDB 
_atom_site.id 
_atom_site.type_symbol 
_atom_site.label_atom_id 
_atom_site.label_alt_id 
_atom_site.label_comp_id 
_atom_site.label_asym_id 
_atom_site.label_entity_id 
_atom_site.label_seq_id 
_atom_site.pdbx_PDB_ins_code 
_atom_site.Cartn_x 
_atom_site.Cartn_y 
_atom_site.Cartn_z 
_atom_site.occupancy 
_atom_site.B_iso_or_equiv 
_atom_site.pdbx_formal_charge 
_atom_site.auth_seq_id 
_atom_site.auth_comp_id 
_atom_site.auth_asym_id 
_atom_site.auth_atom_id 
_atom_site.pdbx_PDB_model_num 
ATOM 1    N N   . ASN A 1 1   ? 2.928   -30.067 3.355   1.00 77.94 ? 42  ASN A N   1 
ATOM 2    C CA  . ASN A 1 1   ? 3.345   -28.876 2.627   1.00 72.50 ? 42  ASN A CA  1 
ATOM 3    C C   . ASN A 1 1   ? 2.585   -27.659 3.123   1.00 68.40 ? 42  ASN A C   1 
ATOM 4    O O   . ASN A 1 1   ? 1.535   -27.320 2.586   1.00 69.01 ? 42  ASN A O   1 
ATOM 5    C CB  . ASN A 1 1   ? 3.119   -29.048 1.126   1.00 72.20 ? 42  ASN A CB  1 
ATOM 6    C CG  . ASN A 1 1   ? 3.770   -27.950 0.312   1.00 71.97 ? 42  ASN A CG  1 
ATOM 7    O OD1 . ASN A 1 1   ? 4.827   -27.438 0.675   1.00 72.11 ? 42  ASN A OD1 1 
ATOM 8    N ND2 . ASN A 1 1   ? 3.131   -27.572 -0.787  1.00 71.02 ? 42  ASN A ND2 1 
ATOM 9    N N   . GLY A 1 2   ? 3.123   -26.998 4.142   1.00 61.80 ? 43  GLY A N   1 
ATOM 10   C CA  . GLY A 1 2   ? 2.428   -25.899 4.775   1.00 53.23 ? 43  GLY A CA  1 
ATOM 11   C C   . GLY A 1 2   ? 2.126   -24.733 3.865   1.00 47.47 ? 43  GLY A C   1 
ATOM 12   O O   . GLY A 1 2   ? 1.181   -23.983 4.112   1.00 48.59 ? 43  GLY A O   1 
ATOM 13   N N   . ILE A 1 3   ? 2.904   -24.578 2.807   1.00 40.54 ? 44  ILE A N   1 
ATOM 14   C CA  . ILE A 1 3   ? 2.860   -23.388 1.969   1.00 33.02 ? 44  ILE A CA  1 
ATOM 15   C C   . ILE A 1 3   ? 1.477   -23.233 1.361   1.00 30.66 ? 44  ILE A C   1 
ATOM 16   O O   . ILE A 1 3   ? 0.972   -24.140 0.691   1.00 31.28 ? 44  ILE A O   1 
ATOM 17   C CB  . ILE A 1 3   ? 3.932   -23.448 0.872   1.00 30.52 ? 44  ILE A CB  1 
ATOM 18   C CG1 . ILE A 1 3   ? 5.315   -23.623 1.491   1.00 28.31 ? 44  ILE A CG1 1 
ATOM 19   C CG2 . ILE A 1 3   ? 3.864   -22.214 0.026   1.00 28.60 ? 44  ILE A CG2 1 
ATOM 20   C CD1 . ILE A 1 3   ? 5.702   -22.541 2.439   1.00 28.26 ? 44  ILE A CD1 1 
ATOM 21   N N   . PHE A 1 4   ? 0.866   -22.077 1.596   1.00 27.28 ? 45  PHE A N   1 
ATOM 22   C CA  . PHE A 1 4   ? -0.444  -21.757 1.049   1.00 24.86 ? 45  PHE A CA  1 
ATOM 23   C C   . PHE A 1 4   ? -0.453  -20.324 0.552   1.00 23.94 ? 45  PHE A C   1 
ATOM 24   O O   . PHE A 1 4   ? -0.304  -19.394 1.344   1.00 23.66 ? 45  PHE A O   1 
ATOM 25   C CB  . PHE A 1 4   ? -1.537  -21.966 2.092   1.00 24.01 ? 45  PHE A CB  1 
ATOM 26   C CG  . PHE A 1 4   ? -2.851  -21.403 1.694   1.00 23.38 ? 45  PHE A CG  1 
ATOM 27   C CD1 . PHE A 1 4   ? -3.598  -21.992 0.703   1.00 23.51 ? 45  PHE A CD1 1 
ATOM 28   C CD2 . PHE A 1 4   ? -3.364  -20.311 2.343   1.00 23.24 ? 45  PHE A CD2 1 
ATOM 29   C CE1 . PHE A 1 4   ? -4.811  -21.468 0.341   1.00 23.71 ? 45  PHE A CE1 1 
ATOM 30   C CE2 . PHE A 1 4   ? -4.577  -19.792 1.989   1.00 23.13 ? 45  PHE A CE2 1 
ATOM 31   C CZ  . PHE A 1 4   ? -5.299  -20.372 0.992   1.00 23.61 ? 45  PHE A CZ  1 
ATOM 32   N N   . ASN A 1 5   ? -0.677  -20.150 -0.739  1.00 23.09 ? 46  ASN A N   1 
ATOM 33   C CA  . ASN A 1 5   ? -0.655  -18.844 -1.374  1.00 22.82 ? 46  ASN A CA  1 
ATOM 34   C C   . ASN A 1 5   ? -2.068  -18.302 -1.489  1.00 23.00 ? 46  ASN A C   1 
ATOM 35   O O   . ASN A 1 5   ? -2.879  -18.845 -2.240  1.00 24.51 ? 46  ASN A O   1 
ATOM 36   C CB  . ASN A 1 5   ? -0.034  -18.940 -2.760  1.00 23.98 ? 46  ASN A CB  1 
ATOM 37   C CG  . ASN A 1 5   ? 1.409   -19.306 -2.715  1.00 26.43 ? 46  ASN A CG  1 
ATOM 38   O OD1 . ASN A 1 5   ? 2.264   -18.463 -2.476  1.00 29.64 ? 46  ASN A OD1 1 
ATOM 39   N ND2 . ASN A 1 5   ? 1.700   -20.581 -2.916  1.00 28.22 ? 46  ASN A ND2 1 
ATOM 40   N N   . THR A 1 6   ? -2.358  -17.225 -0.771  1.00 22.90 ? 47  THR A N   1 
ATOM 41   C CA  . THR A 1 6   ? -3.683  -16.635 -0.858  1.00 24.13 ? 47  THR A CA  1 
ATOM 42   C C   . THR A 1 6   ? -3.580  -15.170 -1.244  1.00 21.94 ? 47  THR A C   1 
ATOM 43   O O   . THR A 1 6   ? -2.494  -14.624 -1.441  1.00 22.09 ? 47  THR A O   1 
ATOM 44   C CB  . THR A 1 6   ? -4.453  -16.748 0.451   1.00 27.59 ? 47  THR A CB  1 
ATOM 45   O OG1 . THR A 1 6   ? -5.809  -16.351 0.226   1.00 30.47 ? 47  THR A OG1 1 
ATOM 46   C CG2 . THR A 1 6   ? -3.857  -15.830 1.481   1.00 27.85 ? 47  THR A CG2 1 
ATOM 47   N N   . ARG A 1 7   ? -4.742  -14.535 -1.313  1.00 20.28 ? 48  ARG A N   1 
ATOM 48   C CA  . ARG A 1 7   ? -4.887  -13.149 -1.709  1.00 19.09 ? 48  ARG A CA  1 
ATOM 49   C C   . ARG A 1 7   ? -5.770  -12.460 -0.681  1.00 18.34 ? 48  ARG A C   1 
ATOM 50   O O   . ARG A 1 7   ? -6.847  -12.965 -0.358  1.00 19.59 ? 48  ARG A O   1 
ATOM 51   C CB  . ARG A 1 7   ? -5.508  -13.076 -3.091  1.00 20.09 ? 48  ARG A CB  1 
ATOM 52   C CG  . ARG A 1 7   ? -5.571  -11.727 -3.674  1.00 25.26 ? 48  ARG A CG  1 
ATOM 53   C CD  . ARG A 1 7   ? -6.416  -11.738 -4.920  1.00 28.12 ? 48  ARG A CD  1 
ATOM 54   N NE  . ARG A 1 7   ? -7.797  -12.066 -4.596  1.00 31.89 ? 48  ARG A NE  1 
ATOM 55   C CZ  . ARG A 1 7   ? -8.717  -12.404 -5.489  1.00 33.68 ? 48  ARG A CZ  1 
ATOM 56   N NH1 . ARG A 1 7   ? -8.406  -12.453 -6.773  1.00 34.96 ? 48  ARG A NH1 1 
ATOM 57   N NH2 . ARG A 1 7   ? -9.946  -12.689 -5.096  1.00 32.15 ? 48  ARG A NH2 1 
ATOM 58   N N   . LEU A 1 8   ? -5.314  -11.324 -0.160  1.00 16.69 ? 49  LEU A N   1 
ATOM 59   C CA  . LEU A 1 8   ? -6.027  -10.596 0.881   1.00 15.60 ? 49  LEU A CA  1 
ATOM 60   C C   . LEU A 1 8   ? -6.221  -9.157  0.443   1.00 16.13 ? 49  LEU A C   1 
ATOM 61   O O   . LEU A 1 8   ? -5.384  -8.615  -0.278  1.00 16.96 ? 49  LEU A O   1 
ATOM 62   C CB  . LEU A 1 8   ? -5.264  -10.629 2.189   1.00 14.58 ? 49  LEU A CB  1 
ATOM 63   C CG  . LEU A 1 8   ? -5.044  -12.004 2.792   1.00 14.67 ? 49  LEU A CG  1 
ATOM 64   C CD1 . LEU A 1 8   ? -4.193  -11.866 4.018   1.00 13.92 ? 49  LEU A CD1 1 
ATOM 65   C CD2 . LEU A 1 8   ? -6.369  -12.633 3.124   1.00 14.54 ? 49  LEU A CD2 1 
ATOM 66   N N   . SER A 1 9   ? -7.304  -8.527  0.897   1.00 16.43 ? 50  SER A N   1 
ATOM 67   C CA  . SER A 1 9   ? -7.719  -7.258  0.317   1.00 17.35 ? 50  SER A CA  1 
ATOM 68   C C   . SER A 1 9   ? -8.356  -6.352  1.357   1.00 17.95 ? 50  SER A C   1 
ATOM 69   O O   . SER A 1 9   ? -8.821  -6.796  2.406   1.00 18.63 ? 50  SER A O   1 
ATOM 70   C CB  . SER A 1 9   ? -8.706  -7.476  -0.824  1.00 17.05 ? 50  SER A CB  1 
ATOM 71   O OG  . SER A 1 9   ? -8.113  -8.242  -1.851  1.00 20.82 ? 50  SER A OG  1 
ATOM 72   N N   . ARG A 1 10  ? -8.352  -5.060  1.046   1.00 18.34 ? 51  ARG A N   1 
ATOM 73   C CA  . ARG A 1 10  ? -9.036  -4.043  1.829   1.00 19.29 ? 51  ARG A CA  1 
ATOM 74   C C   . ARG A 1 10  ? -9.227  -2.826  0.947   1.00 20.43 ? 51  ARG A C   1 
ATOM 75   O O   . ARG A 1 10  ? -8.617  -2.721  -0.116  1.00 19.99 ? 51  ARG A O   1 
ATOM 76   C CB  . ARG A 1 10  ? -8.261  -3.671  3.089   1.00 18.05 ? 51  ARG A CB  1 
ATOM 77   C CG  . ARG A 1 10  ? -6.909  -3.101  2.796   1.00 19.08 ? 51  ARG A CG  1 
ATOM 78   C CD  . ARG A 1 10  ? -6.172  -2.806  4.066   1.00 21.62 ? 51  ARG A CD  1 
ATOM 79   N NE  . ARG A 1 10  ? -6.757  -1.706  4.821   1.00 24.31 ? 51  ARG A NE  1 
ATOM 80   C CZ  . ARG A 1 10  ? -6.414  -0.430  4.669   1.00 24.12 ? 51  ARG A CZ  1 
ATOM 81   N NH1 . ARG A 1 10  ? -6.999  0.510   5.402   1.00 23.91 ? 51  ARG A NH1 1 
ATOM 82   N NH2 . ARG A 1 10  ? -5.476  -0.093  3.794   1.00 22.77 ? 51  ARG A NH2 1 
ATOM 83   N N   . THR A 1 11  ? -10.082 -1.912  1.394   1.00 21.83 ? 52  THR A N   1 
ATOM 84   C CA  . THR A 1 11  ? -10.377 -0.688  0.661   1.00 22.77 ? 52  THR A CA  1 
ATOM 85   C C   . THR A 1 11  ? -10.555 0.454   1.643   1.00 22.97 ? 52  THR A C   1 
ATOM 86   O O   . THR A 1 11  ? -11.195 0.281   2.683   1.00 24.35 ? 52  THR A O   1 
ATOM 87   C CB  . THR A 1 11  ? -11.638 -0.851  -0.180  1.00 23.75 ? 52  THR A CB  1 
ATOM 88   O OG1 . THR A 1 11  ? -11.451 -1.908  -1.125  1.00 27.08 ? 52  THR A OG1 1 
ATOM 89   C CG2 . THR A 1 11  ? -11.957 0.428   -0.918  1.00 24.43 ? 52  THR A CG2 1 
ATOM 90   N N   . PHE A 1 12  ? -9.991  1.615   1.317   1.00 22.19 ? 53  PHE A N   1 
ATOM 91   C CA  . PHE A 1 12  ? -10.165 2.811   2.126   1.00 21.65 ? 53  PHE A CA  1 
ATOM 92   C C   . PHE A 1 12  ? -10.277 4.014   1.205   1.00 21.70 ? 53  PHE A C   1 
ATOM 93   O O   . PHE A 1 12  ? -9.751  4.016   0.092   1.00 21.55 ? 53  PHE A O   1 
ATOM 94   C CB  . PHE A 1 12  ? -9.008  3.001   3.106   1.00 20.66 ? 53  PHE A CB  1 
ATOM 95   C CG  . PHE A 1 12  ? -7.687  3.206   2.441   1.00 21.17 ? 53  PHE A CG  1 
ATOM 96   C CD1 . PHE A 1 12  ? -7.229  4.477   2.168   1.00 21.05 ? 53  PHE A CD1 1 
ATOM 97   C CD2 . PHE A 1 12  ? -6.913  2.130   2.074   1.00 21.12 ? 53  PHE A CD2 1 
ATOM 98   C CE1 . PHE A 1 12  ? -6.027  4.669   1.552   1.00 21.79 ? 53  PHE A CE1 1 
ATOM 99   C CE2 . PHE A 1 12  ? -5.710  2.317   1.457   1.00 21.50 ? 53  PHE A CE2 1 
ATOM 100  C CZ  . PHE A 1 12  ? -5.263  3.590   1.195   1.00 22.25 ? 53  PHE A CZ  1 
ATOM 101  N N   . GLY A 1 13  ? -10.978 5.032   1.672   1.00 21.57 ? 54  GLY A N   1 
ATOM 102  C CA  . GLY A 1 13  ? -11.114 6.248   0.906   1.00 21.92 ? 54  GLY A CA  1 
ATOM 103  C C   . GLY A 1 13  ? -9.979  7.229   1.127   1.00 23.07 ? 54  GLY A C   1 
ATOM 104  O O   . GLY A 1 13  ? -9.422  7.335   2.215   1.00 23.43 ? 54  GLY A O   1 
ATOM 105  N N   . TYR A 1 14  ? -9.645  7.957   0.068   1.00 23.84 ? 55  TYR A N   1 
ATOM 106  C CA  . TYR A 1 14  ? -8.643  9.012   0.124   1.00 25.01 ? 55  TYR A CA  1 
ATOM 107  C C   . TYR A 1 14  ? -9.107  10.167  -0.743  1.00 25.85 ? 55  TYR A C   1 
ATOM 108  O O   . TYR A 1 14  ? -9.503  9.961   -1.892  1.00 26.31 ? 55  TYR A O   1 
ATOM 109  C CB  . TYR A 1 14  ? -7.283  8.501   -0.341  1.00 30.00 ? 55  TYR A CB  1 
ATOM 110  C CG  . TYR A 1 14  ? -6.258  9.586   -0.517  1.00 30.00 ? 55  TYR A CG  1 
ATOM 111  C CD1 . TYR A 1 14  ? -5.664  10.183  0.574   1.00 30.00 ? 55  TYR A CD1 1 
ATOM 112  C CD2 . TYR A 1 14  ? -5.880  10.005  -1.778  1.00 30.00 ? 55  TYR A CD2 1 
ATOM 113  C CE1 . TYR A 1 14  ? -4.736  11.174  0.417   1.00 30.00 ? 55  TYR A CE1 1 
ATOM 114  C CE2 . TYR A 1 14  ? -4.952  10.991  -1.946  1.00 30.00 ? 55  TYR A CE2 1 
ATOM 115  C CZ  . TYR A 1 14  ? -4.382  11.574  -0.844  1.00 30.00 ? 55  TYR A CZ  1 
ATOM 116  O OH  . TYR A 1 14  ? -3.447  12.568  -0.999  1.00 30.00 ? 55  TYR A OH  1 
ATOM 117  N N   . THR A 1 15  ? -9.053  11.375  -0.199  1.00 26.93 ? 56  THR A N   1 
ATOM 118  C CA  . THR A 1 15  ? -9.612  12.541  -0.859  1.00 27.64 ? 56  THR A CA  1 
ATOM 119  C C   . THR A 1 15  ? -8.569  13.642  -0.966  1.00 28.10 ? 56  THR A C   1 
ATOM 120  O O   . THR A 1 15  ? -7.850  13.938  -0.010  1.00 29.04 ? 56  THR A O   1 
ATOM 121  C CB  . THR A 1 15  ? -10.840 13.059  -0.108  1.00 27.53 ? 56  THR A CB  1 
ATOM 122  O OG1 . THR A 1 15  ? -11.865 12.059  -0.132  1.00 30.45 ? 56  THR A OG1 1 
ATOM 123  C CG2 . THR A 1 15  ? -11.367 14.332  -0.739  1.00 26.34 ? 56  THR A CG2 1 
ATOM 124  N N   . VAL A 1 16  ? -8.496  14.237  -2.148  1.00 28.39 ? 57  VAL A N   1 
ATOM 125  C CA  . VAL A 1 16  ? -7.676  15.409  -2.408  1.00 29.09 ? 57  VAL A CA  1 
ATOM 126  C C   . VAL A 1 16  ? -8.624  16.598  -2.399  1.00 31.46 ? 57  VAL A C   1 
ATOM 127  O O   . VAL A 1 16  ? -9.476  16.728  -3.284  1.00 31.46 ? 57  VAL A O   1 
ATOM 128  C CB  . VAL A 1 16  ? -6.926  15.301  -3.735  1.00 20.00 ? 57  VAL A CB  1 
ATOM 129  C CG1 . VAL A 1 16  ? -6.176  16.579  -4.019  1.00 20.00 ? 57  VAL A CG1 1 
ATOM 130  C CG2 . VAL A 1 16  ? -5.983  14.123  -3.702  1.00 20.00 ? 57  VAL A CG2 1 
ATOM 131  N N   . LYS A 1 17  ? -8.489  17.467  -1.403  1.00 34.23 ? 58  LYS A N   1 
ATOM 132  C CA  . LYS A 1 17  ? -9.419  18.575  -1.252  1.00 37.48 ? 58  LYS A CA  1 
ATOM 133  C C   . LYS A 1 17  ? -9.231  19.601  -2.360  1.00 38.03 ? 58  LYS A C   1 
ATOM 134  O O   . LYS A 1 17  ? -8.126  19.795  -2.869  1.00 37.54 ? 58  LYS A O   1 
ATOM 135  C CB  . LYS A 1 17  ? -9.227  19.236  0.111   1.00 41.06 ? 58  LYS A CB  1 
ATOM 136  C CG  . LYS A 1 17  ? -9.443  18.302  1.279   1.00 46.97 ? 58  LYS A CG  1 
ATOM 137  C CD  . LYS A 1 17  ? -10.868 17.788  1.294   1.00 51.80 ? 58  LYS A CD  1 
ATOM 138  C CE  . LYS A 1 17  ? -11.120 16.892  2.496   1.00 56.33 ? 58  LYS A CE  1 
ATOM 139  N NZ  . LYS A 1 17  ? -12.512 16.362  2.512   1.00 59.32 ? 58  LYS A NZ  1 
ATOM 140  N N   . ALA A 1 18  ? -10.325 20.263  -2.727  1.00 39.25 ? 59  ALA A N   1 
ATOM 141  C CA  . ALA A 1 18  ? -10.259 21.319  -3.721  1.00 41.09 ? 59  ALA A CA  1 
ATOM 142  C C   . ALA A 1 18  ? -9.526  22.529  -3.161  1.00 41.42 ? 59  ALA A C   1 
ATOM 143  O O   . ALA A 1 18  ? -9.783  22.975  -2.042  1.00 40.38 ? 59  ALA A O   1 
ATOM 144  C CB  . ALA A 1 18  ? -11.662 21.724  -4.164  1.00 20.00 ? 59  ALA A CB  1 
ATOM 145  N N   . THR A 1 19  ? -8.608  23.069  -3.958  1.00 43.17 ? 60  THR A N   1 
ATOM 146  C CA  . THR A 1 19  ? -7.779  24.191  -3.551  1.00 46.25 ? 60  THR A CA  1 
ATOM 147  C C   . THR A 1 19  ? -8.067  25.410  -4.415  1.00 47.77 ? 60  THR A C   1 
ATOM 148  O O   . THR A 1 19  ? -8.501  25.298  -5.564  1.00 46.93 ? 60  THR A O   1 
ATOM 149  C CB  . THR A 1 19  ? -6.292  23.847  -3.642  1.00 46.64 ? 60  THR A CB  1 
ATOM 150  O OG1 . THR A 1 19  ? -5.978  23.451  -4.981  1.00 48.25 ? 60  THR A OG1 1 
ATOM 151  C CG2 . THR A 1 19  ? -5.943  22.722  -2.683  1.00 47.14 ? 60  THR A CG2 1 
ATOM 152  N N   . THR A 1 20  ? -7.813  26.584  -3.843  1.00 50.94 ? 61  THR A N   1 
ATOM 153  C CA  . THR A 1 20  ? -8.020  27.849  -4.532  1.00 53.11 ? 61  THR A CA  1 
ATOM 154  C C   . THR A 1 20  ? -6.788  28.327  -5.285  1.00 54.47 ? 61  THR A C   1 
ATOM 155  O O   . THR A 1 20  ? -6.884  29.299  -6.041  1.00 54.53 ? 61  THR A O   1 
ATOM 156  C CB  . THR A 1 20  ? -8.447  28.930  -3.533  1.00 53.43 ? 61  THR A CB  1 
ATOM 157  O OG1 . THR A 1 20  ? -7.425  29.094  -2.544  1.00 55.16 ? 61  THR A OG1 1 
ATOM 158  C CG2 . THR A 1 20  ? -9.740  28.533  -2.847  1.00 53.03 ? 61  THR A CG2 1 
ATOM 159  N N   . VAL A 1 21  ? -5.639  27.676  -5.098  1.00 56.07 ? 62  VAL A N   1 
ATOM 160  C CA  . VAL A 1 21  ? -4.434  28.100  -5.789  1.00 57.22 ? 62  VAL A CA  1 
ATOM 161  C C   . VAL A 1 21  ? -4.549  27.766  -7.272  1.00 57.82 ? 62  VAL A C   1 
ATOM 162  O O   . VAL A 1 21  ? -5.110  26.735  -7.663  1.00 57.25 ? 62  VAL A O   1 
ATOM 163  C CB  . VAL A 1 21  ? -3.193  27.442  -5.162  1.00 58.39 ? 62  VAL A CB  1 
ATOM 164  C CG1 . VAL A 1 21  ? -1.934  27.798  -5.943  1.00 57.52 ? 62  VAL A CG1 1 
ATOM 165  C CG2 . VAL A 1 21  ? -3.058  27.859  -3.707  1.00 58.72 ? 62  VAL A CG2 1 
ATOM 166  N N   . ARG A 1 22  ? -4.029  28.658  -8.105  1.00 58.63 ? 63  ARG A N   1 
ATOM 167  C CA  . ARG A 1 22  ? -4.016  28.508  -9.555  1.00 57.98 ? 63  ARG A CA  1 
ATOM 168  C C   . ARG A 1 22  ? -2.768  27.822  -10.082 1.00 55.25 ? 63  ARG A C   1 
ATOM 169  O O   . ARG A 1 22  ? -2.881  26.809  -10.774 1.00 53.42 ? 63  ARG A O   1 
ATOM 170  C CB  . ARG A 1 22  ? -4.183  29.872  -10.225 1.00 20.00 ? 63  ARG A CB  1 
ATOM 171  C CG  . ARG A 1 22  ? -5.532  30.486  -9.927  1.00 20.00 ? 63  ARG A CG  1 
ATOM 172  C CD  . ARG A 1 22  ? -6.621  29.711  -10.652 1.00 20.00 ? 63  ARG A CD  1 
ATOM 173  N NE  . ARG A 1 22  ? -7.957  30.214  -10.354 1.00 20.00 ? 63  ARG A NE  1 
ATOM 174  C CZ  . ARG A 1 22  ? -8.749  29.712  -9.413  1.00 20.00 ? 63  ARG A CZ  1 
ATOM 175  N NH1 . ARG A 1 22  ? -8.348  28.683  -8.679  1.00 20.00 ? 63  ARG A NH1 1 
ATOM 176  N NH2 . ARG A 1 22  ? -9.949  30.238  -9.210  1.00 20.00 ? 63  ARG A NH2 1 
ATOM 177  N N   . THR A 1 23  ? -1.593  28.380  -9.820  1.00 51.59 ? 64  THR A N   1 
ATOM 178  C CA  . THR A 1 23  ? -0.353  27.753  -10.249 1.00 48.29 ? 64  THR A CA  1 
ATOM 179  C C   . THR A 1 23  ? -0.333  26.289  -9.819  1.00 43.80 ? 64  THR A C   1 
ATOM 180  O O   . THR A 1 23  ? -0.855  25.950  -8.750  1.00 44.11 ? 64  THR A O   1 
ATOM 181  C CB  . THR A 1 23  ? 0.853   28.488  -9.657  1.00 49.64 ? 64  THR A CB  1 
ATOM 182  O OG1 . THR A 1 23  ? 0.751   28.492  -8.228  1.00 50.70 ? 64  THR A OG1 1 
ATOM 183  C CG2 . THR A 1 23  ? 0.911   29.917  -10.161 1.00 50.78 ? 64  THR A CG2 1 
ATOM 184  N N   . PRO A 1 24  ? 0.233   25.398  -10.628 1.00 38.88 ? 65  PRO A N   1 
ATOM 185  C CA  . PRO A 1 24  ? 0.164   23.965  -10.324 1.00 34.92 ? 65  PRO A CA  1 
ATOM 186  C C   . PRO A 1 24  ? 0.808   23.625  -8.990  1.00 31.58 ? 65  PRO A C   1 
ATOM 187  O O   . PRO A 1 24  ? 1.918   24.061  -8.683  1.00 31.77 ? 65  PRO A O   1 
ATOM 188  C CB  . PRO A 1 24  ? 0.930   23.332  -11.487 1.00 34.77 ? 65  PRO A CB  1 
ATOM 189  C CG  . PRO A 1 24  ? 0.817   24.306  -12.582 1.00 36.16 ? 65  PRO A CG  1 
ATOM 190  C CD  . PRO A 1 24  ? 0.859   25.649  -11.935 1.00 37.19 ? 65  PRO A CD  1 
ATOM 191  N N   . SER A 1 25  ? 0.096   22.833  -8.196  1.00 27.25 ? 66  SER A N   1 
ATOM 192  C CA  . SER A 1 25  ? 0.633   22.306  -6.954  1.00 23.64 ? 66  SER A CA  1 
ATOM 193  C C   . SER A 1 25  ? 0.269   20.836  -6.864  1.00 21.65 ? 66  SER A C   1 
ATOM 194  O O   . SER A 1 25  ? -0.675  20.373  -7.505  1.00 21.24 ? 66  SER A O   1 
ATOM 195  C CB  . SER A 1 25  ? 0.104   23.064  -5.735  1.00 22.82 ? 66  SER A CB  1 
ATOM 196  O OG  . SER A 1 25  ? -1.296  22.915  -5.607  1.00 23.93 ? 66  SER A OG  1 
ATOM 197  N N   . TRP A 1 26  ? 1.027   20.107  -6.058  1.00 19.16 ? 67  TRP A N   1 
ATOM 198  C CA  . TRP A 1 26  ? 0.811   18.686  -5.858  1.00 17.42 ? 67  TRP A CA  1 
ATOM 199  C C   . TRP A 1 26  ? 0.630   18.395  -4.380  1.00 16.66 ? 67  TRP A C   1 
ATOM 200  O O   . TRP A 1 26  ? 1.281   19.008  -3.533  1.00 16.97 ? 67  TRP A O   1 
ATOM 201  C CB  . TRP A 1 26  ? 1.968   17.878  -6.421  1.00 17.08 ? 67  TRP A CB  1 
ATOM 202  C CG  . TRP A 1 26  ? 1.927   17.754  -7.900  1.00 16.93 ? 67  TRP A CG  1 
ATOM 203  C CD1 . TRP A 1 26  ? 1.389   16.733  -8.615  1.00 16.59 ? 67  TRP A CD1 1 
ATOM 204  C CD2 . TRP A 1 26  ? 2.404   18.701  -8.853  1.00 17.26 ? 67  TRP A CD2 1 
ATOM 205  N NE1 . TRP A 1 26  ? 1.520   16.972  -9.955  1.00 17.31 ? 67  TRP A NE1 1 
ATOM 206  C CE2 . TRP A 1 26  ? 2.137   18.181  -10.126 1.00 17.32 ? 67  TRP A CE2 1 
ATOM 207  C CE3 . TRP A 1 26  ? 3.033   19.939  -8.753  1.00 16.35 ? 67  TRP A CE3 1 
ATOM 208  C CZ2 . TRP A 1 26  ? 2.489   18.848  -11.286 1.00 17.55 ? 67  TRP A CZ2 1 
ATOM 209  C CZ3 . TRP A 1 26  ? 3.378   20.594  -9.899  1.00 16.09 ? 67  TRP A CZ3 1 
ATOM 210  C CH2 . TRP A 1 26  ? 3.109   20.052  -11.149 1.00 17.15 ? 67  TRP A CH2 1 
ATOM 211  N N   . ALA A 1 27  ? -0.278  17.471  -4.079  1.00 15.73 ? 68  ALA A N   1 
ATOM 212  C CA  . ALA A 1 27  ? -0.491  17.002  -2.717  1.00 15.25 ? 68  ALA A CA  1 
ATOM 213  C C   . ALA A 1 27  ? 0.215   15.667  -2.549  1.00 16.31 ? 68  ALA A C   1 
ATOM 214  O O   . ALA A 1 27  ? 0.004   14.745  -3.339  1.00 16.65 ? 68  ALA A O   1 
ATOM 215  C CB  . ALA A 1 27  ? -1.978  16.874  -2.406  1.00 14.17 ? 68  ALA A CB  1 
ATOM 216  N N   . VAL A 1 28  ? 1.040   15.565  -1.515  1.00 16.99 ? 69  VAL A N   1 
ATOM 217  C CA  . VAL A 1 28  ? 1.957   14.450  -1.342  1.00 18.00 ? 69  VAL A CA  1 
ATOM 218  C C   . VAL A 1 28  ? 1.506   13.621  -0.152  1.00 19.94 ? 69  VAL A C   1 
ATOM 219  O O   . VAL A 1 28  ? 1.187   14.170  0.908   1.00 20.73 ? 69  VAL A O   1 
ATOM 220  C CB  . VAL A 1 28  ? 3.394   14.960  -1.156  1.00 17.31 ? 69  VAL A CB  1 
ATOM 221  C CG1 . VAL A 1 28  ? 4.332   13.817  -0.896  1.00 18.10 ? 69  VAL A CG1 1 
ATOM 222  C CG2 . VAL A 1 28  ? 3.823   15.735  -2.377  1.00 17.32 ? 69  VAL A CG2 1 
ATOM 223  N N   . ASP A 1 29  ? 1.470   12.301  -0.324  1.00 22.41 ? 70  ASP A N   1 
ATOM 224  C CA  . ASP A 1 29  ? 1.059   11.393  0.738   1.00 25.20 ? 70  ASP A CA  1 
ATOM 225  C C   . ASP A 1 29  ? 1.776   10.061  0.530   1.00 25.37 ? 70  ASP A C   1 
ATOM 226  O O   . ASP A 1 29  ? 2.564   9.902   -0.405  1.00 24.84 ? 70  ASP A O   1 
ATOM 227  C CB  . ASP A 1 29  ? -0.465  11.250  0.763   1.00 28.79 ? 70  ASP A CB  1 
ATOM 228  C CG  . ASP A 1 29  ? -0.967  10.570  2.019   1.00 34.09 ? 70  ASP A CG  1 
ATOM 229  O OD1 . ASP A 1 29  ? -0.128  10.170  2.851   1.00 35.45 ? 70  ASP A OD1 1 
ATOM 230  O OD2 . ASP A 1 29  ? -2.198  10.453  2.189   1.00 36.40 ? 70  ASP A OD2 1 
ATOM 231  N N   . MET A 1 30  ? 1.507   9.102   1.416   1.00 26.00 ? 71  MET A N   1 
ATOM 232  C CA  . MET A 1 30  ? 2.256   7.852   1.463   1.00 27.94 ? 71  MET A CA  1 
ATOM 233  C C   . MET A 1 30  ? 1.332   6.712   1.856   1.00 26.59 ? 71  MET A C   1 
ATOM 234  O O   . MET A 1 30  ? 0.281   6.923   2.463   1.00 26.69 ? 71  MET A O   1 
ATOM 235  C CB  . MET A 1 30  ? 3.418   7.946   2.449   1.00 32.66 ? 71  MET A CB  1 
ATOM 236  C CG  . MET A 1 30  ? 2.964   8.141   3.875   1.00 39.07 ? 71  MET A CG  1 
ATOM 237  S SD  . MET A 1 30  ? 4.288   8.606   5.002   1.00 47.09 ? 71  MET A SD  1 
ATOM 238  C CE  . MET A 1 30  ? 4.365   10.373  4.727   1.00 45.84 ? 71  MET A CE  1 
ATOM 239  N N   . MET A 1 31  ? 1.745   5.493   1.510   1.00 26.16 ? 72  MET A N   1 
ATOM 240  C CA  . MET A 1 31  ? 0.998   4.287   1.838   1.00 25.61 ? 72  MET A CA  1 
ATOM 241  C C   . MET A 1 31  ? 1.914   3.232   2.436   1.00 24.62 ? 72  MET A C   1 
ATOM 242  O O   . MET A 1 31  ? 2.820   2.733   1.769   1.00 25.15 ? 72  MET A O   1 
ATOM 243  C CB  . MET A 1 31  ? 0.305   3.711   0.615   1.00 28.51 ? 72  MET A CB  1 
ATOM 244  C CG  . MET A 1 31  ? -0.769  4.610   0.082   1.00 34.66 ? 72  MET A CG  1 
ATOM 245  S SD  . MET A 1 31  ? -1.543  4.025   -1.422  1.00 39.93 ? 72  MET A SD  1 
ATOM 246  C CE  . MET A 1 31  ? -2.600  5.423   -1.752  1.00 40.56 ? 72  MET A CE  1 
ATOM 247  N N   . ARG A 1 32  ? 1.656   2.890   3.691   1.00 23.41 ? 73  ARG A N   1 
ATOM 248  C CA  . ARG A 1 32  ? 2.274   1.756   4.355   1.00 22.37 ? 73  ARG A CA  1 
ATOM 249  C C   . ARG A 1 32  ? 1.255   0.636   4.448   1.00 22.24 ? 73  ARG A C   1 
ATOM 250  O O   . ARG A 1 32  ? 0.051   0.877   4.540   1.00 23.01 ? 73  ARG A O   1 
ATOM 251  C CB  . ARG A 1 32  ? 2.763   2.114   5.757   1.00 22.24 ? 73  ARG A CB  1 
ATOM 252  C CG  . ARG A 1 32  ? 3.888   3.095   5.774   1.00 23.16 ? 73  ARG A CG  1 
ATOM 253  C CD  . ARG A 1 32  ? 4.296   3.406   7.180   1.00 26.17 ? 73  ARG A CD  1 
ATOM 254  N NE  . ARG A 1 32  ? 5.413   4.338   7.200   1.00 29.42 ? 73  ARG A NE  1 
ATOM 255  C CZ  . ARG A 1 32  ? 5.275   5.653   7.115   1.00 32.06 ? 73  ARG A CZ  1 
ATOM 256  N NH1 . ARG A 1 32  ? 6.342   6.432   7.137   1.00 33.32 ? 73  ARG A NH1 1 
ATOM 257  N NH2 . ARG A 1 32  ? 4.068   6.188   7.016   1.00 31.88 ? 73  ARG A NH2 1 
ATOM 258  N N   . PHE A 1 33  ? 1.743   -0.598  4.411   1.00 21.21 ? 74  PHE A N   1 
ATOM 259  C CA  . PHE A 1 33  ? 0.870   -1.761  4.351   1.00 19.73 ? 74  PHE A CA  1 
ATOM 260  C C   . PHE A 1 33  ? 1.198   -2.697  5.500   1.00 19.98 ? 74  PHE A C   1 
ATOM 261  O O   . PHE A 1 33  ? 2.276   -3.295  5.529   1.00 21.22 ? 74  PHE A O   1 
ATOM 262  C CB  . PHE A 1 33  ? 1.024   -2.470  3.015   1.00 18.77 ? 74  PHE A CB  1 
ATOM 263  C CG  . PHE A 1 33  ? 0.823   -1.570  1.853   1.00 20.01 ? 74  PHE A CG  1 
ATOM 264  C CD1 . PHE A 1 33  ? -0.441  -1.179  1.484   1.00 20.19 ? 74  PHE A CD1 1 
ATOM 265  C CD2 . PHE A 1 33  ? 1.900   -1.125  1.117   1.00 20.17 ? 74  PHE A CD2 1 
ATOM 266  C CE1 . PHE A 1 33  ? -0.624  -0.350  0.417   1.00 20.71 ? 74  PHE A CE1 1 
ATOM 267  C CE2 . PHE A 1 33  ? 1.718   -0.296  0.049   1.00 20.36 ? 74  PHE A CE2 1 
ATOM 268  C CZ  . PHE A 1 33  ? 0.457   0.088   -0.303  1.00 20.30 ? 74  PHE A CZ  1 
ATOM 269  N N   . ASN A 1 34  ? 0.264   -2.834  6.430   1.00 19.63 ? 75  ASN A N   1 
ATOM 270  C CA  . ASN A 1 34  ? 0.425   -3.698  7.587   1.00 19.58 ? 75  ASN A CA  1 
ATOM 271  C C   . ASN A 1 34  ? -0.648  -4.767  7.527   1.00 19.87 ? 75  ASN A C   1 
ATOM 272  O O   . ASN A 1 34  ? -1.820  -4.461  7.291   1.00 20.50 ? 75  ASN A O   1 
ATOM 273  C CB  . ASN A 1 34  ? 0.325   -2.901  8.886   1.00 20.26 ? 75  ASN A CB  1 
ATOM 274  C CG  . ASN A 1 34  ? 0.688   -3.718  10.097  1.00 22.21 ? 75  ASN A CG  1 
ATOM 275  O OD1 . ASN A 1 34  ? 0.620   -4.941  10.082  1.00 24.66 ? 75  ASN A OD1 1 
ATOM 276  N ND2 . ASN A 1 34  ? 1.101   -3.042  11.155  1.00 21.65 ? 75  ASN A ND2 1 
ATOM 277  N N   . ILE A 1 35  ? -0.253  -6.018  7.740   1.00 19.34 ? 76  ILE A N   1 
ATOM 278  C CA  . ILE A 1 35  ? -1.172  -7.122  7.553   1.00 19.08 ? 76  ILE A CA  1 
ATOM 279  C C   . ILE A 1 35  ? -2.230  -7.174  8.642   1.00 20.29 ? 76  ILE A C   1 
ATOM 280  O O   . ILE A 1 35  ? -3.217  -7.893  8.504   1.00 20.43 ? 76  ILE A O   1 
ATOM 281  C CB  . ILE A 1 35  ? -0.371  -8.435  7.465   1.00 17.63 ? 76  ILE A CB  1 
ATOM 282  C CG1 . ILE A 1 35  ? -1.237  -9.571  6.949   1.00 17.71 ? 76  ILE A CG1 1 
ATOM 283  C CG2 . ILE A 1 35  ? 0.161   -8.810  8.805   1.00 16.25 ? 76  ILE A CG2 1 
ATOM 284  C CD1 . ILE A 1 35  ? -0.465  -10.789 6.607   1.00 18.60 ? 76  ILE A CD1 1 
ATOM 285  N N   . ASN A 1 36  ? -2.063  -6.402  9.717   1.00 21.09 ? 77  ASN A N   1 
ATOM 286  C CA  . ASN A 1 36  ? -3.080  -6.356  10.762  1.00 22.16 ? 77  ASN A CA  1 
ATOM 287  C C   . ASN A 1 36  ? -4.412  -5.886  10.211  1.00 23.19 ? 77  ASN A C   1 
ATOM 288  O O   . ASN A 1 36  ? -5.471  -6.231  10.743  1.00 24.43 ? 77  ASN A O   1 
ATOM 289  C CB  . ASN A 1 36  ? -2.638  -5.434  11.892  1.00 23.87 ? 77  ASN A CB  1 
ATOM 290  C CG  . ASN A 1 36  ? -1.491  -5.993  12.679  1.00 26.83 ? 77  ASN A CG  1 
ATOM 291  O OD1 . ASN A 1 36  ? -1.258  -7.196  12.686  1.00 28.66 ? 77  ASN A OD1 1 
ATOM 292  N ND2 . ASN A 1 36  ? -0.768  -5.122  13.363  1.00 25.93 ? 77  ASN A ND2 1 
ATOM 293  N N   . ASP A 1 37  ? -4.378  -5.073  9.165   1.00 23.21 ? 78  ASP A N   1 
ATOM 294  C CA  . ASP A 1 37  ? -5.583  -4.642  8.476   1.00 24.05 ? 78  ASP A CA  1 
ATOM 295  C C   . ASP A 1 37  ? -6.262  -5.773  7.732   1.00 23.24 ? 78  ASP A C   1 
ATOM 296  O O   . ASP A 1 37  ? -7.494  -5.832  7.697   1.00 23.84 ? 78  ASP A O   1 
ATOM 297  C CB  . ASP A 1 37  ? -5.237  -3.535  7.492   1.00 28.42 ? 78  ASP A CB  1 
ATOM 298  C CG  . ASP A 1 37  ? -4.782  -2.275  8.178   1.00 33.61 ? 78  ASP A CG  1 
ATOM 299  O OD1 . ASP A 1 37  ? -5.069  -2.117  9.380   1.00 35.65 ? 78  ASP A OD1 1 
ATOM 300  O OD2 . ASP A 1 37  ? -4.120  -1.445  7.521   1.00 36.21 ? 78  ASP A OD2 1 
ATOM 301  N N   . PHE A 1 38  ? -5.481  -6.663  7.133   1.00 21.95 ? 79  PHE A N   1 
ATOM 302  C CA  . PHE A 1 38  ? -5.987  -7.701  6.263   1.00 20.95 ? 79  PHE A CA  1 
ATOM 303  C C   . PHE A 1 38  ? -6.504  -8.928  6.993   1.00 21.88 ? 79  PHE A C   1 
ATOM 304  O O   . PHE A 1 38  ? -7.492  -9.515  6.547   1.00 22.05 ? 79  PHE A O   1 
ATOM 305  C CB  . PHE A 1 38  ? -4.885  -8.105  5.282   1.00 19.86 ? 79  PHE A CB  1 
ATOM 306  C CG  . PHE A 1 38  ? -4.468  -6.992  4.376   1.00 19.34 ? 79  PHE A CG  1 
ATOM 307  C CD1 . PHE A 1 38  ? -5.039  -6.849  3.132   1.00 18.90 ? 79  PHE A CD1 1 
ATOM 308  C CD2 . PHE A 1 38  ? -3.566  -6.040  4.800   1.00 19.66 ? 79  PHE A CD2 1 
ATOM 309  C CE1 . PHE A 1 38  ? -4.671  -5.819  2.305   1.00 18.92 ? 79  PHE A CE1 1 
ATOM 310  C CE2 . PHE A 1 38  ? -3.192  -5.006  3.980   1.00 19.00 ? 79  PHE A CE2 1 
ATOM 311  C CZ  . PHE A 1 38  ? -3.747  -4.895  2.731   1.00 18.44 ? 79  PHE A CZ  1 
ATOM 312  N N   . VAL A 1 39  ? -5.891  -9.314  8.104   1.00 23.30 ? 80  VAL A N   1 
ATOM 313  C CA  . VAL A 1 39  ? -6.302  -10.514 8.823   1.00 24.08 ? 80  VAL A CA  1 
ATOM 314  C C   . VAL A 1 39  ? -7.037  -10.120 10.102  1.00 25.72 ? 80  VAL A C   1 
ATOM 315  O O   . VAL A 1 39  ? -6.462  -9.456  10.975  1.00 27.49 ? 80  VAL A O   1 
ATOM 316  C CB  . VAL A 1 39  ? -5.091  -11.417 9.111   1.00 20.00 ? 80  VAL A CB  1 
ATOM 317  C CG1 . VAL A 1 39  ? -4.519  -11.950 7.822   1.00 20.00 ? 80  VAL A CG1 1 
ATOM 318  C CG2 . VAL A 1 39  ? -4.013  -10.653 9.837   1.00 20.00 ? 80  VAL A CG2 1 
ATOM 319  N N   . PRO A 1 40  ? -8.306  -10.469 10.247  1.00 26.54 ? 81  PRO A N   1 
ATOM 320  C CA  . PRO A 1 40  ? -9.020  -10.147 11.474  1.00 26.84 ? 81  PRO A CA  1 
ATOM 321  C C   . PRO A 1 40  ? -8.490  -10.982 12.620  1.00 28.54 ? 81  PRO A C   1 
ATOM 322  O O   . PRO A 1 40  ? -7.974  -12.087 12.402  1.00 28.51 ? 81  PRO A O   1 
ATOM 323  C CB  . PRO A 1 40  ? -10.472 -10.524 11.143  1.00 26.00 ? 81  PRO A CB  1 
ATOM 324  C CG  . PRO A 1 40  ? -10.533 -10.535 9.670   1.00 27.90 ? 81  PRO A CG  1 
ATOM 325  C CD  . PRO A 1 40  ? -9.203  -11.045 9.237   1.00 26.41 ? 81  PRO A CD  1 
ATOM 326  N N   . PRO A 1 41  ? -8.587  -10.500 13.852  1.00 29.89 ? 82  PRO A N   1 
ATOM 327  C CA  . PRO A 1 41  ? -8.192  -11.335 14.986  1.00 30.65 ? 82  PRO A CA  1 
ATOM 328  C C   . PRO A 1 41  ? -9.140  -12.509 15.137  1.00 31.65 ? 82  PRO A C   1 
ATOM 329  O O   . PRO A 1 41  ? -10.364 -12.358 15.118  1.00 31.46 ? 82  PRO A O   1 
ATOM 330  C CB  . PRO A 1 41  ? -8.285  -10.382 16.180  1.00 29.25 ? 82  PRO A CB  1 
ATOM 331  C CG  . PRO A 1 41  ? -9.303  -9.391  15.771  1.00 30.05 ? 82  PRO A CG  1 
ATOM 332  C CD  . PRO A 1 41  ? -9.147  -9.210  14.286  1.00 29.03 ? 82  PRO A CD  1 
ATOM 333  N N   . GLY A 1 42  ? -8.561  -13.692 15.291  1.00 33.22 ? 83  GLY A N   1 
ATOM 334  C CA  . GLY A 1 42  ? -9.361  -14.890 15.415  1.00 34.67 ? 83  GLY A CA  1 
ATOM 335  C C   . GLY A 1 42  ? -10.016 -14.995 16.773  1.00 36.02 ? 83  GLY A C   1 
ATOM 336  O O   . GLY A 1 42  ? -10.051 -14.022 17.530  1.00 37.29 ? 83  GLY A O   1 
ATOM 337  N N   . GLY A 1 43  ? -10.529 -16.171 17.096  1.00 36.60 ? 84  GLY A N   1 
ATOM 338  C CA  . GLY A 1 43  ? -11.195 -16.376 18.369  1.00 36.82 ? 84  GLY A CA  1 
ATOM 339  C C   . GLY A 1 43  ? -11.039 -17.808 18.815  1.00 37.39 ? 84  GLY A C   1 
ATOM 340  O O   . GLY A 1 43  ? -10.800 -18.707 18.002  1.00 38.70 ? 84  GLY A O   1 
ATOM 341  N N   . GLY A 1 44  ? -11.187 -18.025 20.118  1.00 37.04 ? 85  GLY A N   1 
ATOM 342  C CA  . GLY A 1 44  ? -10.925 -19.343 20.665  1.00 36.10 ? 85  GLY A CA  1 
ATOM 343  C C   . GLY A 1 44  ? -9.455  -19.507 20.990  1.00 36.59 ? 85  GLY A C   1 
ATOM 344  O O   . GLY A 1 44  ? -8.758  -18.551 21.343  1.00 35.87 ? 85  GLY A O   1 
ATOM 345  N N   . THR A 1 45  ? -8.968  -20.740 20.871  1.00 36.97 ? 86  THR A N   1 
ATOM 346  C CA  . THR A 1 45  ? -7.569  -21.046 21.115  1.00 37.45 ? 86  THR A CA  1 
ATOM 347  C C   . THR A 1 45  ? -6.666  -20.537 20.001  1.00 36.88 ? 86  THR A C   1 
ATOM 348  O O   . THR A 1 45  ? -5.493  -20.232 20.246  1.00 37.96 ? 86  THR A O   1 
ATOM 349  C CB  . THR A 1 45  ? -7.391  -22.553 21.298  1.00 20.00 ? 86  THR A CB  1 
ATOM 350  O OG1 . THR A 1 45  ? -8.232  -22.999 22.368  1.00 20.00 ? 86  THR A OG1 1 
ATOM 351  C CG2 . THR A 1 45  ? -5.947  -22.886 21.640  1.00 20.00 ? 86  THR A CG2 1 
ATOM 352  N N   . ASN A 1 46  ? -7.193  -20.421 18.787  1.00 34.96 ? 87  ASN A N   1 
ATOM 353  C CA  . ASN A 1 46  ? -6.441  -19.953 17.627  1.00 32.28 ? 87  ASN A CA  1 
ATOM 354  C C   . ASN A 1 46  ? -6.456  -18.430 17.652  1.00 31.65 ? 87  ASN A C   1 
ATOM 355  O O   . ASN A 1 46  ? -7.512  -17.805 17.741  1.00 32.10 ? 87  ASN A O   1 
ATOM 356  C CB  . ASN A 1 46  ? -7.031  -20.497 16.393  1.00 30.62 ? 87  ASN A CB  1 
ATOM 357  C CG  . ASN A 1 46  ? -6.912  -21.994 16.318  1.00 29.42 ? 87  ASN A CG  1 
ATOM 358  O OD1 . ASN A 1 46  ? -5.841  -22.531 16.059  1.00 27.98 ? 87  ASN A OD1 1 
ATOM 359  N ND2 . ASN A 1 46  ? -8.017  -22.680 16.539  1.00 29.52 ? 87  ASN A ND2 1 
ATOM 360  N N   . LYS A 1 47  ? -5.267  -17.834 17.576  1.00 31.40 ? 88  LYS A N   1 
ATOM 361  C CA  . LYS A 1 47  ? -5.150  -16.396 17.785  1.00 30.66 ? 88  LYS A CA  1 
ATOM 362  C C   . LYS A 1 47  ? -5.574  -15.617 16.552  1.00 30.51 ? 88  LYS A C   1 
ATOM 363  O O   . LYS A 1 47  ? -6.263  -14.597 16.659  1.00 30.87 ? 88  LYS A O   1 
ATOM 364  C CB  . LYS A 1 47  ? -3.720  -16.044 18.172  1.00 20.00 ? 88  LYS A CB  1 
ATOM 365  C CG  . LYS A 1 47  ? -3.262  -16.667 19.474  1.00 20.00 ? 88  LYS A CG  1 
ATOM 366  C CD  . LYS A 1 47  ? -4.018  -16.094 20.656  1.00 20.00 ? 88  LYS A CD  1 
ATOM 367  C CE  . LYS A 1 47  ? -3.544  -16.705 21.952  1.00 20.00 ? 88  LYS A CE  1 
ATOM 368  N NZ  . LYS A 1 47  ? -2.115  -16.385 22.224  1.00 20.00 ? 88  LYS A NZ  1 
ATOM 369  N N   . ILE A 1 48  ? -5.165  -16.070 15.376  1.00 30.19 ? 89  ILE A N   1 
ATOM 370  C CA  . ILE A 1 48  ? -5.425  -15.359 14.133  1.00 29.43 ? 89  ILE A CA  1 
ATOM 371  C C   . ILE A 1 48  ? -6.399  -16.182 13.311  1.00 28.57 ? 89  ILE A C   1 
ATOM 372  O O   . ILE A 1 48  ? -6.387  -17.416 13.351  1.00 29.34 ? 89  ILE A O   1 
ATOM 373  C CB  . ILE A 1 48  ? -4.120  -15.089 13.357  1.00 20.00 ? 89  ILE A CB  1 
ATOM 374  C CG1 . ILE A 1 48  ? -3.199  -14.185 14.169  1.00 20.00 ? 89  ILE A CG1 1 
ATOM 375  C CG2 . ILE A 1 48  ? -4.398  -14.428 12.032  1.00 20.00 ? 89  ILE A CG2 1 
ATOM 376  C CD1 . ILE A 1 48  ? -2.112  -14.925 14.884  1.00 20.00 ? 89  ILE A CD1 1 
ATOM 377  N N   . SER A 1 49  ? -7.254  -15.490 12.558  1.00 26.84 ? 90  SER A N   1 
ATOM 378  C CA  . SER A 1 49  ? -8.283  -16.170 11.786  1.00 25.57 ? 90  SER A CA  1 
ATOM 379  C C   . SER A 1 49  ? -7.709  -17.013 10.660  1.00 25.25 ? 90  SER A C   1 
ATOM 380  O O   . SER A 1 49  ? -8.452  -17.774 10.033  1.00 26.29 ? 90  SER A O   1 
ATOM 381  C CB  . SER A 1 49  ? -9.262  -15.153 11.220  1.00 25.87 ? 90  SER A CB  1 
ATOM 382  O OG  . SER A 1 49  ? -8.613  -14.287 10.317  1.00 30.35 ? 90  SER A OG  1 
ATOM 383  N N   . ILE A 1 50  ? -6.419  -16.891 10.383  1.00 23.59 ? 91  ILE A N   1 
ATOM 384  C CA  . ILE A 1 50  ? -5.728  -17.689 9.376   1.00 22.93 ? 91  ILE A CA  1 
ATOM 385  C C   . ILE A 1 50  ? -4.753  -18.610 10.098  1.00 22.28 ? 91  ILE A C   1 
ATOM 386  O O   . ILE A 1 50  ? -3.805  -18.127 10.724  1.00 22.16 ? 91  ILE A O   1 
ATOM 387  C CB  . ILE A 1 50  ? -5.010  -16.808 8.344   1.00 20.00 ? 91  ILE A CB  1 
ATOM 388  C CG1 . ILE A 1 50  ? -6.040  -16.129 7.446   1.00 20.00 ? 91  ILE A CG1 1 
ATOM 389  C CG2 . ILE A 1 50  ? -4.062  -17.617 7.509   1.00 20.00 ? 91  ILE A CG2 1 
ATOM 390  C CD1 . ILE A 1 50  ? -5.469  -15.117 6.516   1.00 20.00 ? 91  ILE A CD1 1 
ATOM 391  N N   . PRO A 1 51  ? -4.945  -19.913 10.049  1.00 21.33 ? 92  PRO A N   1 
ATOM 392  C CA  . PRO A 1 51  ? -4.156  -20.807 10.901  1.00 20.43 ? 92  PRO A CA  1 
ATOM 393  C C   . PRO A 1 51  ? -2.793  -21.149 10.333  1.00 20.17 ? 92  PRO A C   1 
ATOM 394  O O   . PRO A 1 51  ? -2.551  -22.292 9.944   1.00 20.65 ? 92  PRO A O   1 
ATOM 395  C CB  . PRO A 1 51  ? -5.037  -22.052 10.994  1.00 20.99 ? 92  PRO A CB  1 
ATOM 396  C CG  . PRO A 1 51  ? -5.774  -22.057 9.711   1.00 21.47 ? 92  PRO A CG  1 
ATOM 397  C CD  . PRO A 1 51  ? -6.021  -20.628 9.346   1.00 21.17 ? 92  PRO A CD  1 
ATOM 398  N N   . PHE A 1 52  ? -1.891  -20.178 10.307  1.00 19.58 ? 93  PHE A N   1 
ATOM 399  C CA  . PHE A 1 52  ? -0.519  -20.386 9.879   1.00 19.35 ? 93  PHE A CA  1 
ATOM 400  C C   . PHE A 1 52  ? 0.396   -19.595 10.792  1.00 19.78 ? 93  PHE A C   1 
ATOM 401  O O   . PHE A 1 52  ? -0.009  -18.586 11.369  1.00 20.77 ? 93  PHE A O   1 
ATOM 402  C CB  . PHE A 1 52  ? -0.314  -19.952 8.436   1.00 19.06 ? 93  PHE A CB  1 
ATOM 403  C CG  . PHE A 1 52  ? -1.040  -20.801 7.437   1.00 19.90 ? 93  PHE A CG  1 
ATOM 404  C CD1 . PHE A 1 52  ? -0.454  -21.936 6.924   1.00 19.88 ? 93  PHE A CD1 1 
ATOM 405  C CD2 . PHE A 1 52  ? -2.306  -20.468 7.015   1.00 20.94 ? 93  PHE A CD2 1 
ATOM 406  C CE1 . PHE A 1 52  ? -1.105  -22.710 6.012   1.00 20.30 ? 93  PHE A CE1 1 
ATOM 407  C CE2 . PHE A 1 52  ? -2.969  -21.246 6.106   1.00 20.89 ? 93  PHE A CE2 1 
ATOM 408  C CZ  . PHE A 1 52  ? -2.367  -22.366 5.600   1.00 20.54 ? 93  PHE A CZ  1 
ATOM 409  N N   . GLU A 1 53  ? 1.620   -20.080 10.959  1.00 19.19 ? 94  GLU A N   1 
ATOM 410  C CA  . GLU A 1 53  ? 2.575   -19.366 11.792  1.00 19.47 ? 94  GLU A CA  1 
ATOM 411  C C   . GLU A 1 53  ? 3.295   -18.251 11.059  1.00 18.32 ? 94  GLU A C   1 
ATOM 412  O O   . GLU A 1 53  ? 3.492   -17.175 11.623  1.00 17.77 ? 94  GLU A O   1 
ATOM 413  C CB  . GLU A 1 53  ? 3.594   -20.336 12.378  1.00 22.39 ? 94  GLU A CB  1 
ATOM 414  C CG  . GLU A 1 53  ? 3.012   -21.168 13.481  1.00 29.81 ? 94  GLU A CG  1 
ATOM 415  C CD  . GLU A 1 53  ? 2.500   -20.300 14.614  1.00 34.88 ? 94  GLU A CD  1 
ATOM 416  O OE1 . GLU A 1 53  ? 3.212   -19.347 14.992  1.00 36.65 ? 94  GLU A OE1 1 
ATOM 417  O OE2 . GLU A 1 53  ? 1.378   -20.545 15.103  1.00 36.74 ? 94  GLU A OE2 1 
ATOM 418  N N   . TYR A 1 54  ? 3.697   -18.483 9.822   1.00 17.04 ? 95  TYR A N   1 
ATOM 419  C CA  . TYR A 1 54  ? 4.632   -17.613 9.139   1.00 15.96 ? 95  TYR A CA  1 
ATOM 420  C C   . TYR A 1 54  ? 3.990   -17.100 7.864   1.00 15.98 ? 95  TYR A C   1 
ATOM 421  O O   . TYR A 1 54  ? 3.183   -17.782 7.235   1.00 16.99 ? 95  TYR A O   1 
ATOM 422  C CB  . TYR A 1 54  ? 5.923   -18.367 8.808   1.00 15.36 ? 95  TYR A CB  1 
ATOM 423  C CG  . TYR A 1 54  ? 6.460   -19.147 9.977   1.00 16.04 ? 95  TYR A CG  1 
ATOM 424  C CD1 . TYR A 1 54  ? 6.527   -18.594 11.240  1.00 16.32 ? 95  TYR A CD1 1 
ATOM 425  C CD2 . TYR A 1 54  ? 6.833   -20.470 9.820   1.00 15.74 ? 95  TYR A CD2 1 
ATOM 426  C CE1 . TYR A 1 54  ? 6.991   -19.323 12.300  1.00 17.28 ? 95  TYR A CE1 1 
ATOM 427  C CE2 . TYR A 1 54  ? 7.294   -21.207 10.868  1.00 16.76 ? 95  TYR A CE2 1 
ATOM 428  C CZ  . TYR A 1 54  ? 7.368   -20.633 12.111  1.00 17.84 ? 95  TYR A CZ  1 
ATOM 429  O OH  . TYR A 1 54  ? 7.836   -21.371 13.173  1.00 18.39 ? 95  TYR A OH  1 
ATOM 430  N N   . TYR A 1 55  ? 4.367   -15.894 7.466   1.00 15.10 ? 96  TYR A N   1 
ATOM 431  C CA  . TYR A 1 55  ? 3.942   -15.374 6.179   1.00 14.62 ? 96  TYR A CA  1 
ATOM 432  C C   . TYR A 1 55  ? 5.125   -14.664 5.552   1.00 14.27 ? 96  TYR A C   1 
ATOM 433  O O   . TYR A 1 55  ? 6.121   -14.372 6.213   1.00 14.62 ? 96  TYR A O   1 
ATOM 434  C CB  . TYR A 1 55  ? 2.764   -14.417 6.320   1.00 13.82 ? 96  TYR A CB  1 
ATOM 435  C CG  . TYR A 1 55  ? 3.134   -13.081 6.898   1.00 13.87 ? 96  TYR A CG  1 
ATOM 436  C CD1 . TYR A 1 55  ? 3.423   -12.009 6.077   1.00 13.48 ? 96  TYR A CD1 1 
ATOM 437  C CD2 . TYR A 1 55  ? 3.210   -12.896 8.261   1.00 14.88 ? 96  TYR A CD2 1 
ATOM 438  C CE1 . TYR A 1 55  ? 3.763   -10.796 6.593   1.00 12.97 ? 96  TYR A CE1 1 
ATOM 439  C CE2 . TYR A 1 55  ? 3.559   -11.687 8.784   1.00 14.22 ? 96  TYR A CE2 1 
ATOM 440  C CZ  . TYR A 1 55  ? 3.826   -10.638 7.949   1.00 13.63 ? 96  TYR A CZ  1 
ATOM 441  O OH  . TYR A 1 55  ? 4.174   -9.428  8.478   1.00 12.33 ? 96  TYR A OH  1 
ATOM 442  N N   . ARG A 1 56  ? 5.018   -14.418 4.254   1.00 13.36 ? 97  ARG A N   1 
ATOM 443  C CA  . ARG A 1 56  ? 5.810   -13.373 3.630   1.00 13.17 ? 97  ARG A CA  1 
ATOM 444  C C   . ARG A 1 56  ? 5.036   -12.825 2.446   1.00 13.44 ? 97  ARG A C   1 
ATOM 445  O O   . ARG A 1 56  ? 4.465   -13.593 1.672   1.00 13.73 ? 97  ARG A O   1 
ATOM 446  C CB  . ARG A 1 56  ? 7.171   -13.904 3.219   1.00 12.15 ? 97  ARG A CB  1 
ATOM 447  C CG  . ARG A 1 56  ? 7.120   -15.077 2.326   1.00 11.96 ? 97  ARG A CG  1 
ATOM 448  C CD  . ARG A 1 56  ? 8.502   -15.501 2.008   1.00 11.54 ? 97  ARG A CD  1 
ATOM 449  N NE  . ARG A 1 56  ? 8.486   -16.654 1.144   1.00 14.22 ? 97  ARG A NE  1 
ATOM 450  C CZ  . ARG A 1 56  ? 9.556   -17.371 0.863   1.00 14.14 ? 97  ARG A CZ  1 
ATOM 451  N NH1 . ARG A 1 56  ? 9.450   -18.422 0.077   1.00 13.75 ? 97  ARG A NH1 1 
ATOM 452  N NH2 . ARG A 1 56  ? 10.720  -17.057 1.397   1.00 14.43 ? 97  ARG A NH2 1 
ATOM 453  N N   . ILE A 1 57  ? 5.038   -11.506 2.296   1.00 13.27 ? 98  ILE A N   1 
ATOM 454  C CA  . ILE A 1 57  ? 4.157   -10.852 1.337   1.00 13.73 ? 98  ILE A CA  1 
ATOM 455  C C   . ILE A 1 57  ? 4.857   -10.857 -0.012  1.00 15.11 ? 98  ILE A C   1 
ATOM 456  O O   . ILE A 1 57  ? 5.924   -10.268 -0.172  1.00 15.41 ? 98  ILE A O   1 
ATOM 457  C CB  . ILE A 1 57  ? 3.799   -9.433  1.779   1.00 13.06 ? 98  ILE A CB  1 
ATOM 458  C CG1 . ILE A 1 57  ? 3.072   -9.475  3.116   1.00 12.08 ? 98  ILE A CG1 1 
ATOM 459  C CG2 . ILE A 1 57  ? 2.903   -8.794  0.767   1.00 11.93 ? 98  ILE A CG2 1 
ATOM 460  C CD1 . ILE A 1 57  ? 2.852   -8.133  3.737   1.00 13.14 ? 98  ILE A CD1 1 
ATOM 461  N N   . ARG A 1 58  ? 4.267   -11.551 -0.977  1.00 16.63 ? 99  ARG A N   1 
ATOM 462  C CA  . ARG A 1 58  ? 4.965   -11.787 -2.227  1.00 18.20 ? 99  ARG A CA  1 
ATOM 463  C C   . ARG A 1 58  ? 4.844   -10.595 -3.165  1.00 18.10 ? 99  ARG A C   1 
ATOM 464  O O   . ARG A 1 58  ? 5.851   -10.098 -3.673  1.00 18.51 ? 99  ARG A O   1 
ATOM 465  C CB  . ARG A 1 58  ? 4.438   -13.070 -2.859  1.00 20.04 ? 99  ARG A CB  1 
ATOM 466  C CG  . ARG A 1 58  ? 5.267   -13.529 -4.013  1.00 26.86 ? 99  ARG A CG  1 
ATOM 467  C CD  . ARG A 1 58  ? 6.703   -13.594 -3.562  1.00 33.94 ? 99  ARG A CD  1 
ATOM 468  N NE  . ARG A 1 58  ? 6.876   -14.482 -2.426  1.00 42.64 ? 99  ARG A NE  1 
ATOM 469  C CZ  . ARG A 1 58  ? 7.235   -15.750 -2.530  1.00 47.54 ? 99  ARG A CZ  1 
ATOM 470  N NH1 . ARG A 1 58  ? 7.365   -16.491 -1.447  1.00 48.30 ? 99  ARG A NH1 1 
ATOM 471  N NH2 . ARG A 1 58  ? 7.485   -16.284 -3.711  1.00 51.63 ? 99  ARG A NH2 1 
ATOM 472  N N   . LYS A 1 59  ? 3.628   -10.095 -3.368  1.00 17.92 ? 100 LYS A N   1 
ATOM 473  C CA  . LYS A 1 59  ? 3.363   -8.945  -4.217  1.00 16.53 ? 100 LYS A CA  1 
ATOM 474  C C   . LYS A 1 59  ? 2.224   -8.155  -3.600  1.00 16.88 ? 100 LYS A C   1 
ATOM 475  O O   . LYS A 1 59  ? 1.306   -8.724  -3.014  1.00 17.94 ? 100 LYS A O   1 
ATOM 476  C CB  . LYS A 1 59  ? 2.963   -9.352  -5.635  1.00 15.16 ? 100 LYS A CB  1 
ATOM 477  C CG  . LYS A 1 59  ? 3.897   -10.285 -6.363  1.00 16.61 ? 100 LYS A CG  1 
ATOM 478  C CD  . LYS A 1 59  ? 5.257   -9.709  -6.627  1.00 17.12 ? 100 LYS A CD  1 
ATOM 479  C CE  . LYS A 1 59  ? 5.249   -8.744  -7.760  1.00 19.98 ? 100 LYS A CE  1 
ATOM 480  N NZ  . LYS A 1 59  ? 6.649   -8.408  -8.077  1.00 23.29 ? 100 LYS A NZ  1 
ATOM 481  N N   . VAL A 1 60  ? 2.287   -6.837  -3.732  1.00 17.54 ? 101 VAL A N   1 
ATOM 482  C CA  . VAL A 1 60  ? 1.197   -5.954  -3.340  1.00 17.58 ? 101 VAL A CA  1 
ATOM 483  C C   . VAL A 1 60  ? 0.699   -5.226  -4.573  1.00 17.81 ? 101 VAL A C   1 
ATOM 484  O O   . VAL A 1 60  ? 1.495   -4.738  -5.378  1.00 18.50 ? 101 VAL A O   1 
ATOM 485  C CB  . VAL A 1 60  ? 1.613   -4.949  -2.248  1.00 17.57 ? 101 VAL A CB  1 
ATOM 486  C CG1 . VAL A 1 60  ? 0.573   -3.886  -2.106  1.00 17.63 ? 101 VAL A CG1 1 
ATOM 487  C CG2 . VAL A 1 60  ? 1.731   -5.654  -0.943  1.00 22.26 ? 101 VAL A CG2 1 
ATOM 488  N N   . LYS A 1 61  ? -0.621  -5.166  -4.731  1.00 18.22 ? 102 LYS A N   1 
ATOM 489  C CA  . LYS A 1 61  ? -1.240  -4.454  -5.837  1.00 18.61 ? 102 LYS A CA  1 
ATOM 490  C C   . LYS A 1 61  ? -2.113  -3.356  -5.268  1.00 18.42 ? 102 LYS A C   1 
ATOM 491  O O   . LYS A 1 61  ? -2.992  -3.625  -4.447  1.00 19.52 ? 102 LYS A O   1 
ATOM 492  C CB  . LYS A 1 61  ? -2.061  -5.395  -6.711  1.00 20.24 ? 102 LYS A CB  1 
ATOM 493  C CG  . LYS A 1 61  ? -2.578  -4.745  -7.962  1.00 22.91 ? 102 LYS A CG  1 
ATOM 494  C CD  . LYS A 1 61  ? -3.277  -5.738  -8.851  1.00 29.39 ? 102 LYS A CD  1 
ATOM 495  C CE  . LYS A 1 61  ? -3.755  -5.063  -10.112 1.00 34.37 ? 102 LYS A CE  1 
ATOM 496  N NZ  . LYS A 1 61  ? -4.440  -5.993  -11.042 1.00 38.98 ? 102 LYS A NZ  1 
ATOM 497  N N   . VAL A 1 62  ? -1.869  -2.126  -5.696  1.00 16.93 ? 103 VAL A N   1 
ATOM 498  C CA  . VAL A 1 62  ? -2.609  -0.963  -5.234  1.00 15.27 ? 103 VAL A CA  1 
ATOM 499  C C   . VAL A 1 62  ? -3.405  -0.417  -6.406  1.00 16.31 ? 103 VAL A C   1 
ATOM 500  O O   . VAL A 1 62  ? -2.828  0.140   -7.342  1.00 16.31 ? 103 VAL A O   1 
ATOM 501  C CB  . VAL A 1 62  ? -1.673  0.113   -4.667  1.00 13.91 ? 103 VAL A CB  1 
ATOM 502  C CG1 . VAL A 1 62  ? -2.464  1.337   -4.266  1.00 11.65 ? 103 VAL A CG1 1 
ATOM 503  C CG2 . VAL A 1 62  ? -0.890  -0.426  -3.507  1.00 11.73 ? 103 VAL A CG2 1 
ATOM 504  N N   . GLU A 1 63  ? -4.725  -0.567  -6.362  1.00 17.14 ? 104 GLU A N   1 
ATOM 505  C CA  . GLU A 1 63  ? -5.602  -0.013  -7.384  1.00 18.10 ? 104 GLU A CA  1 
ATOM 506  C C   . GLU A 1 63  ? -6.102  1.342   -6.925  1.00 18.11 ? 104 GLU A C   1 
ATOM 507  O O   . GLU A 1 63  ? -6.407  1.525   -5.745  1.00 18.65 ? 104 GLU A O   1 
ATOM 508  C CB  . GLU A 1 63  ? -6.816  -0.903  -7.674  1.00 19.89 ? 104 GLU A CB  1 
ATOM 509  C CG  . GLU A 1 63  ? -6.546  -2.270  -8.278  1.00 25.17 ? 104 GLU A CG  1 
ATOM 510  C CD  . GLU A 1 63  ? -6.412  -3.360  -7.243  1.00 28.54 ? 104 GLU A CD  1 
ATOM 511  O OE1 . GLU A 1 63  ? -6.471  -3.056  -6.040  1.00 30.72 ? 104 GLU A OE1 1 
ATOM 512  O OE2 . GLU A 1 63  ? -6.257  -4.530  -7.627  1.00 30.95 ? 104 GLU A OE2 1 
ATOM 513  N N   . PHE A 1 64  ? -6.193  2.281   -7.850  1.00 17.54 ? 105 PHE A N   1 
ATOM 514  C CA  . PHE A 1 64  ? -6.839  3.562   -7.604  1.00 16.54 ? 105 PHE A CA  1 
ATOM 515  C C   . PHE A 1 64  ? -8.124  3.594   -8.412  1.00 16.99 ? 105 PHE A C   1 
ATOM 516  O O   . PHE A 1 64  ? -8.090  3.672   -9.643  1.00 17.68 ? 105 PHE A O   1 
ATOM 517  C CB  . PHE A 1 64  ? -5.922  4.723   -7.971  1.00 15.65 ? 105 PHE A CB  1 
ATOM 518  C CG  . PHE A 1 64  ? -4.772  4.886   -7.043  1.00 17.34 ? 105 PHE A CG  1 
ATOM 519  C CD1 . PHE A 1 64  ? -4.888  5.673   -5.927  1.00 17.51 ? 105 PHE A CD1 1 
ATOM 520  C CD2 . PHE A 1 64  ? -3.589  4.223   -7.262  1.00 18.15 ? 105 PHE A CD2 1 
ATOM 521  C CE1 . PHE A 1 64  ? -3.845  5.810   -5.059  1.00 17.49 ? 105 PHE A CE1 1 
ATOM 522  C CE2 . PHE A 1 64  ? -2.546  4.356   -6.388  1.00 17.64 ? 105 PHE A CE2 1 
ATOM 523  C CZ  . PHE A 1 64  ? -2.677  5.156   -5.290  1.00 16.69 ? 105 PHE A CZ  1 
ATOM 524  N N   . TRP A 1 65  ? -9.251  3.526   -7.725  1.00 16.59 ? 106 TRP A N   1 
ATOM 525  C CA  . TRP A 1 65  ? -10.539 3.560   -8.385  1.00 16.22 ? 106 TRP A CA  1 
ATOM 526  C C   . TRP A 1 65  ? -11.142 4.928   -8.158  1.00 17.02 ? 106 TRP A C   1 
ATOM 527  O O   . TRP A 1 65  ? -11.529 5.239   -7.027  1.00 18.40 ? 106 TRP A O   1 
ATOM 528  C CB  . TRP A 1 65  ? -11.452 2.472   -7.837  1.00 16.09 ? 106 TRP A CB  1 
ATOM 529  C CG  . TRP A 1 65  ? -10.990 1.099   -8.137  1.00 16.42 ? 106 TRP A CG  1 
ATOM 530  C CD1 . TRP A 1 65  ? -10.243 0.300   -7.340  1.00 17.07 ? 106 TRP A CD1 1 
ATOM 531  C CD2 . TRP A 1 65  ? -11.255 0.351   -9.321  1.00 15.90 ? 106 TRP A CD2 1 
ATOM 532  N NE1 . TRP A 1 65  ? -10.021 -0.904  -7.949  1.00 16.45 ? 106 TRP A NE1 1 
ATOM 533  C CE2 . TRP A 1 65  ? -10.636 -0.895  -9.171  1.00 15.84 ? 106 TRP A CE2 1 
ATOM 534  C CE3 . TRP A 1 65  ? -11.964 0.615   -10.494 1.00 15.17 ? 106 TRP A CE3 1 
ATOM 535  C CZ2 . TRP A 1 65  ? -10.701 -1.875  -10.145 1.00 15.09 ? 106 TRP A CZ2 1 
ATOM 536  C CZ3 . TRP A 1 65  ? -12.025 -0.354  -11.457 1.00 15.37 ? 106 TRP A CZ3 1 
ATOM 537  C CH2 . TRP A 1 65  ? -11.395 -1.583  -11.283 1.00 16.01 ? 106 TRP A CH2 1 
ATOM 538  N N   . PRO A 1 66  ? -11.231 5.775   -9.174  1.00 17.16 ? 107 PRO A N   1 
ATOM 539  C CA  . PRO A 1 66  ? -11.738 7.128   -8.960  1.00 18.02 ? 107 PRO A CA  1 
ATOM 540  C C   . PRO A 1 66  ? -13.242 7.144   -8.767  1.00 19.38 ? 107 PRO A C   1 
ATOM 541  O O   . PRO A 1 66  ? -13.972 6.349   -9.357  1.00 19.93 ? 107 PRO A O   1 
ATOM 542  C CB  . PRO A 1 66  ? -11.329 7.855   -10.239 1.00 17.65 ? 107 PRO A CB  1 
ATOM 543  C CG  . PRO A 1 66  ? -11.258 6.789   -11.252 1.00 16.49 ? 107 PRO A CG  1 
ATOM 544  C CD  . PRO A 1 66  ? -10.790 5.564   -10.559 1.00 16.12 ? 107 PRO A CD  1 
ATOM 545  N N   . CYS A 1 67  ? -13.702 8.061   -7.926  1.00 20.83 ? 108 CYS A N   1 
ATOM 546  C CA  . CYS A 1 67  ? -15.118 8.353   -7.793  1.00 22.12 ? 108 CYS A CA  1 
ATOM 547  C C   . CYS A 1 67  ? -15.574 9.480   -8.697  1.00 21.84 ? 108 CYS A C   1 
ATOM 548  O O   . CYS A 1 67  ? -16.740 9.873   -8.637  1.00 23.51 ? 108 CYS A O   1 
ATOM 549  C CB  . CYS A 1 67  ? -15.450 8.734   -6.349  1.00 22.88 ? 108 CYS A CB  1 
ATOM 550  S SG  . CYS A 1 67  ? -15.218 7.439   -5.133  1.00 30.44 ? 108 CYS A SG  1 
ATOM 551  N N   . SER A 1 68  ? -14.687 10.017  -9.517  1.00 21.10 ? 109 SER A N   1 
ATOM 552  C CA  . SER A 1 68  ? -14.991 11.241  -10.233 1.00 20.96 ? 109 SER A CA  1 
ATOM 553  C C   . SER A 1 68  ? -15.647 10.919  -11.569 1.00 20.95 ? 109 SER A C   1 
ATOM 554  O O   . SER A 1 68  ? -15.330 9.894   -12.181 1.00 20.96 ? 109 SER A O   1 
ATOM 555  C CB  . SER A 1 68  ? -13.716 12.046  -10.460 1.00 21.11 ? 109 SER A CB  1 
ATOM 556  O OG  . SER A 1 68  ? -13.150 12.448  -9.227  1.00 22.93 ? 109 SER A OG  1 
ATOM 557  N N   . PRO A 1 69  ? -16.554 11.764  -12.050 1.00 21.09 ? 110 PRO A N   1 
ATOM 558  C CA  . PRO A 1 69  ? -17.153 11.529  -13.363 1.00 21.50 ? 110 PRO A CA  1 
ATOM 559  C C   . PRO A 1 69  ? -16.182 11.874  -14.475 1.00 23.00 ? 110 PRO A C   1 
ATOM 560  O O   . PRO A 1 69  ? -15.271 12.687  -14.309 1.00 23.53 ? 110 PRO A O   1 
ATOM 561  C CB  . PRO A 1 69  ? -18.359 12.469  -13.369 1.00 20.38 ? 110 PRO A CB  1 
ATOM 562  C CG  . PRO A 1 69  ? -17.959 13.566  -12.471 1.00 20.56 ? 110 PRO A CG  1 
ATOM 563  C CD  . PRO A 1 69  ? -17.116 12.954  -11.393 1.00 19.94 ? 110 PRO A CD  1 
ATOM 564  N N   . ILE A 1 70  ? -16.392 11.253  -15.632 1.00 23.61 ? 111 ILE A N   1 
ATOM 565  C CA  . ILE A 1 70  ? -15.521 11.473  -16.780 1.00 24.41 ? 111 ILE A CA  1 
ATOM 566  C C   . ILE A 1 70  ? -15.786 12.851  -17.364 1.00 25.31 ? 111 ILE A C   1 
ATOM 567  O O   . ILE A 1 70  ? -15.068 13.307  -18.256 1.00 26.59 ? 111 ILE A O   1 
ATOM 568  C CB  . ILE A 1 70  ? -15.718 10.389  -17.851 1.00 23.65 ? 111 ILE A CB  1 
ATOM 569  C CG1 . ILE A 1 70  ? -17.137 10.457  -18.408 1.00 24.06 ? 111 ILE A CG1 1 
ATOM 570  C CG2 . ILE A 1 70  ? -15.428 9.021   -17.272 1.00 21.49 ? 111 ILE A CG2 1 
ATOM 571  C CD1 . ILE A 1 70  ? -17.351 9.588   -19.612 1.00 24.75 ? 111 ILE A CD1 1 
ATOM 572  N N   . THR A 1 71  ? -16.829 13.514  -16.882 1.00 25.29 ? 112 THR A N   1 
ATOM 573  C CA  . THR A 1 71  ? -17.180 14.849  -17.334 1.00 25.57 ? 112 THR A CA  1 
ATOM 574  C C   . THR A 1 71  ? -16.603 15.937  -16.449 1.00 25.91 ? 112 THR A C   1 
ATOM 575  O O   . THR A 1 71  ? -16.905 17.114  -16.664 1.00 26.55 ? 112 THR A O   1 
ATOM 576  C CB  . THR A 1 71  ? -18.699 14.994  -17.396 1.00 26.39 ? 112 THR A CB  1 
ATOM 577  O OG1 . THR A 1 71  ? -19.247 14.804  -16.088 1.00 26.42 ? 112 THR A OG1 1 
ATOM 578  C CG2 . THR A 1 71  ? -19.278 13.949  -18.327 1.00 26.81 ? 112 THR A CG2 1 
ATOM 579  N N   . GLN A 1 72  ? -15.812 15.577  -15.447 1.00 25.54 ? 113 GLN A N   1 
ATOM 580  C CA  . GLN A 1 72  ? -15.234 16.569  -14.558 1.00 25.61 ? 113 GLN A CA  1 
ATOM 581  C C   . GLN A 1 72  ? -14.046 17.254  -15.218 1.00 26.22 ? 113 GLN A C   1 
ATOM 582  O O   . GLN A 1 72  ? -13.166 16.601  -15.782 1.00 26.91 ? 113 GLN A O   1 
ATOM 583  C CB  . GLN A 1 72  ? -14.808 15.914  -13.254 1.00 24.11 ? 113 GLN A CB  1 
ATOM 584  C CG  . GLN A 1 72  ? -14.222 16.854  -12.243 1.00 24.11 ? 113 GLN A CG  1 
ATOM 585  C CD  . GLN A 1 72  ? -13.957 16.160  -10.936 1.00 26.35 ? 113 GLN A CD  1 
ATOM 586  O OE1 . GLN A 1 72  ? -14.398 15.042  -10.726 1.00 28.15 ? 113 GLN A OE1 1 
ATOM 587  N NE2 . GLN A 1 72  ? -13.199 16.798  -10.067 1.00 25.16 ? 113 GLN A NE2 1 
ATOM 588  N N   . GLY A 1 73  ? -14.027 18.580  -15.149 1.00 26.36 ? 114 GLY A N   1 
ATOM 589  C CA  . GLY A 1 73  ? -13.001 19.380  -15.771 1.00 25.40 ? 114 GLY A CA  1 
ATOM 590  C C   . GLY A 1 73  ? -11.798 19.581  -14.877 1.00 26.05 ? 114 GLY A C   1 
ATOM 591  O O   . GLY A 1 73  ? -11.658 18.953  -13.823 1.00 26.24 ? 114 GLY A O   1 
ATOM 592  N N   . ASP A 1 74  ? -10.913 20.475  -15.314 1.00 26.81 ? 115 ASP A N   1 
ATOM 593  C CA  . ASP A 1 74  ? -9.697  20.815  -14.580 1.00 27.41 ? 115 ASP A CA  1 
ATOM 594  C C   . ASP A 1 74  ? -8.878  19.564  -14.287 1.00 25.80 ? 115 ASP A C   1 
ATOM 595  O O   . ASP A 1 74  ? -8.562  19.248  -13.141 1.00 25.14 ? 115 ASP A O   1 
ATOM 596  C CB  . ASP A 1 74  ? -10.027 21.575  -13.295 1.00 30.87 ? 115 ASP A CB  1 
ATOM 597  C CG  . ASP A 1 74  ? -8.790  22.105  -12.593 1.00 35.76 ? 115 ASP A CG  1 
ATOM 598  O OD1 . ASP A 1 74  ? -7.677  21.960  -13.139 1.00 37.15 ? 115 ASP A OD1 1 
ATOM 599  O OD2 . ASP A 1 74  ? -8.928  22.666  -11.489 1.00 38.77 ? 115 ASP A OD2 1 
ATOM 600  N N   . ARG A 1 75  ? -8.556  18.827  -15.339 1.00 23.81 ? 116 ARG A N   1 
ATOM 601  C CA  . ARG A 1 75  ? -7.767  17.620  -15.170 1.00 22.19 ? 116 ARG A CA  1 
ATOM 602  C C   . ARG A 1 75  ? -6.317  17.954  -14.866 1.00 22.82 ? 116 ARG A C   1 
ATOM 603  O O   . ARG A 1 75  ? -5.850  19.068  -15.094 1.00 24.23 ? 116 ARG A O   1 
ATOM 604  C CB  . ARG A 1 75  ? -7.834  16.744  -16.408 1.00 20.23 ? 116 ARG A CB  1 
ATOM 605  C CG  . ARG A 1 75  ? -9.185  16.151  -16.657 1.00 18.42 ? 116 ARG A CG  1 
ATOM 606  C CD  . ARG A 1 75  ? -9.148  15.254  -17.854 1.00 19.44 ? 116 ARG A CD  1 
ATOM 607  N NE  . ARG A 1 75  ? -8.866  15.981  -19.072 1.00 19.94 ? 116 ARG A NE  1 
ATOM 608  C CZ  . ARG A 1 75  ? -8.666  15.400  -20.244 1.00 20.37 ? 116 ARG A CZ  1 
ATOM 609  N NH1 . ARG A 1 75  ? -8.421  16.135  -21.307 1.00 22.52 ? 116 ARG A NH1 1 
ATOM 610  N NH2 . ARG A 1 75  ? -8.687  14.085  -20.350 1.00 17.50 ? 116 ARG A NH2 1 
ATOM 611  N N   . GLY A 1 76  ? -5.601  16.965  -14.336 1.00 21.92 ? 117 GLY A N   1 
ATOM 612  C CA  . GLY A 1 76  ? -4.206  17.124  -13.990 1.00 20.57 ? 117 GLY A CA  1 
ATOM 613  C C   . GLY A 1 76  ? -3.469  15.800  -14.068 1.00 20.11 ? 117 GLY A C   1 
ATOM 614  O O   . GLY A 1 76  ? -4.043  14.764  -14.397 1.00 20.70 ? 117 GLY A O   1 
ATOM 615  N N   . VAL A 1 77  ? -2.185  15.861  -13.740 1.00 18.47 ? 118 VAL A N   1 
ATOM 616  C CA  . VAL A 1 77  ? -1.291  14.722  -13.895 1.00 17.95 ? 118 VAL A CA  1 
ATOM 617  C C   . VAL A 1 77  ? -0.470  14.551  -12.621 1.00 17.56 ? 118 VAL A C   1 
ATOM 618  O O   . VAL A 1 77  ? 0.206   15.485  -12.178 1.00 17.02 ? 118 VAL A O   1 
ATOM 619  C CB  . VAL A 1 77  ? -0.400  14.887  -15.141 1.00 17.71 ? 118 VAL A CB  1 
ATOM 620  C CG1 . VAL A 1 77  ? 0.328   16.207  -15.117 1.00 19.08 ? 118 VAL A CG1 1 
ATOM 621  C CG2 . VAL A 1 77  ? 0.588   13.774  -15.220 1.00 18.85 ? 118 VAL A CG2 1 
ATOM 622  N N   . GLY A 1 78  ? -0.568  13.375  -12.005 1.00 17.66 ? 119 GLY A N   1 
ATOM 623  C CA  . GLY A 1 78  ? 0.191   13.063  -10.807 1.00 16.69 ? 119 GLY A CA  1 
ATOM 624  C C   . GLY A 1 78  ? 1.272   12.035  -11.053 1.00 16.64 ? 119 GLY A C   1 
ATOM 625  O O   . GLY A 1 78  ? 1.569   11.716  -12.204 1.00 16.37 ? 119 GLY A O   1 
ATOM 626  N N   . SER A 1 79  ? 1.862   11.494  -9.992  1.00 16.30 ? 120 SER A N   1 
ATOM 627  C CA  . SER A 1 79  ? 2.926   10.513  -10.116 1.00 15.85 ? 120 SER A CA  1 
ATOM 628  C C   . SER A 1 79  ? 2.871   9.549   -8.947  1.00 15.66 ? 120 SER A C   1 
ATOM 629  O O   . SER A 1 79  ? 2.596   9.941   -7.810  1.00 17.10 ? 120 SER A O   1 
ATOM 630  C CB  . SER A 1 79  ? 4.303   11.176  -10.163 1.00 15.43 ? 120 SER A CB  1 
ATOM 631  O OG  . SER A 1 79  ? 4.443   11.969  -11.321 1.00 20.23 ? 120 SER A OG  1 
ATOM 632  N N   . THR A 1 80  ? 3.148   8.285   -9.231  1.00 14.78 ? 121 THR A N   1 
ATOM 633  C CA  . THR A 1 80  ? 3.168   7.248   -8.214  1.00 14.41 ? 121 THR A CA  1 
ATOM 634  C C   . THR A 1 80  ? 4.512   6.544   -8.252  1.00 14.73 ? 121 THR A C   1 
ATOM 635  O O   . THR A 1 80  ? 4.860   5.915   -9.249  1.00 14.90 ? 121 THR A O   1 
ATOM 636  C CB  . THR A 1 80  ? 2.056   6.236   -8.432  1.00 20.00 ? 121 THR A CB  1 
ATOM 637  O OG1 . THR A 1 80  ? 0.804   6.917   -8.510  1.00 20.00 ? 121 THR A OG1 1 
ATOM 638  C CG2 . THR A 1 80  ? 1.978   5.317   -7.273  1.00 20.00 ? 121 THR A CG2 1 
ATOM 639  N N   . ALA A 1 81  ? 5.262   6.655   -7.164  1.00 14.51 ? 122 ALA A N   1 
ATOM 640  C CA  . ALA A 1 81  ? 6.581   6.053   -7.068  1.00 14.61 ? 122 ALA A CA  1 
ATOM 641  C C   . ALA A 1 81  ? 6.587   4.991   -5.983  1.00 15.39 ? 122 ALA A C   1 
ATOM 642  O O   . ALA A 1 81  ? 5.904   5.124   -4.967  1.00 15.90 ? 122 ALA A O   1 
ATOM 643  C CB  . ALA A 1 81  ? 7.658   7.100   -6.775  1.00 13.56 ? 122 ALA A CB  1 
ATOM 644  N N   . VAL A 1 82  ? 7.358   3.935   -6.217  1.00 15.50 ? 123 VAL A N   1 
ATOM 645  C CA  . VAL A 1 82  ? 7.518   2.854   -5.253  1.00 15.39 ? 123 VAL A CA  1 
ATOM 646  C C   . VAL A 1 82  ? 8.615   3.245   -4.273  1.00 16.61 ? 123 VAL A C   1 
ATOM 647  O O   . VAL A 1 82  ? 9.710   3.639   -4.682  1.00 17.69 ? 123 VAL A O   1 
ATOM 648  C CB  . VAL A 1 82  ? 7.859   1.543   -5.967  1.00 14.87 ? 123 VAL A CB  1 
ATOM 649  C CG1 . VAL A 1 82  ? 8.117   0.460   -4.970  1.00 15.54 ? 123 VAL A CG1 1 
ATOM 650  C CG2 . VAL A 1 82  ? 6.743   1.164   -6.896  1.00 12.84 ? 123 VAL A CG2 1 
ATOM 651  N N   . ILE A 1 83  ? 8.330   3.137   -2.981  1.00 17.04 ? 124 ILE A N   1 
ATOM 652  C CA  . ILE A 1 83  ? 9.264   3.542   -1.938  1.00 18.14 ? 124 ILE A CA  1 
ATOM 653  C C   . ILE A 1 83  ? 9.580   2.317   -1.093  1.00 19.10 ? 124 ILE A C   1 
ATOM 654  O O   . ILE A 1 83  ? 8.742   1.855   -0.318  1.00 20.62 ? 124 ILE A O   1 
ATOM 655  C CB  . ILE A 1 83  ? 8.699   4.676   -1.083  1.00 18.37 ? 124 ILE A CB  1 
ATOM 656  C CG1 . ILE A 1 83  ? 8.456   5.903   -1.949  1.00 18.70 ? 124 ILE A CG1 1 
ATOM 657  C CG2 . ILE A 1 83  ? 9.638   4.986   0.049   1.00 19.39 ? 124 ILE A CG2 1 
ATOM 658  C CD1 . ILE A 1 83  ? 9.689   6.394   -2.618  1.00 18.46 ? 124 ILE A CD1 1 
ATOM 659  N N   . LEU A 1 84  ? 10.801  1.804   -1.221  1.00 18.68 ? 125 LEU A N   1 
ATOM 660  C CA  . LEU A 1 84  ? 11.201  0.580   -0.538  1.00 19.05 ? 125 LEU A CA  1 
ATOM 661  C C   . LEU A 1 84  ? 11.685  0.795   0.887   1.00 21.37 ? 125 LEU A C   1 
ATOM 662  O O   . LEU A 1 84  ? 11.539  -0.111  1.710   1.00 22.30 ? 125 LEU A O   1 
ATOM 663  C CB  . LEU A 1 84  ? 12.293  -0.119  -1.338  1.00 17.18 ? 125 LEU A CB  1 
ATOM 664  C CG  . LEU A 1 84  ? 11.787  -0.556  -2.705  1.00 16.05 ? 125 LEU A CG  1 
ATOM 665  C CD1 . LEU A 1 84  ? 12.878  -1.131  -3.566  1.00 15.44 ? 125 LEU A CD1 1 
ATOM 666  C CD2 . LEU A 1 84  ? 10.692  -1.565  -2.494  1.00 14.56 ? 125 LEU A CD2 1 
ATOM 667  N N   . ASP A 1 85  ? 12.298  1.941   1.186   1.00 23.99 ? 126 ASP A N   1 
ATOM 668  C CA  . ASP A 1 85  ? 13.116  2.114   2.381   1.00 26.52 ? 126 ASP A CA  1 
ATOM 669  C C   . ASP A 1 85  ? 12.414  2.830   3.529   1.00 27.58 ? 126 ASP A C   1 
ATOM 670  O O   . ASP A 1 85  ? 13.051  3.097   4.547   1.00 27.58 ? 126 ASP A O   1 
ATOM 671  C CB  . ASP A 1 85  ? 14.397  2.857   2.024   1.00 28.61 ? 126 ASP A CB  1 
ATOM 672  C CG  . ASP A 1 85  ? 14.128  4.221   1.446   1.00 32.47 ? 126 ASP A CG  1 
ATOM 673  O OD1 . ASP A 1 85  ? 12.947  4.528   1.190   1.00 35.48 ? 126 ASP A OD1 1 
ATOM 674  O OD2 . ASP A 1 85  ? 15.091  4.992   1.252   1.00 33.38 ? 126 ASP A OD2 1 
ATOM 675  N N   . ASP A 1 86  ? 11.140  3.182   3.380   1.00 29.00 ? 127 ASP A N   1 
ATOM 676  C CA  . ASP A 1 86  ? 10.397  3.978   4.356   1.00 30.29 ? 127 ASP A CA  1 
ATOM 677  C C   . ASP A 1 86  ? 10.939  5.402   4.473   1.00 29.37 ? 127 ASP A C   1 
ATOM 678  O O   . ASP A 1 86  ? 10.737  6.071   5.490   1.00 30.15 ? 127 ASP A O   1 
ATOM 679  C CB  . ASP A 1 86  ? 10.369  3.284   5.729   1.00 33.29 ? 127 ASP A CB  1 
ATOM 680  C CG  . ASP A 1 86  ? 9.459   3.975   6.734   1.00 37.23 ? 127 ASP A CG  1 
ATOM 681  O OD1 . ASP A 1 86  ? 8.227   3.970   6.540   1.00 37.02 ? 127 ASP A OD1 1 
ATOM 682  O OD2 . ASP A 1 86  ? 9.977   4.517   7.728   1.00 39.94 ? 127 ASP A OD2 1 
ATOM 683  N N   . ASN A 1 87  ? 11.599  5.897   3.437   1.00 27.53 ? 128 ASN A N   1 
ATOM 684  C CA  . ASN A 1 87  ? 11.958  7.305   3.323   1.00 27.00 ? 128 ASN A CA  1 
ATOM 685  C C   . ASN A 1 87  ? 10.935  7.932   2.387   1.00 25.80 ? 128 ASN A C   1 
ATOM 686  O O   . ASN A 1 87  ? 10.960  7.711   1.177   1.00 26.55 ? 128 ASN A O   1 
ATOM 687  C CB  . ASN A 1 87  ? 13.375  7.482   2.798   1.00 29.21 ? 128 ASN A CB  1 
ATOM 688  C CG  . ASN A 1 87  ? 13.801  8.939   2.742   1.00 31.59 ? 128 ASN A CG  1 
ATOM 689  O OD1 . ASN A 1 87  ? 13.341  9.765   3.528   1.00 34.26 ? 128 ASN A OD1 1 
ATOM 690  N ND2 . ASN A 1 87  ? 14.682  9.259   1.804   1.00 31.37 ? 128 ASN A ND2 1 
ATOM 691  N N   . PHE A 1 88  ? 10.046  8.730   2.948   1.00 23.95 ? 129 PHE A N   1 
ATOM 692  C CA  . PHE A 1 88  ? 9.010   9.357   2.154   1.00 22.36 ? 129 PHE A CA  1 
ATOM 693  C C   . PHE A 1 88  ? 9.230   10.855  2.064   1.00 22.75 ? 129 PHE A C   1 
ATOM 694  O O   . PHE A 1 88  ? 9.796   11.484  2.957   1.00 23.53 ? 129 PHE A O   1 
ATOM 695  C CB  . PHE A 1 88  ? 7.628   9.091   2.741   1.00 20.63 ? 129 PHE A CB  1 
ATOM 696  C CG  . PHE A 1 88  ? 7.179   7.673   2.626   1.00 19.91 ? 129 PHE A CG  1 
ATOM 697  C CD1 . PHE A 1 88  ? 6.665   7.199   1.438   1.00 19.68 ? 129 PHE A CD1 1 
ATOM 698  C CD2 . PHE A 1 88  ? 7.220   6.828   3.712   1.00 20.03 ? 129 PHE A CD2 1 
ATOM 699  C CE1 . PHE A 1 88  ? 6.231   5.908   1.326   1.00 19.78 ? 129 PHE A CE1 1 
ATOM 700  C CE2 . PHE A 1 88  ? 6.785   5.534   3.601   1.00 20.28 ? 129 PHE A CE2 1 
ATOM 701  C CZ  . PHE A 1 88  ? 6.286   5.077   2.405   1.00 20.12 ? 129 PHE A CZ  1 
ATOM 702  N N   . VAL A 1 89  ? 8.771   11.424  0.955   1.00 22.20 ? 130 VAL A N   1 
ATOM 703  C CA  . VAL A 1 89  ? 8.603   12.862  0.894   1.00 22.03 ? 130 VAL A CA  1 
ATOM 704  C C   . VAL A 1 89  ? 7.552   13.265  1.914   1.00 23.28 ? 130 VAL A C   1 
ATOM 705  O O   . VAL A 1 89  ? 6.494   12.633  2.022   1.00 23.06 ? 130 VAL A O   1 
ATOM 706  C CB  . VAL A 1 89  ? 8.213   13.290  -0.529  1.00 20.85 ? 130 VAL A CB  1 
ATOM 707  C CG1 . VAL A 1 89  ? 7.959   14.776  -0.581  1.00 19.75 ? 130 VAL A CG1 1 
ATOM 708  C CG2 . VAL A 1 89  ? 9.301   12.897  -1.499  1.00 19.99 ? 130 VAL A CG2 1 
ATOM 709  N N   . THR A 1 90  ? 7.849   14.303  2.692   1.00 24.33 ? 131 THR A N   1 
ATOM 710  C CA  . THR A 1 90  ? 6.947   14.738  3.749   1.00 25.25 ? 131 THR A CA  1 
ATOM 711  C C   . THR A 1 90  ? 5.572   15.054  3.180   1.00 24.77 ? 131 THR A C   1 
ATOM 712  O O   . THR A 1 90  ? 5.453   15.607  2.086   1.00 24.79 ? 131 THR A O   1 
ATOM 713  C CB  . THR A 1 90  ? 7.515   15.970  4.446   1.00 26.40 ? 131 THR A CB  1 
ATOM 714  O OG1 . THR A 1 90  ? 8.818   15.667  4.954   1.00 29.13 ? 131 THR A OG1 1 
ATOM 715  C CG2 . THR A 1 90  ? 6.627   16.387  5.597   1.00 26.16 ? 131 THR A CG2 1 
ATOM 716  N N   . LYS A 1 91  ? 4.534   14.680  3.924   1.00 24.68 ? 132 LYS A N   1 
ATOM 717  C CA  . LYS A 1 91  ? 3.170   14.951  3.499   1.00 25.30 ? 132 LYS A CA  1 
ATOM 718  C C   . LYS A 1 91  ? 2.957   16.447  3.336   1.00 25.17 ? 132 LYS A C   1 
ATOM 719  O O   . LYS A 1 91  ? 3.429   17.246  4.147   1.00 25.64 ? 132 LYS A O   1 
ATOM 720  C CB  . LYS A 1 91  ? 2.186   14.377  4.514   1.00 25.88 ? 132 LYS A CB  1 
ATOM 721  C CG  . LYS A 1 91  ? 0.741   14.558  4.133   1.00 31.46 ? 132 LYS A CG  1 
ATOM 722  C CD  . LYS A 1 91  ? -0.185  13.896  5.129   1.00 35.94 ? 132 LYS A CD  1 
ATOM 723  C CE  . LYS A 1 91  ? -1.635  14.104  4.724   1.00 38.31 ? 132 LYS A CE  1 
ATOM 724  N NZ  . LYS A 1 91  ? -2.586  13.472  5.675   1.00 41.96 ? 132 LYS A NZ  1 
ATOM 725  N N   . ALA A 1 92  ? 2.249   16.826  2.278   1.00 25.13 ? 133 ALA A N   1 
ATOM 726  C CA  . ALA A 1 92  ? 2.031   18.229  1.965   1.00 25.21 ? 133 ALA A CA  1 
ATOM 727  C C   . ALA A 1 92  ? 0.664   18.391  1.326   1.00 26.16 ? 133 ALA A C   1 
ATOM 728  O O   . ALA A 1 92  ? 0.214   17.534  0.564   1.00 27.32 ? 133 ALA A O   1 
ATOM 729  C CB  . ALA A 1 92  ? 3.113   18.773  1.028   1.00 24.00 ? 133 ALA A CB  1 
ATOM 730  N N   . THR A 1 93  ? 0.006   19.500  1.649   1.00 26.55 ? 134 THR A N   1 
ATOM 731  C CA  . THR A 1 93  ? -1.256  19.832  1.006   1.00 26.67 ? 134 THR A CA  1 
ATOM 732  C C   . THR A 1 93  ? -1.066  20.382  -0.396  1.00 26.09 ? 134 THR A C   1 
ATOM 733  O O   . THR A 1 93  ? -1.744  19.932  -1.324  1.00 26.19 ? 134 THR A O   1 
ATOM 734  C CB  . THR A 1 93  ? -2.027  20.847  1.847   1.00 27.35 ? 134 THR A CB  1 
ATOM 735  O OG1 . THR A 1 93  ? -1.219  22.013  2.037   1.00 32.51 ? 134 THR A OG1 1 
ATOM 736  C CG2 . THR A 1 93  ? -2.373  20.256  3.194   1.00 27.37 ? 134 THR A CG2 1 
ATOM 737  N N   . ALA A 1 94  ? -0.163  21.347  -0.572  1.00 24.22 ? 135 ALA A N   1 
ATOM 738  C CA  . ALA A 1 94  ? 0.164   21.906  -1.871  1.00 22.91 ? 135 ALA A CA  1 
ATOM 739  C C   . ALA A 1 94  ? 1.682   22.083  -1.932  1.00 22.37 ? 135 ALA A C   1 
ATOM 740  O O   . ALA A 1 94  ? 2.302   22.755  -1.117  1.00 23.12 ? 135 ALA A O   1 
ATOM 741  C CB  . ALA A 1 94  ? -0.561  23.229  -2.120  1.00 21.33 ? 135 ALA A CB  1 
ATOM 742  N N   . LEU A 1 95  ? 2.299   21.464  -2.928  1.00 21.24 ? 136 LEU A N   1 
ATOM 743  C CA  . LEU A 1 95  ? 3.731   21.622  -3.104  1.00 20.35 ? 136 LEU A CA  1 
ATOM 744  C C   . LEU A 1 95  ? 4.033   22.024  -4.543  1.00 20.82 ? 136 LEU A C   1 
ATOM 745  O O   . LEU A 1 95  ? 3.584   21.392  -5.498  1.00 20.57 ? 136 LEU A O   1 
ATOM 746  C CB  . LEU A 1 95  ? 4.456   20.331  -2.736  1.00 19.94 ? 136 LEU A CB  1 
ATOM 747  C CG  . LEU A 1 95  ? 5.977   20.361  -2.805  1.00 21.05 ? 136 LEU A CG  1 
ATOM 748  C CD1 . LEU A 1 95  ? 6.491   21.389  -1.830  1.00 20.85 ? 136 LEU A CD1 1 
ATOM 749  C CD2 . LEU A 1 95  ? 6.555   19.010  -2.474  1.00 22.17 ? 136 LEU A CD2 1 
ATOM 750  N N   . THR A 1 96  ? 4.807   23.093  -4.683  1.00 21.41 ? 137 THR A N   1 
ATOM 751  C CA  . THR A 1 96  ? 5.031   23.764  -5.958  1.00 21.61 ? 137 THR A CA  1 
ATOM 752  C C   . THR A 1 96  ? 5.469   22.826  -7.074  1.00 22.19 ? 137 THR A C   1 
ATOM 753  O O   . THR A 1 96  ? 5.194   23.110  -8.244  1.00 23.05 ? 137 THR A O   1 
ATOM 754  C CB  . THR A 1 96  ? 6.067   24.870  -5.764  1.00 21.45 ? 137 THR A CB  1 
ATOM 755  O OG1 . THR A 1 96  ? 5.580   25.803  -4.795  1.00 22.79 ? 137 THR A OG1 1 
ATOM 756  C CG2 . THR A 1 96  ? 6.330   25.606  -7.056  1.00 20.56 ? 137 THR A CG2 1 
ATOM 757  N N   . TYR A 1 97  ? 6.110   21.710  -6.751  1.00 21.87 ? 138 TYR A N   1 
ATOM 758  C CA  . TYR A 1 97  ? 6.646   20.812  -7.762  1.00 21.07 ? 138 TYR A CA  1 
ATOM 759  C C   . TYR A 1 97  ? 6.158   19.407  -7.454  1.00 20.52 ? 138 TYR A C   1 
ATOM 760  O O   . TYR A 1 97  ? 5.631   19.137  -6.376  1.00 21.02 ? 138 TYR A O   1 
ATOM 761  C CB  . TYR A 1 97  ? 8.175   20.891  -7.804  1.00 20.51 ? 138 TYR A CB  1 
ATOM 762  C CG  . TYR A 1 97  ? 8.836   20.475  -6.516  1.00 21.80 ? 138 TYR A CG  1 
ATOM 763  C CD1 . TYR A 1 97  ? 9.368   19.209  -6.359  1.00 22.57 ? 138 TYR A CD1 1 
ATOM 764  C CD2 . TYR A 1 97  ? 8.881   21.337  -5.436  1.00 22.69 ? 138 TYR A CD2 1 
ATOM 765  C CE1 . TYR A 1 97  ? 9.963   18.831  -5.183  1.00 23.10 ? 138 TYR A CE1 1 
ATOM 766  C CE2 . TYR A 1 97  ? 9.464   20.965  -4.257  1.00 23.24 ? 138 TYR A CE2 1 
ATOM 767  C CZ  . TYR A 1 97  ? 10.001  19.712  -4.134  1.00 24.02 ? 138 TYR A CZ  1 
ATOM 768  O OH  . TYR A 1 97  ? 10.587  19.340  -2.952  1.00 24.78 ? 138 TYR A OH  1 
ATOM 769  N N   . ASP A 1 98  ? 6.322   18.517  -8.420  1.00 19.70 ? 139 ASP A N   1 
ATOM 770  C CA  . ASP A 1 98  ? 5.990   17.125  -8.169  1.00 18.52 ? 139 ASP A CA  1 
ATOM 771  C C   . ASP A 1 98  ? 7.236   16.377  -7.731  1.00 17.58 ? 139 ASP A C   1 
ATOM 772  O O   . ASP A 1 98  ? 8.093   16.055  -8.558  1.00 18.65 ? 139 ASP A O   1 
ATOM 773  C CB  . ASP A 1 98  ? 5.399   16.466  -9.406  1.00 19.89 ? 139 ASP A CB  1 
ATOM 774  C CG  . ASP A 1 98  ? 5.098   15.013  -9.179  1.00 22.56 ? 139 ASP A CG  1 
ATOM 775  O OD1 . ASP A 1 98  ? 4.235   14.714  -8.345  1.00 23.40 ? 139 ASP A OD1 1 
ATOM 776  O OD2 . ASP A 1 98  ? 5.726   14.158  -9.819  1.00 24.57 ? 139 ASP A OD2 1 
ATOM 777  N N   . PRO A 1 99  ? 7.352   16.047  -6.448  1.00 16.10 ? 140 PRO A N   1 
ATOM 778  C CA  . PRO A 1 99  ? 8.620   15.520  -5.946  1.00 15.53 ? 140 PRO A CA  1 
ATOM 779  C C   . PRO A 1 99  ? 8.946   14.139  -6.443  1.00 16.42 ? 140 PRO A C   1 
ATOM 780  O O   . PRO A 1 99  ? 10.126  13.788  -6.509  1.00 18.18 ? 140 PRO A O   1 
ATOM 781  C CB  . PRO A 1 99  ? 8.415   15.534  -4.430  1.00 14.60 ? 140 PRO A CB  1 
ATOM 782  C CG  . PRO A 1 99  ? 6.983   15.442  -4.260  1.00 14.70 ? 140 PRO A CG  1 
ATOM 783  C CD  . PRO A 1 99  ? 6.369   16.202  -5.373  1.00 15.06 ? 140 PRO A CD  1 
ATOM 784  N N   . TYR A 1 100 ? 7.956   13.343  -6.810  1.00 15.22 ? 141 TYR A N   1 
ATOM 785  C CA  . TYR A 1 100 ? 8.202   11.970  -7.213  1.00 14.29 ? 141 TYR A CA  1 
ATOM 786  C C   . TYR A 1 100 ? 8.438   11.808  -8.705  1.00 14.61 ? 141 TYR A C   1 
ATOM 787  O O   . TYR A 1 100 ? 8.563   10.673  -9.165  1.00 15.64 ? 141 TYR A O   1 
ATOM 788  C CB  . TYR A 1 100 ? 7.028   11.078  -6.799  1.00 13.04 ? 141 TYR A CB  1 
ATOM 789  C CG  . TYR A 1 100 ? 6.816   10.963  -5.311  1.00 13.14 ? 141 TYR A CG  1 
ATOM 790  C CD1 . TYR A 1 100 ? 7.454   9.989   -4.578  1.00 13.92 ? 141 TYR A CD1 1 
ATOM 791  C CD2 . TYR A 1 100 ? 5.971   11.825  -4.648  1.00 12.24 ? 141 TYR A CD2 1 
ATOM 792  C CE1 . TYR A 1 100 ? 7.267   9.876   -3.236  1.00 13.90 ? 141 TYR A CE1 1 
ATOM 793  C CE2 . TYR A 1 100 ? 5.780   11.723  -3.299  1.00 12.60 ? 141 TYR A CE2 1 
ATOM 794  C CZ  . TYR A 1 100 ? 6.429   10.743  -2.597  1.00 13.55 ? 141 TYR A CZ  1 
ATOM 795  O OH  . TYR A 1 100 ? 6.249   10.622  -1.246  1.00 14.35 ? 141 TYR A OH  1 
ATOM 796  N N   . VAL A 1 101 ? 8.490   12.893  -9.479  1.00 14.03 ? 142 VAL A N   1 
ATOM 797  C CA  . VAL A 1 101 ? 8.480   12.738  -10.932 1.00 13.87 ? 142 VAL A CA  1 
ATOM 798  C C   . VAL A 1 101 ? 9.780   12.118  -11.421 1.00 14.44 ? 142 VAL A C   1 
ATOM 799  O O   . VAL A 1 101 ? 9.796   11.367  -12.401 1.00 15.04 ? 142 VAL A O   1 
ATOM 800  C CB  . VAL A 1 101 ? 8.196   14.083  -11.625 1.00 13.09 ? 142 VAL A CB  1 
ATOM 801  C CG1 . VAL A 1 101 ? 9.330   15.057  -11.421 1.00 12.38 ? 142 VAL A CG1 1 
ATOM 802  C CG2 . VAL A 1 101 ? 7.896   13.870  -13.088 1.00 12.47 ? 142 VAL A CG2 1 
ATOM 803  N N   . ASN A 1 102 ? 10.880  12.400  -10.742 1.00 14.27 ? 143 ASN A N   1 
ATOM 804  C CA  . ASN A 1 102 ? 12.171  11.900  -11.178 1.00 14.22 ? 143 ASN A CA  1 
ATOM 805  C C   . ASN A 1 102 ? 12.585  10.605  -10.500 1.00 14.87 ? 143 ASN A C   1 
ATOM 806  O O   . ASN A 1 102 ? 13.689  10.124  -10.760 1.00 16.26 ? 143 ASN A O   1 
ATOM 807  C CB  . ASN A 1 102 ? 13.255  12.955  -10.960 1.00 14.24 ? 143 ASN A CB  1 
ATOM 808  C CG  . ASN A 1 102 ? 13.172  14.087  -11.955 1.00 15.14 ? 143 ASN A CG  1 
ATOM 809  O OD1 . ASN A 1 102 ? 12.614  13.932  -13.032 1.00 15.59 ? 143 ASN A OD1 1 
ATOM 810  N ND2 . ASN A 1 102 ? 13.739  15.226  -11.606 1.00 15.35 ? 143 ASN A ND2 1 
ATOM 811  N N   . TYR A 1 103 ? 11.748  10.031  -9.642  1.00 14.43 ? 144 TYR A N   1 
ATOM 812  C CA  . TYR A 1 103 ? 12.043  8.699   -9.135  1.00 14.79 ? 144 TYR A CA  1 
ATOM 813  C C   . TYR A 1 103 ? 12.016  7.682   -10.263 1.00 15.46 ? 144 TYR A C   1 
ATOM 814  O O   . TYR A 1 103 ? 11.201  7.763   -11.179 1.00 16.36 ? 144 TYR A O   1 
ATOM 815  C CB  . TYR A 1 103 ? 11.066  8.306   -8.033  1.00 14.31 ? 144 TYR A CB  1 
ATOM 816  C CG  . TYR A 1 103 ? 11.374  8.945   -6.706  1.00 15.01 ? 144 TYR A CG  1 
ATOM 817  C CD1 . TYR A 1 103 ? 12.676  9.095   -6.283  1.00 14.89 ? 144 TYR A CD1 1 
ATOM 818  C CD2 . TYR A 1 103 ? 10.376  9.357   -5.862  1.00 14.52 ? 144 TYR A CD2 1 
ATOM 819  C CE1 . TYR A 1 103 ? 12.968  9.665   -5.070  1.00 15.31 ? 144 TYR A CE1 1 
ATOM 820  C CE2 . TYR A 1 103 ? 10.666  9.926   -4.647  1.00 14.72 ? 144 TYR A CE2 1 
ATOM 821  C CZ  . TYR A 1 103 ? 11.958  10.079  -4.257  1.00 15.77 ? 144 TYR A CZ  1 
ATOM 822  O OH  . TYR A 1 103 ? 12.245  10.648  -3.042  1.00 17.52 ? 144 TYR A OH  1 
ATOM 823  N N   . SER A 1 104 ? 12.946  6.733   -10.205 1.00 16.17 ? 145 SER A N   1 
ATOM 824  C CA  . SER A 1 104 ? 13.062  5.751   -11.272 1.00 17.70 ? 145 SER A CA  1 
ATOM 825  C C   . SER A 1 104 ? 11.863  4.824   -11.290 1.00 18.82 ? 145 SER A C   1 
ATOM 826  O O   . SER A 1 104 ? 11.582  4.177   -12.302 1.00 20.21 ? 145 SER A O   1 
ATOM 827  C CB  . SER A 1 104 ? 14.343  4.944   -11.103 1.00 17.11 ? 145 SER A CB  1 
ATOM 828  O OG  . SER A 1 104 ? 15.489  5.768   -11.162 1.00 18.48 ? 145 SER A OG  1 
ATOM 829  N N   . SER A 1 105 ? 11.154  4.737   -10.175 1.00 19.47 ? 146 SER A N   1 
ATOM 830  C CA  . SER A 1 105 ? 10.006  3.863   -10.016 1.00 19.24 ? 146 SER A CA  1 
ATOM 831  C C   . SER A 1 105 ? 8.689   4.549   -10.341 1.00 19.87 ? 146 SER A C   1 
ATOM 832  O O   . SER A 1 105 ? 7.633   3.945   -10.146 1.00 21.47 ? 146 SER A O   1 
ATOM 833  C CB  . SER A 1 105 ? 9.975   3.318   -8.592  1.00 19.55 ? 146 SER A CB  1 
ATOM 834  O OG  . SER A 1 105 ? 9.853   4.371   -7.661  1.00 21.03 ? 146 SER A OG  1 
ATOM 835  N N   . ARG A 1 106 ? 8.726   5.782   -10.829 1.00 18.81 ? 147 ARG A N   1 
ATOM 836  C CA  . ARG A 1 106 ? 7.507   6.539   -11.061 1.00 18.03 ? 147 ARG A CA  1 
ATOM 837  C C   . ARG A 1 106 ? 6.683   5.971   -12.203 1.00 18.60 ? 147 ARG A C   1 
ATOM 838  O O   . ARG A 1 106 ? 7.203   5.683   -13.281 1.00 19.05 ? 147 ARG A O   1 
ATOM 839  C CB  . ARG A 1 106 ? 7.820   7.990   -11.391 1.00 17.23 ? 147 ARG A CB  1 
ATOM 840  C CG  . ARG A 1 106 ? 6.582   8.681   -11.908 1.00 16.34 ? 147 ARG A CG  1 
ATOM 841  C CD  . ARG A 1 106 ? 6.796   10.087  -12.354 1.00 15.63 ? 147 ARG A CD  1 
ATOM 842  N NE  . ARG A 1 106 ? 7.727   10.225  -13.474 1.00 17.78 ? 147 ARG A NE  1 
ATOM 843  C CZ  . ARG A 1 106 ? 7.404   10.065  -14.751 1.00 18.95 ? 147 ARG A CZ  1 
ATOM 844  N NH1 . ARG A 1 106 ? 8.316   10.234  -15.690 1.00 18.75 ? 147 ARG A NH1 1 
ATOM 845  N NH2 . ARG A 1 106 ? 6.179   9.721   -15.093 1.00 19.91 ? 147 ARG A NH2 1 
ATOM 846  N N   . HIS A 1 107 ? 5.383   5.838   -11.965 1.00 19.49 ? 148 HIS A N   1 
ATOM 847  C CA  . HIS A 1 107 ? 4.399   5.778   -13.027 1.00 19.84 ? 148 HIS A CA  1 
ATOM 848  C C   . HIS A 1 107 ? 3.482   6.975   -12.908 1.00 19.52 ? 148 HIS A C   1 
ATOM 849  O O   . HIS A 1 107 ? 3.264   7.499   -11.815 1.00 19.55 ? 148 HIS A O   1 
ATOM 850  C CB  . HIS A 1 107 ? 3.573   4.516   -12.994 1.00 21.09 ? 148 HIS A CB  1 
ATOM 851  C CG  . HIS A 1 107 ? 4.351   3.293   -13.318 1.00 23.38 ? 148 HIS A CG  1 
ATOM 852  N ND1 . HIS A 1 107 ? 3.829   2.029   -13.205 1.00 23.46 ? 148 HIS A ND1 1 
ATOM 853  C CD2 . HIS A 1 107 ? 5.623   3.141   -13.745 1.00 23.93 ? 148 HIS A CD2 1 
ATOM 854  C CE1 . HIS A 1 107 ? 4.744   1.146   -13.556 1.00 24.46 ? 148 HIS A CE1 1 
ATOM 855  N NE2 . HIS A 1 107 ? 5.843   1.796   -13.888 1.00 24.37 ? 148 HIS A NE2 1 
ATOM 856  N N   . THR A 1 108 ? 2.949   7.392   -14.041 1.00 18.63 ? 149 THR A N   1 
ATOM 857  C CA  . THR A 1 108 ? 2.045   8.520   -14.093 1.00 17.25 ? 149 THR A CA  1 
ATOM 858  C C   . THR A 1 108 ? 0.626   8.072   -13.803 1.00 17.21 ? 149 THR A C   1 
ATOM 859  O O   . THR A 1 108 ? 0.174   7.039   -14.296 1.00 18.45 ? 149 THR A O   1 
ATOM 860  C CB  . THR A 1 108 ? 2.103   9.158   -15.468 1.00 16.84 ? 149 THR A CB  1 
ATOM 861  O OG1 . THR A 1 108 ? 3.454   9.519   -15.759 1.00 17.61 ? 149 THR A OG1 1 
ATOM 862  C CG2 . THR A 1 108 ? 1.250   10.377  -15.502 1.00 15.45 ? 149 THR A CG2 1 
ATOM 863  N N   . ILE A 1 109 ? -0.084  8.859   -13.004 1.00 16.75 ? 150 ILE A N   1 
ATOM 864  C CA  . ILE A 1 109 ? -1.516  8.707   -12.816 1.00 16.14 ? 150 ILE A CA  1 
ATOM 865  C C   . ILE A 1 109 ? -2.206  9.905   -13.454 1.00 16.88 ? 150 ILE A C   1 
ATOM 866  O O   . ILE A 1 109 ? -2.014  11.030  -12.998 1.00 17.19 ? 150 ILE A O   1 
ATOM 867  C CB  . ILE A 1 109 ? -1.910  8.576   -11.336 1.00 15.42 ? 150 ILE A CB  1 
ATOM 868  C CG1 . ILE A 1 109 ? -3.429  8.614   -11.193 1.00 15.87 ? 150 ILE A CG1 1 
ATOM 869  C CG2 . ILE A 1 109 ? -1.169  9.570   -10.470 1.00 12.67 ? 150 ILE A CG2 1 
ATOM 870  C CD1 . ILE A 1 109 ? -3.907  8.270   -9.821  1.00 15.05 ? 150 ILE A CD1 1 
ATOM 871  N N   . PRO A 1 110 ? -2.953  9.721   -14.530 1.00 17.14 ? 151 PRO A N   1 
ATOM 872  C CA  . PRO A 1 110 ? -3.800  10.803  -15.036 1.00 18.14 ? 151 PRO A CA  1 
ATOM 873  C C   . PRO A 1 110 ? -4.982  11.049  -14.119 1.00 18.46 ? 151 PRO A C   1 
ATOM 874  O O   . PRO A 1 110 ? -5.451  10.126  -13.449 1.00 20.40 ? 151 PRO A O   1 
ATOM 875  C CB  . PRO A 1 110 ? -4.245  10.281  -16.403 1.00 20.00 ? 151 PRO A CB  1 
ATOM 876  C CG  . PRO A 1 110 ? -3.205  9.311   -16.775 1.00 20.00 ? 151 PRO A CG  1 
ATOM 877  C CD  . PRO A 1 110 ? -2.830  8.637   -15.511 1.00 20.00 ? 151 PRO A CD  1 
ATOM 878  N N   . GLN A 1 111 ? -5.482  12.271  -14.077 1.00 17.88 ? 152 GLN A N   1 
ATOM 879  C CA  . GLN A 1 111 ? -6.492  12.623  -13.097 1.00 17.66 ? 152 GLN A CA  1 
ATOM 880  C C   . GLN A 1 111 ? -7.641  13.372  -13.749 1.00 17.63 ? 152 GLN A C   1 
ATOM 881  O O   . GLN A 1 111 ? -7.522  13.804  -14.887 1.00 19.10 ? 152 GLN A O   1 
ATOM 882  C CB  . GLN A 1 111 ? -5.868  13.482  -12.005 1.00 17.87 ? 152 GLN A CB  1 
ATOM 883  C CG  . GLN A 1 111 ? -4.751  12.818  -11.265 1.00 18.66 ? 152 GLN A CG  1 
ATOM 884  C CD  . GLN A 1 111 ? -4.121  13.737  -10.270 1.00 20.65 ? 152 GLN A CD  1 
ATOM 885  O OE1 . GLN A 1 111 ? -4.351  14.938  -10.293 1.00 21.17 ? 152 GLN A OE1 1 
ATOM 886  N NE2 . GLN A 1 111 ? -3.259  13.195  -9.440  1.00 21.58 ? 152 GLN A NE2 1 
ATOM 887  N N   . PRO A 1 112 ? -8.766  13.520  -13.045 1.00 16.84 ? 153 PRO A N   1 
ATOM 888  C CA  . PRO A 1 112 ? -9.208  12.826  -11.838 1.00 16.27 ? 153 PRO A CA  1 
ATOM 889  C C   . PRO A 1 112 ? -9.712  11.408  -12.056 1.00 16.88 ? 153 PRO A C   1 
ATOM 890  O O   . PRO A 1 112 ? -9.592  10.590  -11.158 1.00 18.49 ? 153 PRO A O   1 
ATOM 891  C CB  . PRO A 1 112 ? -10.338 13.712  -11.334 1.00 15.98 ? 153 PRO A CB  1 
ATOM 892  C CG  . PRO A 1 112 ? -10.857 14.345  -12.527 1.00 14.21 ? 153 PRO A CG  1 
ATOM 893  C CD  . PRO A 1 112 ? -9.696  14.595  -13.411 1.00 14.96 ? 153 PRO A CD  1 
ATOM 894  N N   . PHE A 1 113 ? -10.268 11.126  -13.230 1.00 15.64 ? 154 PHE A N   1 
ATOM 895  C CA  . PHE A 1 113 ? -11.126 9.967   -13.434 1.00 15.72 ? 154 PHE A CA  1 
ATOM 896  C C   . PHE A 1 113 ? -10.402 8.764   -14.014 1.00 16.28 ? 154 PHE A C   1 
ATOM 897  O O   . PHE A 1 113 ? -11.034 7.747   -14.299 1.00 16.51 ? 154 PHE A O   1 
ATOM 898  C CB  . PHE A 1 113 ? -12.298 10.345  -14.331 1.00 15.04 ? 154 PHE A CB  1 
ATOM 899  C CG  . PHE A 1 113 ? -11.882 10.897  -15.652 1.00 15.00 ? 154 PHE A CG  1 
ATOM 900  C CD1 . PHE A 1 113 ? -11.569 10.059  -16.694 1.00 14.47 ? 154 PHE A CD1 1 
ATOM 901  C CD2 . PHE A 1 113 ? -11.820 12.254  -15.855 1.00 15.66 ? 154 PHE A CD2 1 
ATOM 902  C CE1 . PHE A 1 113 ? -11.185 10.564  -17.901 1.00 13.77 ? 154 PHE A CE1 1 
ATOM 903  C CE2 . PHE A 1 113 ? -11.439 12.758  -17.061 1.00 15.11 ? 154 PHE A CE2 1 
ATOM 904  C CZ  . PHE A 1 113 ? -11.120 11.912  -18.085 1.00 13.84 ? 154 PHE A CZ  1 
ATOM 905  N N   . SER A 1 114 ? -9.105  8.853   -14.226 1.00 17.14 ? 155 SER A N   1 
ATOM 906  C CA  . SER A 1 114 ? -8.384  7.752   -14.838 1.00 17.82 ? 155 SER A CA  1 
ATOM 907  C C   . SER A 1 114 ? -8.024  6.698   -13.801 1.00 18.12 ? 155 SER A C   1 
ATOM 908  O O   . SER A 1 114 ? -7.764  7.003   -12.636 1.00 18.66 ? 155 SER A O   1 
ATOM 909  C CB  . SER A 1 114 ? -7.128  8.259   -15.537 1.00 19.28 ? 155 SER A CB  1 
ATOM 910  O OG  . SER A 1 114 ? -7.477  9.152   -16.580 1.00 23.52 ? 155 SER A OG  1 
ATOM 911  N N   . TYR A 1 115 ? -8.016  5.446   -14.246 1.00 17.63 ? 156 TYR A N   1 
ATOM 912  C CA  . TYR A 1 115 ? -7.663  4.317   -13.403 1.00 17.04 ? 156 TYR A CA  1 
ATOM 913  C C   . TYR A 1 115 ? -6.161  4.089   -13.399 1.00 17.99 ? 156 TYR A C   1 
ATOM 914  O O   . TYR A 1 115 ? -5.515  4.045   -14.444 1.00 19.52 ? 156 TYR A O   1 
ATOM 915  C CB  . TYR A 1 115 ? -8.362  3.056   -13.896 1.00 15.86 ? 156 TYR A CB  1 
ATOM 916  C CG  . TYR A 1 115 ? -7.873  1.793   -13.243 1.00 16.88 ? 156 TYR A CG  1 
ATOM 917  C CD1 . TYR A 1 115 ? -8.331  1.407   -12.001 1.00 17.86 ? 156 TYR A CD1 1 
ATOM 918  C CD2 . TYR A 1 115 ? -6.932  0.997   -13.863 1.00 16.81 ? 156 TYR A CD2 1 
ATOM 919  C CE1 . TYR A 1 115 ? -7.882  0.259   -11.413 1.00 18.16 ? 156 TYR A CE1 1 
ATOM 920  C CE2 . TYR A 1 115 ? -6.474  -0.142  -13.274 1.00 17.11 ? 156 TYR A CE2 1 
ATOM 921  C CZ  . TYR A 1 115 ? -6.955  -0.511  -12.058 1.00 18.40 ? 156 TYR A CZ  1 
ATOM 922  O OH  . TYR A 1 115 ? -6.487  -1.657  -11.480 1.00 19.67 ? 156 TYR A OH  1 
ATOM 923  N N   . HIS A 1 116 ? -5.609  3.906   -12.205 1.00 17.77 ? 157 HIS A N   1 
ATOM 924  C CA  . HIS A 1 116 ? -4.173  3.761   -12.025 1.00 18.03 ? 157 HIS A CA  1 
ATOM 925  C C   . HIS A 1 116 ? -3.903  2.648   -11.029 1.00 18.23 ? 157 HIS A C   1 
ATOM 926  O O   . HIS A 1 116 ? -4.609  2.527   -10.030 1.00 19.24 ? 157 HIS A O   1 
ATOM 927  C CB  . HIS A 1 116 ? -3.550  5.070   -11.531 1.00 17.84 ? 157 HIS A CB  1 
ATOM 928  C CG  . HIS A 1 116 ? -2.082  4.987   -11.281 1.00 20.31 ? 157 HIS A CG  1 
ATOM 929  N ND1 . HIS A 1 116 ? -1.171  4.731   -12.280 1.00 21.29 ? 157 HIS A ND1 1 
ATOM 930  C CD2 . HIS A 1 116 ? -1.365  5.114   -10.142 1.00 20.09 ? 157 HIS A CD2 1 
ATOM 931  C CE1 . HIS A 1 116 ? 0.044   4.708   -11.768 1.00 20.50 ? 157 HIS A CE1 1 
ATOM 932  N NE2 . HIS A 1 116 ? -0.047  4.935   -10.471 1.00 18.61 ? 157 HIS A NE2 1 
ATOM 933  N N   . SER A 1 117 ? -2.886  1.837   -11.302 1.00 17.31 ? 158 SER A N   1 
ATOM 934  C CA  . SER A 1 117 ? -2.497  0.808   -10.352 1.00 17.07 ? 158 SER A CA  1 
ATOM 935  C C   . SER A 1 117 ? -1.001  0.565   -10.436 1.00 16.35 ? 158 SER A C   1 
ATOM 936  O O   . SER A 1 117 ? -0.384  0.763   -11.482 1.00 17.15 ? 158 SER A O   1 
ATOM 937  C CB  . SER A 1 117 ? -3.240  -0.503  -10.595 1.00 17.60 ? 158 SER A CB  1 
ATOM 938  O OG  . SER A 1 117 ? -2.870  -1.071  -11.832 1.00 20.03 ? 158 SER A OG  1 
ATOM 939  N N   . ARG A 1 118 ? -0.425  0.145   -9.314  1.00 15.50 ? 159 ARG A N   1 
ATOM 940  C CA  . ARG A 1 118 ? 0.971   -0.237  -9.233  1.00 15.46 ? 159 ARG A CA  1 
ATOM 941  C C   . ARG A 1 118 ? 1.059   -1.617  -8.612  1.00 16.81 ? 159 ARG A C   1 
ATOM 942  O O   . ARG A 1 118 ? 0.338   -1.927  -7.665  1.00 17.50 ? 159 ARG A O   1 
ATOM 943  C CB  . ARG A 1 118 ? 1.773   0.741   -8.400  1.00 13.42 ? 159 ARG A CB  1 
ATOM 944  C CG  . ARG A 1 118 ? 1.756   2.154   -8.896  1.00 12.82 ? 159 ARG A CG  1 
ATOM 945  C CD  . ARG A 1 118 ? 2.362   2.292   -10.268 1.00 13.96 ? 159 ARG A CD  1 
ATOM 946  N NE  . ARG A 1 118 ? 3.725   1.787   -10.349 1.00 14.57 ? 159 ARG A NE  1 
ATOM 947  C CZ  . ARG A 1 118 ? 4.799   2.460   -9.963  1.00 14.50 ? 159 ARG A CZ  1 
ATOM 948  N NH1 . ARG A 1 118 ? 5.996   1.917   -10.082 1.00 13.38 ? 159 ARG A NH1 1 
ATOM 949  N NH2 . ARG A 1 118 ? 4.676   3.659   -9.432  1.00 13.54 ? 159 ARG A NH2 1 
ATOM 950  N N   . TYR A 1 119 ? 1.952   -2.439  -9.144  1.00 17.48 ? 160 TYR A N   1 
ATOM 951  C CA  . TYR A 1 119 ? 2.076   -3.831  -8.739  1.00 18.03 ? 160 TYR A CA  1 
ATOM 952  C C   . TYR A 1 119 ? 3.544   -4.149  -8.531  1.00 18.00 ? 160 TYR A C   1 
ATOM 953  O O   . TYR A 1 119 ? 4.317   -4.134  -9.488  1.00 19.28 ? 160 TYR A O   1 
ATOM 954  C CB  . TYR A 1 119 ? 1.475   -4.730  -9.807  1.00 19.46 ? 160 TYR A CB  1 
ATOM 955  C CG  . TYR A 1 119 ? 1.615   -6.194  -9.566  1.00 23.21 ? 160 TYR A CG  1 
ATOM 956  C CD1 . TYR A 1 119 ? 0.769   -6.858  -8.704  1.00 24.52 ? 160 TYR A CD1 1 
ATOM 957  C CD2 . TYR A 1 119 ? 2.576   -6.921  -10.227 1.00 25.04 ? 160 TYR A CD2 1 
ATOM 958  C CE1 . TYR A 1 119 ? 0.888   -8.198  -8.502  1.00 25.95 ? 160 TYR A CE1 1 
ATOM 959  C CE2 . TYR A 1 119 ? 2.700   -8.258  -10.030 1.00 26.79 ? 160 TYR A CE2 1 
ATOM 960  C CZ  . TYR A 1 119 ? 1.855   -8.891  -9.162  1.00 27.68 ? 160 TYR A CZ  1 
ATOM 961  O OH  . TYR A 1 119 ? 1.971   -10.240 -8.962  1.00 30.06 ? 160 TYR A OH  1 
ATOM 962  N N   . PHE A 1 120 ? 3.924   -4.466  -7.300  1.00 16.94 ? 161 PHE A N   1 
ATOM 963  C CA  . PHE A 1 120 ? 5.335   -4.557  -6.961  1.00 16.62 ? 161 PHE A CA  1 
ATOM 964  C C   . PHE A 1 120 ? 5.484   -5.422  -5.723  1.00 17.19 ? 161 PHE A C   1 
ATOM 965  O O   . PHE A 1 120 ? 4.502   -5.884  -5.143  1.00 19.03 ? 161 PHE A O   1 
ATOM 966  C CB  . PHE A 1 120 ? 5.925   -3.168  -6.724  1.00 15.14 ? 161 PHE A CB  1 
ATOM 967  C CG  . PHE A 1 120 ? 5.348   -2.469  -5.536  1.00 14.98 ? 161 PHE A CG  1 
ATOM 968  C CD1 . PHE A 1 120 ? 5.974   -2.530  -4.320  1.00 14.25 ? 161 PHE A CD1 1 
ATOM 969  C CD2 . PHE A 1 120 ? 4.159   -1.791  -5.623  1.00 14.82 ? 161 PHE A CD2 1 
ATOM 970  C CE1 . PHE A 1 120 ? 5.442   -1.906  -3.230  1.00 14.62 ? 161 PHE A CE1 1 
ATOM 971  C CE2 . PHE A 1 120 ? 3.628   -1.175  -4.529  1.00 15.20 ? 161 PHE A CE2 1 
ATOM 972  C CZ  . PHE A 1 120 ? 4.269   -1.239  -3.333  1.00 14.47 ? 161 PHE A CZ  1 
ATOM 973  N N   . THR A 1 121 ? 6.734   -5.614  -5.308  1.00 17.32 ? 162 THR A N   1 
ATOM 974  C CA  . THR A 1 121 ? 7.042   -6.401  -4.125  1.00 17.43 ? 162 THR A CA  1 
ATOM 975  C C   . THR A 1 121 ? 7.411   -5.448  -3.002  1.00 16.94 ? 162 THR A C   1 
ATOM 976  O O   . THR A 1 121 ? 8.363   -4.671  -3.156  1.00 17.27 ? 162 THR A O   1 
ATOM 977  C CB  . THR A 1 121 ? 8.186   -7.358  -4.398  1.00 17.76 ? 162 THR A CB  1 
ATOM 978  O OG1 . THR A 1 121 ? 7.851   -8.201  -5.503  1.00 18.85 ? 162 THR A OG1 1 
ATOM 979  C CG2 . THR A 1 121 ? 8.445   -8.217  -3.189  1.00 17.22 ? 162 THR A CG2 1 
ATOM 980  N N   . PRO A 1 122 ? 6.715   -5.460  -1.880  1.00 16.70 ? 163 PRO A N   1 
ATOM 981  C CA  . PRO A 1 122 ? 7.013   -4.511  -0.815  1.00 16.82 ? 163 PRO A CA  1 
ATOM 982  C C   . PRO A 1 122 ? 8.095   -5.057  0.101   1.00 17.24 ? 163 PRO A C   1 
ATOM 983  O O   . PRO A 1 122 ? 8.493   -6.216  0.020   1.00 18.64 ? 163 PRO A O   1 
ATOM 984  C CB  . PRO A 1 122 ? 5.683   -4.408  -0.089  1.00 16.26 ? 163 PRO A CB  1 
ATOM 985  C CG  . PRO A 1 122 ? 5.152   -5.771  -0.210  1.00 16.39 ? 163 PRO A CG  1 
ATOM 986  C CD  . PRO A 1 122 ? 5.546   -6.281  -1.558  1.00 16.60 ? 163 PRO A CD  1 
ATOM 987  N N   . LYS A 1 123 ? 8.528   -4.213  1.022   1.00 15.94 ? 164 LYS A N   1 
ATOM 988  C CA  . LYS A 1 123 ? 9.586   -4.632  1.906   1.00 14.76 ? 164 LYS A CA  1 
ATOM 989  C C   . LYS A 1 123 ? 9.181   -4.318  3.335   1.00 14.96 ? 164 LYS A C   1 
ATOM 990  O O   . LYS A 1 123 ? 8.575   -3.279  3.589   1.00 16.30 ? 164 LYS A O   1 
ATOM 991  C CB  . LYS A 1 123 ? 10.903  -3.921  1.566   1.00 13.56 ? 164 LYS A CB  1 
ATOM 992  C CG  . LYS A 1 123 ? 11.334  -4.049  0.122   1.00 13.16 ? 164 LYS A CG  1 
ATOM 993  C CD  . LYS A 1 123 ? 11.528  -5.485  -0.267  1.00 12.87 ? 164 LYS A CD  1 
ATOM 994  C CE  . LYS A 1 123 ? 11.918  -5.619  -1.719  1.00 13.43 ? 164 LYS A CE  1 
ATOM 995  N NZ  . LYS A 1 123 ? 11.995  -7.048  -2.082  1.00 15.59 ? 164 LYS A NZ  1 
ATOM 996  N N   . PRO A 1 124 ? 9.482   -5.198  4.279   1.00 14.17 ? 165 PRO A N   1 
ATOM 997  C CA  . PRO A 1 124 ? 9.181   -4.896  5.673   1.00 14.32 ? 165 PRO A CA  1 
ATOM 998  C C   . PRO A 1 124 ? 10.207  -3.948  6.250   1.00 15.55 ? 165 PRO A C   1 
ATOM 999  O O   . PRO A 1 124 ? 11.355  -3.907  5.810   1.00 16.40 ? 165 PRO A O   1 
ATOM 1000 C CB  . PRO A 1 124 ? 9.246   -6.267  6.346   1.00 12.88 ? 165 PRO A CB  1 
ATOM 1001 C CG  . PRO A 1 124 ? 10.180  -7.015  5.522   1.00 12.28 ? 165 PRO A CG  1 
ATOM 1002 C CD  . PRO A 1 124 ? 9.949   -6.579  4.117   1.00 12.56 ? 165 PRO A CD  1 
ATOM 1003 N N   . VAL A 1 125 ? 9.800   -3.196  7.268   1.00 16.85 ? 166 VAL A N   1 
ATOM 1004 C CA  . VAL A 1 125 ? 10.721  -2.279  7.929   1.00 17.78 ? 166 VAL A CA  1 
ATOM 1005 C C   . VAL A 1 125 ? 11.307  -3.055  9.102   1.00 20.11 ? 166 VAL A C   1 
ATOM 1006 O O   . VAL A 1 125 ? 10.686  -3.211  10.148  1.00 20.89 ? 166 VAL A O   1 
ATOM 1007 C CB  . VAL A 1 125 ? 10.024  -0.995  8.368   1.00 16.25 ? 166 VAL A CB  1 
ATOM 1008 C CG1 . VAL A 1 125 ? 11.007  -0.072  9.062   1.00 15.70 ? 166 VAL A CG1 1 
ATOM 1009 C CG2 . VAL A 1 125 ? 9.366   -0.311  7.182   1.00 14.59 ? 166 VAL A CG2 1 
ATOM 1010 N N   . LEU A 1 126 ? 12.547  -3.512  8.934   1.00 22.10 ? 167 LEU A N   1 
ATOM 1011 C CA  . LEU A 1 126 ? 13.215  -4.300  9.962   1.00 24.95 ? 167 LEU A CA  1 
ATOM 1012 C C   . LEU A 1 126 ? 13.870  -3.439  11.028  1.00 28.22 ? 167 LEU A C   1 
ATOM 1013 O O   . LEU A 1 126 ? 13.711  -3.709  12.223  1.00 29.38 ? 167 LEU A O   1 
ATOM 1014 C CB  . LEU A 1 126 ? 14.239  -5.226  9.315   1.00 23.62 ? 167 LEU A CB  1 
ATOM 1015 C CG  . LEU A 1 126 ? 13.679  -6.606  8.987   1.00 23.31 ? 167 LEU A CG  1 
ATOM 1016 C CD1 . LEU A 1 126 ? 12.517  -6.484  8.072   1.00 22.48 ? 167 LEU A CD1 1 
ATOM 1017 C CD2 . LEU A 1 126 ? 14.742  -7.450  8.336   1.00 22.83 ? 167 LEU A CD2 1 
ATOM 1018 N N   . ASP A 1 127 ? 14.624  -2.420  10.621  1.00 31.30 ? 168 ASP A N   1 
ATOM 1019 C CA  . ASP A 1 127 ? 15.236  -1.504  11.578  1.00 34.55 ? 168 ASP A CA  1 
ATOM 1020 C C   . ASP A 1 127 ? 15.025  -0.094  11.033  1.00 35.77 ? 168 ASP A C   1 
ATOM 1021 O O   . ASP A 1 127 ? 15.515  0.228   9.949   1.00 37.08 ? 168 ASP A O   1 
ATOM 1022 C CB  . ASP A 1 127 ? 16.708  -1.815  11.776  1.00 37.30 ? 168 ASP A CB  1 
ATOM 1023 C CG  . ASP A 1 127 ? 17.354  -0.923  12.812  1.00 40.72 ? 168 ASP A CG  1 
ATOM 1024 O OD1 . ASP A 1 127 ? 16.995  -1.030  14.002  1.00 42.84 ? 168 ASP A OD1 1 
ATOM 1025 O OD2 . ASP A 1 127 ? 18.221  -0.110  12.439  1.00 42.68 ? 168 ASP A OD2 1 
ATOM 1026 N N   . SER A 1 128 ? 14.302  0.729   11.786  1.00 36.42 ? 169 SER A N   1 
ATOM 1027 C CA  . SER A 1 128 ? 14.042  2.085   11.327  1.00 37.87 ? 169 SER A CA  1 
ATOM 1028 C C   . SER A 1 128 ? 15.304  2.925   11.242  1.00 37.20 ? 169 SER A C   1 
ATOM 1029 O O   . SER A 1 128 ? 15.354  3.852   10.429  1.00 37.97 ? 169 SER A O   1 
ATOM 1030 C CB  . SER A 1 128 ? 13.024  2.766   12.243  1.00 38.40 ? 169 SER A CB  1 
ATOM 1031 O OG  . SER A 1 128 ? 13.536  2.909   13.556  1.00 41.97 ? 169 SER A OG  1 
ATOM 1032 N N   . THR A 1 129 ? 16.315  2.626   12.050  1.00 36.17 ? 170 THR A N   1 
ATOM 1033 C CA  . THR A 1 129 ? 17.581  3.338   11.967  1.00 35.85 ? 170 THR A CA  1 
ATOM 1034 C C   . THR A 1 129 ? 18.338  3.032   10.686  1.00 34.67 ? 170 THR A C   1 
ATOM 1035 O O   . THR A 1 129 ? 18.738  3.959   9.976   1.00 35.49 ? 170 THR A O   1 
ATOM 1036 C CB  . THR A 1 129 ? 18.463  2.986   13.167  1.00 37.20 ? 170 THR A CB  1 
ATOM 1037 O OG1 . THR A 1 129 ? 17.797  3.358   14.379  1.00 40.26 ? 170 THR A OG1 1 
ATOM 1038 C CG2 . THR A 1 129 ? 19.784  3.716   13.087  1.00 35.89 ? 170 THR A CG2 1 
ATOM 1039 N N   . ILE A 1 130 ? 18.545  1.756   10.372  1.00 32.11 ? 171 ILE A N   1 
ATOM 1040 C CA  . ILE A 1 130 ? 19.336  1.368   9.220   1.00 29.66 ? 171 ILE A CA  1 
ATOM 1041 C C   . ILE A 1 130 ? 18.546  1.415   7.915   1.00 29.87 ? 171 ILE A C   1 
ATOM 1042 O O   . ILE A 1 130 ? 19.090  1.855   6.896   1.00 30.02 ? 171 ILE A O   1 
ATOM 1043 C CB  . ILE A 1 130 ? 19.946  -0.028  9.436   1.00 28.14 ? 171 ILE A CB  1 
ATOM 1044 C CG1 . ILE A 1 130 ? 20.836  -0.024  10.675  1.00 26.30 ? 171 ILE A CG1 1 
ATOM 1045 C CG2 . ILE A 1 130 ? 20.786  -0.419  8.245   1.00 27.69 ? 171 ILE A CG2 1 
ATOM 1046 C CD1 . ILE A 1 130 ? 21.280  -1.400  11.104  1.00 26.77 ? 171 ILE A CD1 1 
ATOM 1047 N N   . ASP A 1 131 ? 17.290  0.976   7.910   1.00 29.70 ? 172 ASP A N   1 
ATOM 1048 C CA  . ASP A 1 131 ? 16.444  0.956   6.718   1.00 29.84 ? 172 ASP A CA  1 
ATOM 1049 C C   . ASP A 1 131 ? 17.125  0.217   5.562   1.00 27.51 ? 172 ASP A C   1 
ATOM 1050 O O   . ASP A 1 131 ? 17.593  0.804   4.594   1.00 28.61 ? 172 ASP A O   1 
ATOM 1051 C CB  . ASP A 1 131 ? 16.041  2.373   6.301   1.00 33.98 ? 172 ASP A CB  1 
ATOM 1052 C CG  . ASP A 1 131 ? 15.033  2.990   7.241   1.00 39.14 ? 172 ASP A CG  1 
ATOM 1053 O OD1 . ASP A 1 131 ? 14.453  2.249   8.053   1.00 40.79 ? 172 ASP A OD1 1 
ATOM 1054 O OD2 . ASP A 1 131 ? 14.801  4.210   7.159   1.00 41.91 ? 172 ASP A OD2 1 
ATOM 1055 N N   . TYR A 1 132 ? 17.180  -1.101  5.707   1.00 24.04 ? 173 TYR A N   1 
ATOM 1056 C CA  . TYR A 1 132 ? 17.721  -1.982  4.687   1.00 22.02 ? 173 TYR A CA  1 
ATOM 1057 C C   . TYR A 1 132 ? 16.661  -2.978  4.248   1.00 20.67 ? 173 TYR A C   1 
ATOM 1058 O O   . TYR A 1 132 ? 15.788  -3.357  5.028   1.00 20.76 ? 173 TYR A O   1 
ATOM 1059 C CB  . TYR A 1 132 ? 18.954  -2.728  5.200   1.00 22.57 ? 173 TYR A CB  1 
ATOM 1060 C CG  . TYR A 1 132 ? 18.693  -3.654  6.363   1.00 23.86 ? 173 TYR A CG  1 
ATOM 1061 C CD1 . TYR A 1 132 ? 18.367  -4.980  6.153   1.00 23.95 ? 173 TYR A CD1 1 
ATOM 1062 C CD2 . TYR A 1 132 ? 18.779  -3.202  7.666   1.00 25.67 ? 173 TYR A CD2 1 
ATOM 1063 C CE1 . TYR A 1 132 ? 18.137  -5.820  7.197   1.00 25.14 ? 173 TYR A CE1 1 
ATOM 1064 C CE2 . TYR A 1 132 ? 18.548  -4.034  8.716   1.00 26.26 ? 173 TYR A CE2 1 
ATOM 1065 C CZ  . TYR A 1 132 ? 18.223  -5.343  8.479   1.00 27.31 ? 173 TYR A CZ  1 
ATOM 1066 O OH  . TYR A 1 132 ? 17.986  -6.186  9.532   1.00 30.06 ? 173 TYR A OH  1 
ATOM 1067 N N   . PHE A 1 133 ? 16.744  -3.404  2.992   1.00 18.15 ? 174 PHE A N   1 
ATOM 1068 C CA  . PHE A 1 133 ? 15.716  -4.257  2.419   1.00 17.06 ? 174 PHE A CA  1 
ATOM 1069 C C   . PHE A 1 133 ? 16.359  -5.249  1.468   1.00 17.16 ? 174 PHE A C   1 
ATOM 1070 O O   . PHE A 1 133 ? 17.462  -5.035  0.973   1.00 18.00 ? 174 PHE A O   1 
ATOM 1071 C CB  . PHE A 1 133 ? 14.638  -3.423  1.717   1.00 16.56 ? 174 PHE A CB  1 
ATOM 1072 C CG  . PHE A 1 133 ? 15.160  -2.540  0.630   1.00 16.25 ? 174 PHE A CG  1 
ATOM 1073 C CD1 . PHE A 1 133 ? 15.205  -2.981  -0.669  1.00 16.40 ? 174 PHE A CD1 1 
ATOM 1074 C CD2 . PHE A 1 133 ? 15.594  -1.265  0.907   1.00 15.80 ? 174 PHE A CD2 1 
ATOM 1075 C CE1 . PHE A 1 133 ? 15.683  -2.180  -1.660  1.00 16.84 ? 174 PHE A CE1 1 
ATOM 1076 C CE2 . PHE A 1 133 ? 16.063  -0.466  -0.080  1.00 15.55 ? 174 PHE A CE2 1 
ATOM 1077 C CZ  . PHE A 1 133 ? 16.112  -0.928  -1.365  1.00 16.18 ? 174 PHE A CZ  1 
ATOM 1078 N N   . GLN A 1 134 ? 15.677  -6.352  1.242   1.00 16.70 ? 175 GLN A N   1 
ATOM 1079 C CA  . GLN A 1 134 ? 16.242  -7.374  0.380   1.00 16.84 ? 175 GLN A CA  1 
ATOM 1080 C C   . GLN A 1 134 ? 16.016  -7.083  -1.097  1.00 18.59 ? 175 GLN A C   1 
ATOM 1081 O O   . GLN A 1 134 ? 15.059  -6.410  -1.468  1.00 19.87 ? 175 GLN A O   1 
ATOM 1082 C CB  . GLN A 1 134 ? 15.644  -8.729  0.685   1.00 15.67 ? 175 GLN A CB  1 
ATOM 1083 C CG  . GLN A 1 134 ? 16.170  -9.404  1.891   1.00 16.13 ? 175 GLN A CG  1 
ATOM 1084 C CD  . GLN A 1 134 ? 15.561  -10.750 2.032   1.00 17.05 ? 175 GLN A CD  1 
ATOM 1085 O OE1 . GLN A 1 134 ? 14.432  -10.974 1.632   1.00 18.24 ? 175 GLN A OE1 1 
ATOM 1086 N NE2 . GLN A 1 134 ? 16.323  -11.679 2.552   1.00 15.88 ? 175 GLN A NE2 1 
ATOM 1087 N N   . PRO A 1 135 ? 16.876  -7.610  -1.959  1.00 19.73 ? 176 PRO A N   1 
ATOM 1088 C CA  . PRO A 1 135 ? 16.550  -7.667  -3.381  1.00 21.14 ? 176 PRO A CA  1 
ATOM 1089 C C   . PRO A 1 135 ? 15.345  -8.557  -3.602  1.00 23.02 ? 176 PRO A C   1 
ATOM 1090 O O   . PRO A 1 135 ? 14.895  -9.265  -2.705  1.00 23.50 ? 176 PRO A O   1 
ATOM 1091 C CB  . PRO A 1 135 ? 17.808  -8.271  -4.007  1.00 19.16 ? 176 PRO A CB  1 
ATOM 1092 C CG  . PRO A 1 135 ? 18.880  -7.910  -3.089  1.00 18.56 ? 176 PRO A CG  1 
ATOM 1093 C CD  . PRO A 1 135 ? 18.273  -7.996  -1.719  1.00 18.92 ? 176 PRO A CD  1 
ATOM 1094 N N   . ASN A 1 136 ? 14.806  -8.523  -4.810  1.00 26.35 ? 177 ASN A N   1 
ATOM 1095 C CA  . ASN A 1 136 ? 13.671  -9.389  -5.067  1.00 29.30 ? 177 ASN A CA  1 
ATOM 1096 C C   . ASN A 1 136 ? 14.193  -10.738 -5.508  1.00 30.89 ? 177 ASN A C   1 
ATOM 1097 O O   . ASN A 1 136 ? 14.645  -10.904 -6.643  1.00 33.11 ? 177 ASN A O   1 
ATOM 1098 C CB  . ASN A 1 136 ? 12.776  -8.802  -6.146  1.00 31.44 ? 177 ASN A CB  1 
ATOM 1099 C CG  . ASN A 1 136 ? 12.100  -7.550  -5.703  1.00 33.96 ? 177 ASN A CG  1 
ATOM 1100 O OD1 . ASN A 1 136 ? 11.929  -7.317  -4.513  1.00 35.06 ? 177 ASN A OD1 1 
ATOM 1101 N ND2 . ASN A 1 136 ? 11.710  -6.722  -6.654  1.00 38.73 ? 177 ASN A ND2 1 
ATOM 1102 N N   . ASN A 1 137 ? 14.123  -11.704 -4.608  1.00 32.17 ? 178 ASN A N   1 
ATOM 1103 C CA  . ASN A 1 137 ? 14.426  -13.082 -4.939  1.00 33.47 ? 178 ASN A CA  1 
ATOM 1104 C C   . ASN A 1 137 ? 13.396  -13.927 -4.222  1.00 34.12 ? 178 ASN A C   1 
ATOM 1105 O O   . ASN A 1 137 ? 13.356  -13.941 -2.991  1.00 33.86 ? 178 ASN A O   1 
ATOM 1106 C CB  . ASN A 1 137 ? 15.846  -13.437 -4.519  1.00 34.69 ? 178 ASN A CB  1 
ATOM 1107 C CG  . ASN A 1 137 ? 16.301  -14.742 -5.086  1.00 36.15 ? 178 ASN A CG  1 
ATOM 1108 O OD1 . ASN A 1 137 ? 15.496  -15.606 -5.405  1.00 38.77 ? 178 ASN A OD1 1 
ATOM 1109 N ND2 . ASN A 1 137 ? 17.603  -14.887 -5.258  1.00 37.30 ? 178 ASN A ND2 1 
ATOM 1110 N N   . LYS A 1 138 ? 12.563  -14.644 -4.969  1.00 35.07 ? 179 LYS A N   1 
ATOM 1111 C CA  . LYS A 1 138 ? 11.462  -15.350 -4.330  1.00 36.29 ? 179 LYS A CA  1 
ATOM 1112 C C   . LYS A 1 138 ? 11.969  -16.439 -3.402  1.00 35.35 ? 179 LYS A C   1 
ATOM 1113 O O   . LYS A 1 138 ? 11.292  -16.809 -2.440  1.00 35.45 ? 179 LYS A O   1 
ATOM 1114 C CB  . LYS A 1 138 ? 10.529  -15.927 -5.390  1.00 39.82 ? 179 LYS A CB  1 
ATOM 1115 C CG  . LYS A 1 138 ? 9.721   -14.881 -6.127  1.00 45.27 ? 179 LYS A CG  1 
ATOM 1116 C CD  . LYS A 1 138 ? 8.788   -15.506 -7.130  1.00 49.42 ? 179 LYS A CD  1 
ATOM 1117 C CE  . LYS A 1 138 ? 7.942   -14.448 -7.808  1.00 52.53 ? 179 LYS A CE  1 
ATOM 1118 N NZ  . LYS A 1 138 ? 7.066   -13.738 -6.837  1.00 51.93 ? 179 LYS A NZ  1 
ATOM 1119 N N   . ARG A 1 139 ? 13.166  -16.954 -3.663  1.00 34.71 ? 180 ARG A N   1 
ATOM 1120 C CA  . ARG A 1 139 ? 13.686  -18.057 -2.870  1.00 34.94 ? 180 ARG A CA  1 
ATOM 1121 C C   . ARG A 1 139 ? 14.248  -17.578 -1.545  1.00 31.91 ? 180 ARG A C   1 
ATOM 1122 O O   . ARG A 1 139 ? 14.077  -18.251 -0.526  1.00 32.39 ? 180 ARG A O   1 
ATOM 1123 C CB  . ARG A 1 139 ? 14.751  -18.791 -3.671  1.00 39.57 ? 180 ARG A CB  1 
ATOM 1124 C CG  . ARG A 1 139 ? 15.307  -20.042 -3.036  1.00 49.48 ? 180 ARG A CG  1 
ATOM 1125 C CD  . ARG A 1 139 ? 16.316  -20.658 -3.984  1.00 57.33 ? 180 ARG A CD  1 
ATOM 1126 N NE  . ARG A 1 139 ? 15.669  -21.050 -5.235  1.00 64.85 ? 180 ARG A NE  1 
ATOM 1127 C CZ  . ARG A 1 139 ? 16.314  -21.469 -6.319  1.00 67.45 ? 180 ARG A CZ  1 
ATOM 1128 N NH1 . ARG A 1 139 ? 17.637  -21.544 -6.317  1.00 68.07 ? 180 ARG A NH1 1 
ATOM 1129 N NH2 . ARG A 1 139 ? 15.633  -21.796 -7.408  1.00 69.58 ? 180 ARG A NH2 1 
ATOM 1130 N N   . ASN A 1 140 ? 14.908  -16.424 -1.537  1.00 28.62 ? 181 ASN A N   1 
ATOM 1131 C CA  . ASN A 1 140 ? 15.629  -15.918 -0.382  1.00 25.28 ? 181 ASN A CA  1 
ATOM 1132 C C   . ASN A 1 140 ? 14.843  -14.933 0.460   1.00 23.73 ? 181 ASN A C   1 
ATOM 1133 O O   . ASN A 1 140 ? 15.418  -14.334 1.365   1.00 23.47 ? 181 ASN A O   1 
ATOM 1134 C CB  . ASN A 1 140 ? 16.928  -15.268 -0.831  1.00 26.24 ? 181 ASN A CB  1 
ATOM 1135 C CG  . ASN A 1 140 ? 17.922  -16.264 -1.305  1.00 29.12 ? 181 ASN A CG  1 
ATOM 1136 O OD1 . ASN A 1 140 ? 18.572  -16.932 -0.512  1.00 30.50 ? 181 ASN A OD1 1 
ATOM 1137 N ND2 . ASN A 1 140 ? 18.044  -16.391 -2.614  1.00 29.99 ? 181 ASN A ND2 1 
ATOM 1138 N N   . GLN A 1 141 ? 13.572  -14.713 0.169   1.00 21.38 ? 182 GLN A N   1 
ATOM 1139 C CA  . GLN A 1 141 ? 12.787  -13.747 0.919   1.00 19.31 ? 182 GLN A CA  1 
ATOM 1140 C C   . GLN A 1 141 ? 12.622  -14.198 2.366   1.00 18.12 ? 182 GLN A C   1 
ATOM 1141 O O   . GLN A 1 141 ? 12.280  -15.352 2.625   1.00 19.59 ? 182 GLN A O   1 
ATOM 1142 C CB  . GLN A 1 141 ? 11.429  -13.598 0.258   1.00 18.26 ? 182 GLN A CB  1 
ATOM 1143 C CG  . GLN A 1 141 ? 10.627  -12.428 0.706   1.00 19.26 ? 182 GLN A CG  1 
ATOM 1144 C CD  . GLN A 1 141 ? 9.310   -12.401 0.018   1.00 21.45 ? 182 GLN A CD  1 
ATOM 1145 O OE1 . GLN A 1 141 ? 9.013   -13.270 -0.785  1.00 22.99 ? 182 GLN A OE1 1 
ATOM 1146 N NE2 . GLN A 1 141 ? 8.511   -11.390 0.302   1.00 22.85 ? 182 GLN A NE2 1 
ATOM 1147 N N   . LEU A 1 142 ? 12.870  -13.294 3.310   1.00 16.16 ? 183 LEU A N   1 
ATOM 1148 C CA  . LEU A 1 142 ? 12.703  -13.621 4.721   1.00 14.11 ? 183 LEU A CA  1 
ATOM 1149 C C   . LEU A 1 142 ? 11.271  -14.006 5.049   1.00 14.52 ? 183 LEU A C   1 
ATOM 1150 O O   . LEU A 1 142 ? 10.316  -13.399 4.564   1.00 15.86 ? 183 LEU A O   1 
ATOM 1151 C CB  . LEU A 1 142 ? 13.136  -12.446 5.594   1.00 12.59 ? 183 LEU A CB  1 
ATOM 1152 C CG  . LEU A 1 142 ? 14.472  -12.635 6.307   1.00 12.51 ? 183 LEU A CG  1 
ATOM 1153 C CD1 . LEU A 1 142 ? 15.591  -12.949 5.369   1.00 12.36 ? 183 LEU A CD1 1 
ATOM 1154 C CD2 . LEU A 1 142 ? 14.797  -11.408 7.151   1.00 10.60 ? 183 LEU A CD2 1 
ATOM 1155 N N   . TRP A 1 143 ? 11.134  -15.028 5.881   1.00 13.86 ? 184 TRP A N   1 
ATOM 1156 C CA  . TRP A 1 143 ? 9.856   -15.396 6.455   1.00 13.28 ? 184 TRP A CA  1 
ATOM 1157 C C   . TRP A 1 143 ? 9.617   -14.547 7.686   1.00 14.44 ? 184 TRP A C   1 
ATOM 1158 O O   . TRP A 1 143 ? 10.554  -14.233 8.420   1.00 15.48 ? 184 TRP A O   1 
ATOM 1159 C CB  . TRP A 1 143 ? 9.806   -16.876 6.827   1.00 11.53 ? 184 TRP A CB  1 
ATOM 1160 C CG  . TRP A 1 143 ? 9.692   -17.784 5.672   1.00 11.32 ? 184 TRP A CG  1 
ATOM 1161 C CD1 . TRP A 1 143 ? 10.681  -18.495 5.085   1.00 12.25 ? 184 TRP A CD1 1 
ATOM 1162 C CD2 . TRP A 1 143 ? 8.509   -18.058 4.939   1.00 10.97 ? 184 TRP A CD2 1 
ATOM 1163 N NE1 . TRP A 1 143 ? 10.183  -19.219 4.041   1.00 11.30 ? 184 TRP A NE1 1 
ATOM 1164 C CE2 . TRP A 1 143 ? 8.846   -18.955 3.924   1.00 10.57 ? 184 TRP A CE2 1 
ATOM 1165 C CE3 . TRP A 1 143 ? 7.193   -17.621 5.037   1.00 10.43 ? 184 TRP A CE3 1 
ATOM 1166 C CZ2 . TRP A 1 143 ? 7.914   -19.424 3.017   1.00 10.28 ? 184 TRP A CZ2 1 
ATOM 1167 C CZ3 . TRP A 1 143 ? 6.280   -18.091 4.153   1.00 10.90 ? 184 TRP A CZ3 1 
ATOM 1168 C CH2 . TRP A 1 143 ? 6.634   -18.984 3.158   1.00 10.93 ? 184 TRP A CH2 1 
ATOM 1169 N N   . LEU A 1 144 ? 8.367   -14.166 7.899   1.00 14.45 ? 185 LEU A N   1 
ATOM 1170 C CA  . LEU A 1 144 ? 7.989   -13.349 9.035   1.00 14.17 ? 185 LEU A CA  1 
ATOM 1171 C C   . LEU A 1 144 ? 6.967   -14.094 9.872   1.00 15.36 ? 185 LEU A C   1 
ATOM 1172 O O   . LEU A 1 144 ? 6.114   -14.797 9.334   1.00 16.49 ? 185 LEU A O   1 
ATOM 1173 C CB  . LEU A 1 144 ? 7.391   -12.033 8.595   1.00 13.50 ? 185 LEU A CB  1 
ATOM 1174 C CG  . LEU A 1 144 ? 8.288   -11.107 7.803   1.00 14.23 ? 185 LEU A CG  1 
ATOM 1175 C CD1 . LEU A 1 144 ? 7.453   -9.947  7.363   1.00 14.61 ? 185 LEU A CD1 1 
ATOM 1176 C CD2 . LEU A 1 144 ? 9.457   -10.642 8.636   1.00 15.13 ? 185 LEU A CD2 1 
ATOM 1177 N N   . ARG A 1 145 ? 7.049   -13.942 11.187  1.00 15.50 ? 186 ARG A N   1 
ATOM 1178 C CA  . ARG A 1 145 ? 6.053   -14.557 12.048  1.00 16.70 ? 186 ARG A CA  1 
ATOM 1179 C C   . ARG A 1 145 ? 4.764   -13.763 11.957  1.00 16.90 ? 186 ARG A C   1 
ATOM 1180 O O   . ARG A 1 145 ? 4.789   -12.531 11.943  1.00 17.40 ? 186 ARG A O   1 
ATOM 1181 C CB  . ARG A 1 145 ? 6.519   -14.628 13.501  1.00 17.97 ? 186 ARG A CB  1 
ATOM 1182 C CG  . ARG A 1 145 ? 5.529   -15.397 14.371  1.00 21.70 ? 186 ARG A CG  1 
ATOM 1183 C CD  . ARG A 1 145 ? 6.018   -15.680 15.785  1.00 27.18 ? 186 ARG A CD  1 
ATOM 1184 N NE  . ARG A 1 145 ? 5.989   -14.534 16.684  1.00 31.99 ? 186 ARG A NE  1 
ATOM 1185 C CZ  . ARG A 1 145 ? 4.925   -14.178 17.398  1.00 35.63 ? 186 ARG A CZ  1 
ATOM 1186 N NH1 . ARG A 1 145 ? 4.983   -13.128 18.200  1.00 36.87 ? 186 ARG A NH1 1 
ATOM 1187 N NH2 . ARG A 1 145 ? 3.798   -14.866 17.307  1.00 36.57 ? 186 ARG A NH2 1 
ATOM 1188 N N   . LEU A 1 146 ? 3.640   -14.460 11.898  1.00 17.43 ? 187 LEU A N   1 
ATOM 1189 C CA  . LEU A 1 146 ? 2.355   -13.786 11.886  1.00 18.54 ? 187 LEU A CA  1 
ATOM 1190 C C   . LEU A 1 146 ? 1.960   -13.512 13.328  1.00 20.43 ? 187 LEU A C   1 
ATOM 1191 O O   . LEU A 1 146 ? 1.789   -14.445 14.115  1.00 21.59 ? 187 LEU A O   1 
ATOM 1192 C CB  . LEU A 1 146 ? 1.299   -14.639 11.193  1.00 16.59 ? 187 LEU A CB  1 
ATOM 1193 C CG  . LEU A 1 146 ? 0.125   -13.883 10.585  1.00 16.37 ? 187 LEU A CG  1 
ATOM 1194 C CD1 . LEU A 1 146 ? -0.519  -14.796 9.574   1.00 15.09 ? 187 LEU A CD1 1 
ATOM 1195 C CD2 . LEU A 1 146 ? -0.878  -13.354 11.592  1.00 15.64 ? 187 LEU A CD2 1 
ATOM 1196 N N   . GLN A 1 147 ? 1.804   -12.247 13.674  1.00 22.08 ? 188 GLN A N   1 
ATOM 1197 C CA  . GLN A 1 147 ? 1.507   -11.851 15.039  1.00 24.47 ? 188 GLN A CA  1 
ATOM 1198 C C   . GLN A 1 147 ? 0.109   -11.262 15.113  1.00 26.79 ? 188 GLN A C   1 
ATOM 1199 O O   . GLN A 1 147 ? -0.446  -10.797 14.116  1.00 27.38 ? 188 GLN A O   1 
ATOM 1200 C CB  . GLN A 1 147 ? 2.541   -10.844 15.532  1.00 23.94 ? 188 GLN A CB  1 
ATOM 1201 C CG  . GLN A 1 147 ? 3.925   -11.426 15.610  1.00 25.51 ? 188 GLN A CG  1 
ATOM 1202 C CD  . GLN A 1 147 ? 4.955   -10.410 16.011  1.00 27.75 ? 188 GLN A CD  1 
ATOM 1203 O OE1 . GLN A 1 147 ? 4.750   -9.213  15.852  1.00 30.15 ? 188 GLN A OE1 1 
ATOM 1204 N NE2 . GLN A 1 147 ? 6.088   -10.883 16.517  1.00 27.93 ? 188 GLN A NE2 1 
ATOM 1205 N N   . THR A 1 148 ? -0.481  -11.329 16.303  1.00 29.19 ? 189 THR A N   1 
ATOM 1206 C CA  . THR A 1 148 ? -1.843  -10.842 16.464  1.00 31.36 ? 189 THR A CA  1 
ATOM 1207 C C   . THR A 1 148 ? -1.977  -9.366  16.099  1.00 32.81 ? 189 THR A C   1 
ATOM 1208 O O   . THR A 1 148 ? -2.492  -9.033  15.029  1.00 32.33 ? 189 THR A O   1 
ATOM 1209 C CB  . THR A 1 148 ? -2.305  -11.068 17.900  1.00 31.58 ? 189 THR A CB  1 
ATOM 1210 O OG1 . THR A 1 148 ? -1.425  -10.372 18.791  1.00 33.02 ? 189 THR A OG1 1 
ATOM 1211 C CG2 . THR A 1 148 ? -2.276  -12.547 18.231  1.00 30.78 ? 189 THR A CG2 1 
ATOM 1212 N N   . SER A 1 149 ? -1.527  -8.471  16.977  1.00 34.03 ? 190 SER A N   1 
ATOM 1213 C CA  . SER A 1 149 ? -1.569  -7.045  16.693  1.00 35.50 ? 190 SER A CA  1 
ATOM 1214 C C   . SER A 1 149 ? -0.228  -6.411  16.343  1.00 35.51 ? 190 SER A C   1 
ATOM 1215 O O   . SER A 1 149 ? -0.201  -5.226  15.999  1.00 37.93 ? 190 SER A O   1 
ATOM 1216 C CB  . SER A 1 149 ? -2.176  -6.294  17.886  1.00 20.00 ? 190 SER A CB  1 
ATOM 1217 O OG  . SER A 1 149 ? -3.515  -6.698  18.105  1.00 20.00 ? 190 SER A OG  1 
ATOM 1218 N N   . ALA A 1 150 ? 0.877   -7.147  16.431  1.00 32.38 ? 191 ALA A N   1 
ATOM 1219 C CA  . ALA A 1 150 ? 2.210   -6.559  16.448  1.00 29.77 ? 191 ALA A CA  1 
ATOM 1220 C C   . ALA A 1 150 ? 2.910   -6.605  15.094  1.00 28.15 ? 191 ALA A C   1 
ATOM 1221 O O   . ALA A 1 150 ? 4.090   -6.257  15.005  1.00 29.52 ? 191 ALA A O   1 
ATOM 1222 C CB  . ALA A 1 150 ? 3.064   -7.234  17.519  1.00 20.00 ? 191 ALA A CB  1 
ATOM 1223 N N   . ASN A 1 151 ? 2.224   -7.051  14.050  1.00 25.24 ? 192 ASN A N   1 
ATOM 1224 C CA  . ASN A 1 151 ? 2.868   -7.292  12.768  1.00 22.60 ? 192 ASN A CA  1 
ATOM 1225 C C   . ASN A 1 151 ? 3.589   -6.051  12.250  1.00 21.67 ? 192 ASN A C   1 
ATOM 1226 O O   . ASN A 1 151 ? 3.183   -4.915  12.495  1.00 22.03 ? 192 ASN A O   1 
ATOM 1227 C CB  . ASN A 1 151 ? 1.837   -7.754  11.753  1.00 21.71 ? 192 ASN A CB  1 
ATOM 1228 C CG  . ASN A 1 151 ? 1.288   -9.107  12.079  1.00 22.31 ? 192 ASN A CG  1 
ATOM 1229 O OD1 . ASN A 1 151 ? 1.949   -10.115 11.870  1.00 22.57 ? 192 ASN A OD1 1 
ATOM 1230 N ND2 . ASN A 1 151 ? 0.068   -9.143  12.589  1.00 22.19 ? 192 ASN A ND2 1 
ATOM 1231 N N   . VAL A 1 152 ? 4.683   -6.289  11.546  1.00 20.42 ? 193 VAL A N   1 
ATOM 1232 C CA  . VAL A 1 152 ? 5.565   -5.228  11.082  1.00 20.42 ? 193 VAL A CA  1 
ATOM 1233 C C   . VAL A 1 152 ? 4.971   -4.560  9.850   1.00 21.50 ? 193 VAL A C   1 
ATOM 1234 O O   . VAL A 1 152 ? 4.129   -5.132  9.151   1.00 21.86 ? 193 VAL A O   1 
ATOM 1235 C CB  . VAL A 1 152 ? 6.968   -5.799  10.798  1.00 19.32 ? 193 VAL A CB  1 
ATOM 1236 C CG1 . VAL A 1 152 ? 6.943   -6.704  9.603   1.00 17.88 ? 193 VAL A CG1 1 
ATOM 1237 C CG2 . VAL A 1 152 ? 7.977   -4.694  10.632  1.00 20.17 ? 193 VAL A CG2 1 
ATOM 1238 N N   . ASP A 1 153 ? 5.395   -3.328  9.586   1.00 22.58 ? 194 ASP A N   1 
ATOM 1239 C CA  . ASP A 1 153 ? 4.935   -2.606  8.409   1.00 23.95 ? 194 ASP A CA  1 
ATOM 1240 C C   . ASP A 1 153 ? 5.710   -3.019  7.170   1.00 23.00 ? 194 ASP A C   1 
ATOM 1241 O O   . ASP A 1 153 ? 6.916   -3.254  7.220   1.00 23.65 ? 194 ASP A O   1 
ATOM 1242 C CB  . ASP A 1 153 ? 5.091   -1.103  8.611   1.00 28.80 ? 194 ASP A CB  1 
ATOM 1243 C CG  . ASP A 1 153 ? 4.090   -0.541  9.581   1.00 34.78 ? 194 ASP A CG  1 
ATOM 1244 O OD1 . ASP A 1 153 ? 3.069   -1.213  9.828   1.00 37.35 ? 194 ASP A OD1 1 
ATOM 1245 O OD2 . ASP A 1 153 ? 4.327   0.573   10.091  1.00 37.59 ? 194 ASP A OD2 1 
ATOM 1246 N N   . HIS A 1 154 ? 5.008   -3.086  6.048   1.00 21.61 ? 195 HIS A N   1 
ATOM 1247 C CA  . HIS A 1 154 ? 5.608   -3.177  4.730   1.00 20.15 ? 195 HIS A CA  1 
ATOM 1248 C C   . HIS A 1 154 ? 5.403   -1.845  4.031   1.00 20.08 ? 195 HIS A C   1 
ATOM 1249 O O   . HIS A 1 154 ? 4.280   -1.339  3.970   1.00 20.78 ? 195 HIS A O   1 
ATOM 1250 C CB  . HIS A 1 154 ? 4.993   -4.326  3.935   1.00 18.83 ? 195 HIS A CB  1 
ATOM 1251 C CG  . HIS A 1 154 ? 5.450   -5.677  4.382   1.00 18.40 ? 195 HIS A CG  1 
ATOM 1252 N ND1 . HIS A 1 154 ? 5.147   -6.193  5.621   1.00 17.58 ? 195 HIS A ND1 1 
ATOM 1253 C CD2 . HIS A 1 154 ? 6.122   -6.649  3.726   1.00 19.26 ? 195 HIS A CD2 1 
ATOM 1254 C CE1 . HIS A 1 154 ? 5.671   -7.399  5.733   1.00 19.56 ? 195 HIS A CE1 1 
ATOM 1255 N NE2 . HIS A 1 154 ? 6.256   -7.705  4.590   1.00 19.79 ? 195 HIS A NE2 1 
ATOM 1256 N N   . VAL A 1 155 ? 6.483   -1.269  3.532   1.00 19.89 ? 196 VAL A N   1 
ATOM 1257 C CA  . VAL A 1 155 ? 6.467   0.085   3.007   1.00 19.22 ? 196 VAL A CA  1 
ATOM 1258 C C   . VAL A 1 155 ? 6.500   0.056   1.490   1.00 19.68 ? 196 VAL A C   1 
ATOM 1259 O O   . VAL A 1 155 ? 7.516   -0.267  0.868   1.00 16.13 ? 196 VAL A O   1 
ATOM 1260 C CB  . VAL A 1 155 ? 7.653   0.870   3.592   1.00 18.98 ? 196 VAL A CB  1 
ATOM 1261 C CG1 . VAL A 1 155 ? 8.920   0.055   3.484   1.00 18.67 ? 196 VAL A CG1 1 
ATOM 1262 C CG2 . VAL A 1 155 ? 7.822   2.151   2.853   1.00 21.50 ? 196 VAL A CG2 1 
ATOM 1263 N N   . GLY A 1 156 ? 5.345   0.315   0.893   1.00 19.88 ? 197 GLY A N   1 
ATOM 1264 C CA  . GLY A 1 156 ? 5.292   0.413   -0.545  1.00 18.96 ? 197 GLY A CA  1 
ATOM 1265 C C   . GLY A 1 156 ? 5.416   1.709   -1.318  1.00 19.25 ? 197 GLY A C   1 
ATOM 1266 O O   . GLY A 1 156 ? 6.366   1.888   -2.078  1.00 23.91 ? 197 GLY A O   1 
ATOM 1267 N N   . LEU A 1 157 ? 4.493   2.639   -1.113  1.00 16.85 ? 198 LEU A N   1 
ATOM 1268 C CA  . LEU A 1 157 ? 4.042   3.461   -2.227  1.00 15.83 ? 198 LEU A CA  1 
ATOM 1269 C C   . LEU A 1 157 ? 3.873   4.912   -1.813  1.00 15.98 ? 198 LEU A C   1 
ATOM 1270 O O   . LEU A 1 157 ? 3.049   5.221   -0.950  1.00 17.35 ? 198 LEU A O   1 
ATOM 1271 C CB  . LEU A 1 157 ? 2.719   2.918   -2.766  1.00 14.40 ? 198 LEU A CB  1 
ATOM 1272 C CG  . LEU A 1 157 ? 2.234   3.443   -4.107  1.00 14.28 ? 198 LEU A CG  1 
ATOM 1273 C CD1 . LEU A 1 157 ? 3.107   2.834   -5.181  1.00 13.89 ? 198 LEU A CD1 1 
ATOM 1274 C CD2 . LEU A 1 157 ? 0.785   3.119   -4.332  1.00 12.97 ? 198 LEU A CD2 1 
ATOM 1275 N N   . GLY A 1 158 ? 4.620   5.800   -2.454  1.00 15.54 ? 199 GLY A N   1 
ATOM 1276 C CA  . GLY A 1 158 ? 4.381   7.233   -2.366  1.00 15.45 ? 199 GLY A CA  1 
ATOM 1277 C C   . GLY A 1 158 ? 3.545   7.695   -3.546  1.00 16.19 ? 199 GLY A C   1 
ATOM 1278 O O   . GLY A 1 158 ? 3.615   7.113   -4.627  1.00 16.13 ? 199 GLY A O   1 
ATOM 1279 N N   . THR A 1 159 ? 2.781   8.767   -3.339  1.00 15.72 ? 200 THR A N   1 
ATOM 1280 C CA  . THR A 1 159 ? 1.917   9.320   -4.374  1.00 15.97 ? 200 THR A CA  1 
ATOM 1281 C C   . THR A 1 159 ? 1.881   10.833  -4.250  1.00 15.65 ? 200 THR A C   1 
ATOM 1282 O O   . THR A 1 159 ? 1.876   11.387  -3.150  1.00 16.29 ? 200 THR A O   1 
ATOM 1283 C CB  . THR A 1 159 ? 0.478   8.794   -4.295  1.00 16.81 ? 200 THR A CB  1 
ATOM 1284 O OG1 . THR A 1 159 ? -0.066  9.085   -3.004  1.00 17.65 ? 200 THR A OG1 1 
ATOM 1285 C CG2 . THR A 1 159 ? 0.417   7.300   -4.549  1.00 17.80 ? 200 THR A CG2 1 
ATOM 1286 N N   . ALA A 1 160 ? 1.845   11.497  -5.398  1.00 15.24 ? 201 ALA A N   1 
ATOM 1287 C CA  . ALA A 1 160 ? 1.735   12.950  -5.424  1.00 15.25 ? 201 ALA A CA  1 
ATOM 1288 C C   . ALA A 1 160 ? 0.646   13.315  -6.417  1.00 15.85 ? 201 ALA A C   1 
ATOM 1289 O O   . ALA A 1 160 ? 0.808   13.107  -7.620  1.00 16.83 ? 201 ALA A O   1 
ATOM 1290 C CB  . ALA A 1 160 ? 3.058   13.596  -5.800  1.00 13.05 ? 201 ALA A CB  1 
ATOM 1291 N N   . PHE A 1 161 ? -0.445  13.873  -5.916  1.00 15.82 ? 202 PHE A N   1 
ATOM 1292 C CA  . PHE A 1 161 ? -1.588  14.238  -6.733  1.00 15.67 ? 202 PHE A CA  1 
ATOM 1293 C C   . PHE A 1 161 ? -1.554  15.731  -6.994  1.00 16.76 ? 202 PHE A C   1 
ATOM 1294 O O   . PHE A 1 161 ? -1.372  16.517  -6.065  1.00 17.15 ? 202 PHE A O   1 
ATOM 1295 C CB  . PHE A 1 161 ? -2.895  13.867  -6.036  1.00 14.83 ? 202 PHE A CB  1 
ATOM 1296 C CG  . PHE A 1 161 ? -3.122  12.401  -5.916  1.00 15.73 ? 202 PHE A CG  1 
ATOM 1297 C CD1 . PHE A 1 161 ? -3.773  11.708  -6.911  1.00 15.65 ? 202 PHE A CD1 1 
ATOM 1298 C CD2 . PHE A 1 161 ? -2.675  11.708  -4.814  1.00 16.72 ? 202 PHE A CD2 1 
ATOM 1299 C CE1 . PHE A 1 161 ? -3.986  10.358  -6.812  1.00 15.73 ? 202 PHE A CE1 1 
ATOM 1300 C CE2 . PHE A 1 161 ? -2.881  10.348  -4.712  1.00 16.73 ? 202 PHE A CE2 1 
ATOM 1301 C CZ  . PHE A 1 161 ? -3.542  9.674   -5.716  1.00 16.36 ? 202 PHE A CZ  1 
ATOM 1302 N N   . GLU A 1 162 ? -1.749  16.119  -8.247  1.00 18.15 ? 203 GLU A N   1 
ATOM 1303 C CA  . GLU A 1 162 ? -1.858  17.534  -8.559  1.00 20.08 ? 203 GLU A CA  1 
ATOM 1304 C C   . GLU A 1 162 ? -3.177  18.072  -8.030  1.00 20.47 ? 203 GLU A C   1 
ATOM 1305 O O   . GLU A 1 162 ? -4.207  17.398  -8.090  1.00 20.27 ? 203 GLU A O   1 
ATOM 1306 C CB  . GLU A 1 162 ? -1.758  17.756  -10.061 1.00 21.13 ? 203 GLU A CB  1 
ATOM 1307 C CG  . GLU A 1 162 ? -1.769  19.212  -10.445 1.00 24.62 ? 203 GLU A CG  1 
ATOM 1308 C CD  . GLU A 1 162 ? -1.654  19.430  -11.933 1.00 27.17 ? 203 GLU A CD  1 
ATOM 1309 O OE1 . GLU A 1 162 ? -1.538  18.439  -12.678 1.00 28.38 ? 203 GLU A OE1 1 
ATOM 1310 O OE2 . GLU A 1 162 ? -1.704  20.597  -12.360 1.00 28.54 ? 203 GLU A OE2 1 
ATOM 1311 N N   . ASN A 1 163 ? -3.146  19.283  -7.489  1.00 20.35 ? 204 ASN A N   1 
ATOM 1312 C CA  . ASN A 1 163 ? -4.366  19.841  -6.938  1.00 20.13 ? 204 ASN A CA  1 
ATOM 1313 C C   . ASN A 1 163 ? -5.298  20.286  -8.051  1.00 20.93 ? 204 ASN A C   1 
ATOM 1314 O O   . ASN A 1 163 ? -4.890  20.532  -9.184  1.00 20.87 ? 204 ASN A O   1 
ATOM 1315 C CB  . ASN A 1 163 ? -4.065  21.014  -6.014  1.00 19.59 ? 204 ASN A CB  1 
ATOM 1316 C CG  . ASN A 1 163 ? -3.442  20.583  -4.715  1.00 19.95 ? 204 ASN A CG  1 
ATOM 1317 O OD1 . ASN A 1 163 ? -4.113  20.052  -3.840  1.00 21.45 ? 204 ASN A OD1 1 
ATOM 1318 N ND2 . ASN A 1 163 ? -2.155  20.827  -4.572  1.00 18.36 ? 204 ASN A ND2 1 
ATOM 1319 N N   . SER A 1 164 ? -6.574  20.393  -7.708  1.00 22.04 ? 205 SER A N   1 
ATOM 1320 C CA  . SER A 1 164 ? -7.595  20.762  -8.669  1.00 22.65 ? 205 SER A CA  1 
ATOM 1321 C C   . SER A 1 164 ? -8.559  21.735  -8.018  1.00 23.68 ? 205 SER A C   1 
ATOM 1322 O O   . SER A 1 164 ? -8.629  21.855  -6.794  1.00 23.97 ? 205 SER A O   1 
ATOM 1323 C CB  . SER A 1 164 ? -8.348  19.535  -9.185  1.00 22.50 ? 205 SER A CB  1 
ATOM 1324 O OG  . SER A 1 164 ? -9.365  19.914  -10.088 1.00 22.15 ? 205 SER A OG  1 
ATOM 1325 N N   . LYS A 1 165 ? -9.309  22.434  -8.859  1.00 24.80 ? 206 LYS A N   1 
ATOM 1326 C CA  . LYS A 1 165 ? -10.347 23.331  -8.381  1.00 24.50 ? 206 LYS A CA  1 
ATOM 1327 C C   . LYS A 1 165 ? -11.545 22.558  -7.850  1.00 25.57 ? 206 LYS A C   1 
ATOM 1328 O O   . LYS A 1 165 ? -12.468 23.159  -7.296  1.00 25.52 ? 206 LYS A O   1 
ATOM 1329 C CB  . LYS A 1 165 ? -10.742 24.275  -9.518  1.00 20.00 ? 206 LYS A CB  1 
ATOM 1330 C CG  . LYS A 1 165 ? -11.646 25.429  -9.149  1.00 20.00 ? 206 LYS A CG  1 
ATOM 1331 C CD  . LYS A 1 165 ? -11.862 26.331  -10.351 1.00 20.00 ? 206 LYS A CD  1 
ATOM 1332 C CE  . LYS A 1 165 ? -12.679 25.652  -11.433 1.00 20.00 ? 206 LYS A CE  1 
ATOM 1333 N NZ  . LYS A 1 165 ? -14.078 25.426  -10.999 1.00 20.00 ? 206 LYS A NZ  1 
ATOM 1334 N N   . TYR A 1 166 ? -11.527 21.237  -7.996  1.00 26.36 ? 207 TYR A N   1 
ATOM 1335 C CA  . TYR A 1 166 ? -12.596 20.338  -7.595  1.00 27.37 ? 207 TYR A CA  1 
ATOM 1336 C C   . TYR A 1 166 ? -12.042 19.282  -6.652  1.00 28.02 ? 207 TYR A C   1 
ATOM 1337 O O   . TYR A 1 166 ? -10.829 19.095  -6.543  1.00 28.70 ? 207 TYR A O   1 
ATOM 1338 C CB  . TYR A 1 166 ? -13.210 19.648  -8.806  1.00 28.31 ? 207 TYR A CB  1 
ATOM 1339 C CG  . TYR A 1 166 ? -13.764 20.599  -9.823  1.00 30.84 ? 207 TYR A CG  1 
ATOM 1340 C CD1 . TYR A 1 166 ? -14.546 21.671  -9.444  1.00 31.74 ? 207 TYR A CD1 1 
ATOM 1341 C CD2 . TYR A 1 166 ? -13.473 20.442  -11.165 1.00 32.46 ? 207 TYR A CD2 1 
ATOM 1342 C CE1 . TYR A 1 166 ? -15.045 22.546  -10.376 1.00 33.59 ? 207 TYR A CE1 1 
ATOM 1343 C CE2 . TYR A 1 166 ? -13.960 21.311  -12.101 1.00 34.49 ? 207 TYR A CE2 1 
ATOM 1344 C CZ  . TYR A 1 166 ? -14.746 22.361  -11.706 1.00 35.13 ? 207 TYR A CZ  1 
ATOM 1345 O OH  . TYR A 1 166 ? -15.235 23.232  -12.648 1.00 37.32 ? 207 TYR A OH  1 
ATOM 1346 N N   . ASP A 1 167 ? -12.941 18.586  -5.970  1.00 29.00 ? 208 ASP A N   1 
ATOM 1347 C CA  . ASP A 1 167 ? -12.525 17.475  -5.131  1.00 29.77 ? 208 ASP A CA  1 
ATOM 1348 C C   . ASP A 1 167 ? -12.157 16.278  -5.991  1.00 28.00 ? 208 ASP A C   1 
ATOM 1349 O O   . ASP A 1 167 ? -12.764 16.033  -7.033  1.00 27.47 ? 208 ASP A O   1 
ATOM 1350 C CB  . ASP A 1 167 ? -13.639 17.092  -4.169  1.00 34.52 ? 208 ASP A CB  1 
ATOM 1351 C CG  . ASP A 1 167 ? -13.897 18.154  -3.137  1.00 40.35 ? 208 ASP A CG  1 
ATOM 1352 O OD1 . ASP A 1 167 ? -13.036 19.037  -2.967  1.00 43.71 ? 208 ASP A OD1 1 
ATOM 1353 O OD2 . ASP A 1 167 ? -14.963 18.108  -2.492  1.00 45.11 ? 208 ASP A OD2 1 
ATOM 1354 N N   . GLN A 1 168 ? -11.151 15.534  -5.555  1.00 26.18 ? 209 GLN A N   1 
ATOM 1355 C CA  . GLN A 1 168 ? -10.709 14.337  -6.252  1.00 25.04 ? 209 GLN A CA  1 
ATOM 1356 C C   . GLN A 1 168 ? -10.822 13.167  -5.293  1.00 25.19 ? 209 GLN A C   1 
ATOM 1357 O O   . GLN A 1 168 ? -10.067 13.081  -4.322  1.00 26.00 ? 209 GLN A O   1 
ATOM 1358 C CB  . GLN A 1 168 ? -9.285  14.509  -6.761  1.00 23.41 ? 209 GLN A CB  1 
ATOM 1359 C CG  . GLN A 1 168 ? -9.189  15.530  -7.855  1.00 23.11 ? 209 GLN A CG  1 
ATOM 1360 C CD  . GLN A 1 168 ? -7.775  15.802  -8.261  1.00 24.12 ? 209 GLN A CD  1 
ATOM 1361 O OE1 . GLN A 1 168 ? -6.852  15.657  -7.467  1.00 24.91 ? 209 GLN A OE1 1 
ATOM 1362 N NE2 . GLN A 1 168 ? -7.587  16.200  -9.509  1.00 24.32 ? 209 GLN A NE2 1 
ATOM 1363 N N   . ASP A 1 169 ? -11.752 12.266  -5.571  1.00 24.97 ? 210 ASP A N   1 
ATOM 1364 C CA  . ASP A 1 169 ? -12.015 11.123  -4.717  1.00 25.40 ? 210 ASP A CA  1 
ATOM 1365 C C   . ASP A 1 169 ? -11.547 9.852   -5.394  1.00 22.99 ? 210 ASP A C   1 
ATOM 1366 O O   . ASP A 1 169 ? -11.808 9.631   -6.578  1.00 22.02 ? 210 ASP A O   1 
ATOM 1367 C CB  . ASP A 1 169 ? -13.497 11.009  -4.392  1.00 20.00 ? 210 ASP A CB  1 
ATOM 1368 C CG  . ASP A 1 169 ? -13.956 12.071  -3.434  1.00 20.00 ? 210 ASP A CG  1 
ATOM 1369 O OD1 . ASP A 1 169 ? -13.091 12.703  -2.805  1.00 20.00 ? 210 ASP A OD1 1 
ATOM 1370 O OD2 . ASP A 1 169 ? -15.179 12.271  -3.298  1.00 20.00 ? 210 ASP A OD2 1 
ATOM 1371 N N   . TYR A 1 170 ? -10.858 9.021   -4.631  1.00 20.78 ? 211 TYR A N   1 
ATOM 1372 C CA  . TYR A 1 170 ? -10.422 7.720   -5.084  1.00 19.11 ? 211 TYR A CA  1 
ATOM 1373 C C   . TYR A 1 170 ? -10.843 6.691   -4.054  1.00 19.11 ? 211 TYR A C   1 
ATOM 1374 O O   . TYR A 1 170 ? -10.960 6.986   -2.865  1.00 20.12 ? 211 TYR A O   1 
ATOM 1375 C CB  . TYR A 1 170 ? -8.905  7.677   -5.297  1.00 17.33 ? 211 TYR A CB  1 
ATOM 1376 C CG  . TYR A 1 170 ? -8.434  8.550   -6.430  1.00 17.35 ? 211 TYR A CG  1 
ATOM 1377 C CD1 . TYR A 1 170 ? -8.361  8.059   -7.721  1.00 17.59 ? 211 TYR A CD1 1 
ATOM 1378 C CD2 . TYR A 1 170 ? -8.079  9.865   -6.211  1.00 17.03 ? 211 TYR A CD2 1 
ATOM 1379 C CE1 . TYR A 1 170 ? -7.949  8.848   -8.751  1.00 17.71 ? 211 TYR A CE1 1 
ATOM 1380 C CE2 . TYR A 1 170 ? -7.669  10.660  -7.237  1.00 17.05 ? 211 TYR A CE2 1 
ATOM 1381 C CZ  . TYR A 1 170 ? -7.600  10.146  -8.504  1.00 17.56 ? 211 TYR A CZ  1 
ATOM 1382 O OH  . TYR A 1 170 ? -7.189  10.944  -9.534  1.00 18.17 ? 211 TYR A OH  1 
ATOM 1383 N N   . ASN A 1 171 ? -11.112 5.492   -4.533  1.00 18.76 ? 212 ASN A N   1 
ATOM 1384 C CA  . ASN A 1 171 ? -11.303 4.330   -3.683  1.00 18.97 ? 212 ASN A CA  1 
ATOM 1385 C C   . ASN A 1 171 ? -10.101 3.443   -3.923  1.00 19.21 ? 212 ASN A C   1 
ATOM 1386 O O   . ASN A 1 171 ? -9.922  2.916   -5.023  1.00 20.55 ? 212 ASN A O   1 
ATOM 1387 C CB  . ASN A 1 171 ? -12.599 3.599   -4.004  1.00 19.38 ? 212 ASN A CB  1 
ATOM 1388 C CG  . ASN A 1 171 ? -13.816 4.424   -3.706  1.00 21.75 ? 212 ASN A CG  1 
ATOM 1389 O OD1 . ASN A 1 171 ? -14.708 4.541   -4.538  1.00 23.85 ? 212 ASN A OD1 1 
ATOM 1390 N ND2 . ASN A 1 171 ? -13.870 4.998   -2.511  1.00 21.51 ? 212 ASN A ND2 1 
ATOM 1391 N N   . ILE A 1 172 ? -9.271  3.295   -2.911  1.00 18.21 ? 213 ILE A N   1 
ATOM 1392 C CA  . ILE A 1 172 ? -7.986  2.646   -3.062  1.00 17.29 ? 213 ILE A CA  1 
ATOM 1393 C C   . ILE A 1 172 ? -8.127  1.237   -2.534  1.00 18.19 ? 213 ILE A C   1 
ATOM 1394 O O   . ILE A 1 172 ? -8.301  1.030   -1.331  1.00 19.87 ? 213 ILE A O   1 
ATOM 1395 C CB  . ILE A 1 172 ? -6.893  3.412   -2.315  1.00 16.73 ? 213 ILE A CB  1 
ATOM 1396 C CG1 . ILE A 1 172 ? -6.864  4.840   -2.820  1.00 17.18 ? 213 ILE A CG1 1 
ATOM 1397 C CG2 . ILE A 1 172 ? -5.560  2.798   -2.592  1.00 15.53 ? 213 ILE A CG2 1 
ATOM 1398 C CD1 . ILE A 1 172 ? -6.069  5.739   -1.980  1.00 20.43 ? 213 ILE A CD1 1 
ATOM 1399 N N   . ARG A 1 173 ? -8.087  0.267   -3.427  1.00 17.44 ? 214 ARG A N   1 
ATOM 1400 C CA  . ARG A 1 173 ? -8.085  -1.128  -3.039  1.00 17.59 ? 214 ARG A CA  1 
ATOM 1401 C C   . ARG A 1 173 ? -6.640  -1.581  -2.935  1.00 17.75 ? 214 ARG A C   1 
ATOM 1402 O O   . ARG A 1 173 ? -5.832  -1.292  -3.819  1.00 17.73 ? 214 ARG A O   1 
ATOM 1403 C CB  . ARG A 1 173 ? -8.858  -1.984  -4.035  1.00 17.80 ? 214 ARG A CB  1 
ATOM 1404 C CG  . ARG A 1 173 ? -8.849  -3.451  -3.676  1.00 19.31 ? 214 ARG A CG  1 
ATOM 1405 C CD  . ARG A 1 173 ? -9.598  -4.269  -4.681  1.00 21.86 ? 214 ARG A CD  1 
ATOM 1406 N NE  . ARG A 1 173 ? -11.028 -4.021  -4.608  1.00 23.88 ? 214 ARG A NE  1 
ATOM 1407 C CZ  . ARG A 1 173 ? -11.911 -4.569  -5.428  1.00 26.70 ? 214 ARG A CZ  1 
ATOM 1408 N NH1 . ARG A 1 173 ? -13.200 -4.309  -5.287  1.00 26.84 ? 214 ARG A NH1 1 
ATOM 1409 N NH2 . ARG A 1 173 ? -11.501 -5.377  -6.387  1.00 25.68 ? 214 ARG A NH2 1 
ATOM 1410 N N   . VAL A 1 174 ? -6.312  -2.267  -1.851  1.00 16.99 ? 215 VAL A N   1 
ATOM 1411 C CA  . VAL A 1 174 ? -4.982  -2.808  -1.644  1.00 16.26 ? 215 VAL A CA  1 
ATOM 1412 C C   . VAL A 1 174 ? -5.100  -4.312  -1.526  1.00 16.75 ? 215 VAL A C   1 
ATOM 1413 O O   . VAL A 1 174 ? -5.679  -4.823  -0.566  1.00 17.27 ? 215 VAL A O   1 
ATOM 1414 C CB  . VAL A 1 174 ? -4.313  -2.217  -0.399  1.00 15.47 ? 215 VAL A CB  1 
ATOM 1415 C CG1 . VAL A 1 174 ? -2.991  -2.903  -0.177  1.00 14.15 ? 215 VAL A CG1 1 
ATOM 1416 C CG2 . VAL A 1 174 ? -4.114  -0.739  -0.570  1.00 15.38 ? 215 VAL A CG2 1 
ATOM 1417 N N   . THR A 1 175 ? -4.543  -5.017  -2.493  1.00 17.19 ? 216 THR A N   1 
ATOM 1418 C CA  . THR A 1 175 ? -4.619  -6.463  -2.543  1.00 18.52 ? 216 THR A CA  1 
ATOM 1419 C C   . THR A 1 175 ? -3.227  -7.041  -2.376  1.00 19.85 ? 216 THR A C   1 
ATOM 1420 O O   . THR A 1 175 ? -2.401  -6.926  -3.283  1.00 21.59 ? 216 THR A O   1 
ATOM 1421 C CB  . THR A 1 175 ? -5.204  -6.922  -3.867  1.00 18.23 ? 216 THR A CB  1 
ATOM 1422 O OG1 . THR A 1 175 ? -6.493  -6.333  -4.051  1.00 20.21 ? 216 THR A OG1 1 
ATOM 1423 C CG2 . THR A 1 175 ? -5.359  -8.391  -3.860  1.00 17.42 ? 216 THR A CG2 1 
ATOM 1424 N N   . MET A 1 176 ? -2.968  -7.671  -1.238  1.00 20.11 ? 217 MET A N   1 
ATOM 1425 C CA  . MET A 1 176 ? -1.685  -8.307  -1.003  1.00 20.69 ? 217 MET A CA  1 
ATOM 1426 C C   . MET A 1 176 ? -1.766  -9.755  -1.443  1.00 19.71 ? 217 MET A C   1 
ATOM 1427 O O   . MET A 1 176 ? -2.768  -10.427 -1.195  1.00 20.90 ? 217 MET A O   1 
ATOM 1428 C CB  . MET A 1 176 ? -1.264  -8.235  0.460   1.00 23.97 ? 217 MET A CB  1 
ATOM 1429 C CG  . MET A 1 176 ? -1.166  -6.844  1.001   1.00 31.89 ? 217 MET A CG  1 
ATOM 1430 S SD  . MET A 1 176 ? -0.204  -6.852  2.511   1.00 41.34 ? 217 MET A SD  1 
ATOM 1431 C CE  . MET A 1 176 ? -1.200  -7.944  3.498   1.00 37.50 ? 217 MET A CE  1 
ATOM 1432 N N   . TYR A 1 177 ? -0.726  -10.216 -2.112  1.00 18.33 ? 218 TYR A N   1 
ATOM 1433 C CA  . TYR A 1 177 ? -0.573  -11.614 -2.481  1.00 17.62 ? 218 TYR A CA  1 
ATOM 1434 C C   . TYR A 1 177 ? 0.412   -12.199 -1.486  1.00 17.09 ? 218 TYR A C   1 
ATOM 1435 O O   . TYR A 1 177 ? 1.611   -11.925 -1.552  1.00 17.13 ? 218 TYR A O   1 
ATOM 1436 C CB  . TYR A 1 177 ? -0.083  -11.748 -3.915  1.00 18.27 ? 218 TYR A CB  1 
ATOM 1437 C CG  . TYR A 1 177 ? -1.079  -11.289 -4.936  1.00 21.93 ? 218 TYR A CG  1 
ATOM 1438 C CD1 . TYR A 1 177 ? -1.991  -12.171 -5.471  1.00 23.93 ? 218 TYR A CD1 1 
ATOM 1439 C CD2 . TYR A 1 177 ? -1.131  -9.972  -5.341  1.00 23.41 ? 218 TYR A CD2 1 
ATOM 1440 C CE1 . TYR A 1 177 ? -2.904  -11.764 -6.392  1.00 26.16 ? 218 TYR A CE1 1 
ATOM 1441 C CE2 . TYR A 1 177 ? -2.052  -9.553  -6.265  1.00 25.54 ? 218 TYR A CE2 1 
ATOM 1442 C CZ  . TYR A 1 177 ? -2.935  -10.457 -6.788  1.00 26.88 ? 218 TYR A CZ  1 
ATOM 1443 O OH  . TYR A 1 177 ? -3.862  -10.055 -7.713  1.00 30.14 ? 218 TYR A OH  1 
ATOM 1444 N N   . VAL A 1 178 ? -0.083  -13.019 -0.588  1.00 16.49 ? 219 VAL A N   1 
ATOM 1445 C CA  . VAL A 1 178 ? 0.702   -13.465 0.548   1.00 16.16 ? 219 VAL A CA  1 
ATOM 1446 C C   . VAL A 1 178 ? 0.940   -14.954 0.407   1.00 16.63 ? 219 VAL A C   1 
ATOM 1447 O O   . VAL A 1 178 ? 0.204   -15.663 -0.278  1.00 18.44 ? 219 VAL A O   1 
ATOM 1448 C CB  . VAL A 1 178 ? -0.011  -13.128 1.870   1.00 15.30 ? 219 VAL A CB  1 
ATOM 1449 C CG1 . VAL A 1 178 ? 0.842   -13.473 3.059   1.00 15.50 ? 219 VAL A CG1 1 
ATOM 1450 C CG2 . VAL A 1 178 ? -0.398  -11.678 1.893   1.00 16.65 ? 219 VAL A CG2 1 
ATOM 1451 N N   . GLN A 1 179 ? 2.009   -15.421 1.035   1.00 16.56 ? 220 GLN A N   1 
ATOM 1452 C CA  . GLN A 1 179 ? 2.359   -16.829 1.101   1.00 17.02 ? 220 GLN A CA  1 
ATOM 1453 C C   . GLN A 1 179 ? 2.522   -17.189 2.565   1.00 17.24 ? 220 GLN A C   1 
ATOM 1454 O O   . GLN A 1 179 ? 3.335   -16.586 3.267   1.00 18.15 ? 220 GLN A O   1 
ATOM 1455 C CB  . GLN A 1 179 ? 3.635   -17.096 0.313   1.00 17.17 ? 220 GLN A CB  1 
ATOM 1456 C CG  . GLN A 1 179 ? 4.105   -18.514 0.299   1.00 22.19 ? 220 GLN A CG  1 
ATOM 1457 C CD  . GLN A 1 179 ? 5.180   -18.709 -0.729  1.00 24.56 ? 220 GLN A CD  1 
ATOM 1458 O OE1 . GLN A 1 179 ? 5.407   -17.849 -1.567  1.00 26.59 ? 220 GLN A OE1 1 
ATOM 1459 N NE2 . GLN A 1 179 ? 5.880   -19.820 -0.646  1.00 26.14 ? 220 GLN A NE2 1 
ATOM 1460 N N   . PHE A 1 180 ? 1.728   -18.143 3.027   1.00 16.98 ? 221 PHE A N   1 
ATOM 1461 C CA  . PHE A 1 180 ? 1.710   -18.552 4.419   1.00 16.46 ? 221 PHE A CA  1 
ATOM 1462 C C   . PHE A 1 180 ? 2.370   -19.911 4.551   1.00 17.63 ? 221 PHE A C   1 
ATOM 1463 O O   . PHE A 1 180 ? 2.358   -20.717 3.623   1.00 17.46 ? 221 PHE A O   1 
ATOM 1464 C CB  . PHE A 1 180 ? 0.284   -18.622 4.961   1.00 15.38 ? 221 PHE A CB  1 
ATOM 1465 C CG  . PHE A 1 180 ? -0.393  -17.297 5.053   1.00 15.24 ? 221 PHE A CG  1 
ATOM 1466 C CD1 . PHE A 1 180 ? -0.208  -16.491 6.146   1.00 15.02 ? 221 PHE A CD1 1 
ATOM 1467 C CD2 . PHE A 1 180 ? -1.216  -16.856 4.049   1.00 15.68 ? 221 PHE A CD2 1 
ATOM 1468 C CE1 . PHE A 1 180 ? -0.826  -15.275 6.228   1.00 15.60 ? 221 PHE A CE1 1 
ATOM 1469 C CE2 . PHE A 1 180 ? -1.832  -15.636 4.141   1.00 15.51 ? 221 PHE A CE2 1 
ATOM 1470 C CZ  . PHE A 1 180 ? -1.631  -14.850 5.222   1.00 15.40 ? 221 PHE A CZ  1 
ATOM 1471 N N   . ARG A 1 181 ? 2.959   -20.153 5.712   1.00 18.72 ? 222 ARG A N   1 
ATOM 1472 C CA  . ARG A 1 181 ? 3.674   -21.386 5.977   1.00 18.91 ? 222 ARG A CA  1 
ATOM 1473 C C   . ARG A 1 181 ? 3.282   -21.898 7.356   1.00 20.19 ? 222 ARG A C   1 
ATOM 1474 O O   . ARG A 1 181 ? 2.832   -21.132 8.209   1.00 20.71 ? 222 ARG A O   1 
ATOM 1475 C CB  . ARG A 1 181 ? 5.180   -21.145 5.866   1.00 18.55 ? 222 ARG A CB  1 
ATOM 1476 C CG  . ARG A 1 181 ? 6.055   -22.345 6.108   1.00 19.64 ? 222 ARG A CG  1 
ATOM 1477 C CD  . ARG A 1 181 ? 7.501   -21.972 5.973   1.00 20.44 ? 222 ARG A CD  1 
ATOM 1478 N NE  . ARG A 1 181 ? 8.385   -23.069 6.314   1.00 24.15 ? 222 ARG A NE  1 
ATOM 1479 C CZ  . ARG A 1 181 ? 9.694   -23.036 6.132   1.00 25.84 ? 222 ARG A CZ  1 
ATOM 1480 N NH1 . ARG A 1 181 ? 10.443  -24.070 6.472   1.00 27.30 ? 222 ARG A NH1 1 
ATOM 1481 N NH2 . ARG A 1 181 ? 10.248  -21.969 5.600   1.00 27.14 ? 222 ARG A NH2 1 
ATOM 1482 N N   . GLU A 1 182 ? 3.464   -23.202 7.569   1.00 21.63 ? 223 GLU A N   1 
ATOM 1483 C CA  . GLU A 1 182 ? 3.286   -23.828 8.876   1.00 22.63 ? 223 GLU A CA  1 
ATOM 1484 C C   . GLU A 1 182 ? 1.867   -23.794 9.431   1.00 20.75 ? 223 GLU A C   1 
ATOM 1485 O O   . GLU A 1 182 ? 1.526   -22.918 10.228  1.00 21.01 ? 223 GLU A O   1 
ATOM 1486 C CB  . GLU A 1 182 ? 4.236   -23.200 9.888   1.00 23.40 ? 223 GLU A CB  1 
ATOM 1487 C CG  . GLU A 1 182 ? 4.203   -23.858 11.243  1.00 22.49 ? 223 GLU A CG  1 
ATOM 1488 C CD  . GLU A 1 182 ? 4.650   -25.298 11.206  1.00 21.54 ? 223 GLU A CD  1 
ATOM 1489 O OE1 . GLU A 1 182 ? 5.208   -25.731 10.179  1.00 23.65 ? 223 GLU A OE1 1 
ATOM 1490 O OE2 . GLU A 1 182 ? 4.448   -26.000 12.217  1.00 22.32 ? 223 GLU A OE2 1 
ATOM 1491 N N   . PHE A 1 183 ? 1.015   -24.698 8.959   1.00 19.00 ? 224 PHE A N   1 
ATOM 1492 C CA  . PHE A 1 183 ? -0.329  -24.818 9.505   1.00 18.05 ? 224 PHE A CA  1 
ATOM 1493 C C   . PHE A 1 183 ? -0.261  -25.095 11.005  1.00 18.00 ? 224 PHE A C   1 
ATOM 1494 O O   . PHE A 1 183 ? 0.291   -26.104 11.442  1.00 17.99 ? 224 PHE A O   1 
ATOM 1495 C CB  . PHE A 1 183 ? -1.037  -25.953 8.769   1.00 17.21 ? 224 PHE A CB  1 
ATOM 1496 C CG  . PHE A 1 183 ? -2.512  -25.987 8.957   1.00 18.05 ? 224 PHE A CG  1 
ATOM 1497 C CD1 . PHE A 1 183 ? -3.305  -25.107 8.272   1.00 18.36 ? 224 PHE A CD1 1 
ATOM 1498 C CD2 . PHE A 1 183 ? -3.111  -26.920 9.761   1.00 18.10 ? 224 PHE A CD2 1 
ATOM 1499 C CE1 . PHE A 1 183 ? -4.657  -25.132 8.410   1.00 18.20 ? 224 PHE A CE1 1 
ATOM 1500 C CE2 . PHE A 1 183 ? -4.470  -26.951 9.892   1.00 17.90 ? 224 PHE A CE2 1 
ATOM 1501 C CZ  . PHE A 1 183 ? -5.241  -26.054 9.217   1.00 17.89 ? 224 PHE A CZ  1 
ATOM 1502 N N   . ASN A 1 184 ? -0.806  -24.174 11.803  1.00 17.32 ? 225 ASN A N   1 
ATOM 1503 C CA  . ASN A 1 184 ? -0.679  -24.262 13.254  1.00 17.36 ? 225 ASN A CA  1 
ATOM 1504 C C   . ASN A 1 184 ? -1.976  -24.629 13.966  1.00 17.05 ? 225 ASN A C   1 
ATOM 1505 O O   . ASN A 1 184 ? -2.022  -24.598 15.197  1.00 17.51 ? 225 ASN A O   1 
ATOM 1506 C CB  . ASN A 1 184 ? -0.116  -22.971 13.841  1.00 17.73 ? 225 ASN A CB  1 
ATOM 1507 C CG  . ASN A 1 184 ? -1.043  -21.816 13.691  1.00 19.64 ? 225 ASN A CG  1 
ATOM 1508 O OD1 . ASN A 1 184 ? -2.025  -21.892 12.973  1.00 21.49 ? 225 ASN A OD1 1 
ATOM 1509 N ND2 . ASN A 1 184 ? -0.727  -20.723 14.358  1.00 20.19 ? 225 ASN A ND2 1 
ATOM 1510 N N   . LEU A 1 185 ? -3.040  -24.932 13.229  1.00 16.47 ? 226 LEU A N   1 
ATOM 1511 C CA  . LEU A 1 185 ? -4.393  -24.901 13.784  1.00 16.10 ? 226 LEU A CA  1 
ATOM 1512 C C   . LEU A 1 185 ? -4.513  -25.690 15.080  1.00 16.65 ? 226 LEU A C   1 
ATOM 1513 O O   . LEU A 1 185 ? -4.015  -26.811 15.187  1.00 17.29 ? 226 LEU A O   1 
ATOM 1514 C CB  . LEU A 1 185 ? -5.379  -25.461 12.767  1.00 15.28 ? 226 LEU A CB  1 
ATOM 1515 C CG  . LEU A 1 185 ? -6.825  -25.469 13.238  1.00 14.52 ? 226 LEU A CG  1 
ATOM 1516 C CD1 . LEU A 1 185 ? -7.312  -24.051 13.387  1.00 15.01 ? 226 LEU A CD1 1 
ATOM 1517 C CD2 . LEU A 1 185 ? -7.698  -26.240 12.296  1.00 16.15 ? 226 LEU A CD2 1 
ATOM 1518 N N   . LYS A 1 186 ? -5.182  -25.097 16.064  1.00 17.22 ? 227 LYS A N   1 
ATOM 1519 C CA  . LYS A 1 186 ? -5.426  -25.732 17.350  1.00 18.86 ? 227 LYS A CA  1 
ATOM 1520 C C   . LYS A 1 186 ? -6.858  -26.231 17.411  1.00 21.24 ? 227 LYS A C   1 
ATOM 1521 O O   . LYS A 1 186 ? -7.765  -25.604 16.859  1.00 21.36 ? 227 LYS A O   1 
ATOM 1522 C CB  . LYS A 1 186 ? -5.183  -24.760 18.499  1.00 18.14 ? 227 LYS A CB  1 
ATOM 1523 C CG  . LYS A 1 186 ? -3.812  -24.157 18.509  1.00 19.26 ? 227 LYS A CG  1 
ATOM 1524 C CD  . LYS A 1 186 ? -2.757  -25.180 18.801  1.00 20.30 ? 227 LYS A CD  1 
ATOM 1525 C CE  . LYS A 1 186 ? -1.401  -24.526 18.844  1.00 21.61 ? 227 LYS A CE  1 
ATOM 1526 N NZ  . LYS A 1 186 ? -0.975  -24.031 17.510  1.00 22.40 ? 227 LYS A NZ  1 
ATOM 1527 N N   . ASP A 1 187 ? -7.063  -27.355 18.089  1.00 23.72 ? 228 ASP A N   1 
ATOM 1528 C CA  . ASP A 1 187 ? -8.383  -27.972 18.208  1.00 26.29 ? 228 ASP A CA  1 
ATOM 1529 C C   . ASP A 1 187 ? -8.575  -28.520 19.614  1.00 27.82 ? 228 ASP A C   1 
ATOM 1530 O O   . ASP A 1 187 ? -8.376  -29.715 19.857  1.00 27.68 ? 228 ASP A O   1 
ATOM 1531 C CB  . ASP A 1 187 ? -8.564  -29.085 17.180  1.00 28.56 ? 228 ASP A CB  1 
ATOM 1532 C CG  . ASP A 1 187 ? -9.980  -29.611 17.144  1.00 31.51 ? 228 ASP A CG  1 
ATOM 1533 O OD1 . ASP A 1 187 ? -10.854 -29.021 17.813  1.00 32.24 ? 228 ASP A OD1 1 
ATOM 1534 O OD2 . ASP A 1 187 ? -10.223 -30.623 16.458  1.00 32.86 ? 228 ASP A OD2 1 
ATOM 1535 N N   . PRO A 1 188 ? -8.964  -27.676 20.566  1.00 29.43 ? 229 PRO A N   1 
ATOM 1536 C CA  . PRO A 1 188 ? -9.306  -28.189 21.886  1.00 31.62 ? 229 PRO A CA  1 
ATOM 1537 C C   . PRO A 1 188 ? -10.641 -28.906 21.851  1.00 34.94 ? 229 PRO A C   1 
ATOM 1538 O O   . PRO A 1 188 ? -11.499 -28.609 21.002  1.00 35.07 ? 229 PRO A O   1 
ATOM 1539 C CB  . PRO A 1 188 ? -9.367  -26.920 22.752  1.00 29.78 ? 229 PRO A CB  1 
ATOM 1540 C CG  . PRO A 1 188 ? -9.684  -25.851 21.803  1.00 30.00 ? 229 PRO A CG  1 
ATOM 1541 C CD  . PRO A 1 188 ? -8.984  -26.207 20.530  1.00 29.11 ? 229 PRO A CD  1 
ATOM 1542 N N   . PRO A 1 189 ? -10.868 -29.860 22.755  1.00 38.86 ? 230 PRO A N   1 
ATOM 1543 C CA  . PRO A 1 189 ? -12.048 -30.724 22.649  1.00 41.98 ? 230 PRO A CA  1 
ATOM 1544 C C   . PRO A 1 189 ? -13.370 -30.014 22.894  1.00 45.70 ? 230 PRO A C   1 
ATOM 1545 O O   . PRO A 1 189 ? -13.419 -28.790 23.056  1.00 44.75 ? 230 PRO A O   1 
ATOM 1546 C CB  . PRO A 1 189 ? -11.791 -31.785 23.725  1.00 40.39 ? 230 PRO A CB  1 
ATOM 1547 C CG  . PRO A 1 189 ? -10.324 -31.792 23.899  1.00 40.43 ? 230 PRO A CG  1 
ATOM 1548 C CD  . PRO A 1 189 ? -9.929  -30.355 23.769  1.00 39.66 ? 230 PRO A CD  1 
ATOM 1549 N N   . LEU A 1 190 ? -14.444 -30.804 22.916  1.00 51.08 ? 231 LEU A N   1 
ATOM 1550 C CA  . LEU A 1 190 ? -15.820 -30.337 23.089  1.00 54.75 ? 231 LEU A CA  1 
ATOM 1551 C C   . LEU A 1 190 ? -16.272 -29.490 21.906  1.00 56.19 ? 231 LEU A C   1 
ATOM 1552 O O   . LEU A 1 190 ? -15.871 -29.733 20.768  1.00 55.43 ? 231 LEU A O   1 
ATOM 1553 C CB  . LEU A 1 190 ? -15.979 -29.554 24.394  1.00 55.68 ? 231 LEU A CB  1 
ATOM 1554 C CG  . LEU A 1 190 ? -15.740 -30.363 25.671  1.00 56.44 ? 231 LEU A CG  1 
ATOM 1555 C CD1 . LEU A 1 190 ? -15.837 -29.476 26.900  1.00 55.28 ? 231 LEU A CD1 1 
ATOM 1556 C CD2 . LEU A 1 190 ? -16.713 -31.524 25.759  1.00 55.31 ? 231 LEU A CD2 1 
ATOM 1557 O OXT . LEU A 1 190 ? -17.062 -28.562 22.058  1.00 57.98 ? 231 LEU A OXT 1 
# 
